data_8R71
#
_entry.id   8R71
#
_cell.length_a   53.633
_cell.length_b   137.347
_cell.length_c   202.832
_cell.angle_alpha   90.000
_cell.angle_beta   90.000
_cell.angle_gamma   90.000
#
_symmetry.space_group_name_H-M   'P 21 21 21'
#
loop_
_entity.id
_entity.type
_entity.pdbx_description
1 polymer Heparinase
2 branched '2-acetamido-2-deoxy-beta-D-glucopyranose-(1-4)-beta-D-glucopyranuronic acid-(1-3)-2-acetamido-2-deoxy-beta-D-glucopyranose'
3 non-polymer 'polyethylene glycol'
4 non-polymer 'ZINC ION'
5 water water
#
_entity_poly.entity_id   1
_entity_poly.type   'polypeptide(L)'
_entity_poly.pdbx_seq_one_letter_code
;MGSSHHHHHHSSGLVPRGSHMASNAYTERDMLQKAADETTLKNVLVMKQAWVPYPAYTDRAAWDSLMGSNKQRLIAAGEK
LLDYKWQLIPATAYLEYERTGNRKIMEVPYDANRQALNTLMLAELAEGKGRFIDQLLNGAYMSCEMNSWVLSAHLPRQSS
KRSLPDFREQIIDLGSGGYGALMAWVHYFFRKPFDKINPVVSLQMRKAIKERILDPYMNDDDMWWMAFNWQPGEIINNWN
PWCNSNALQCFLLMENNKDRLAKAVYRSMKSVDKFINFVKSDGACEEGTSAWGHAAGKLYDYLQILSDGTGGKISLLNEP
MIRRMGEYMSRSYVGNGWVVNFADASAQGGGDPLLIYRFGKAVNSNEMMHFAAYLLNGRKPYATMGNDAFRSLQSLLCCN
DLAKETPKHDMPDVTWYPETEFCYMKNKNGMFVAAKGGFNNESHNHNDVGTFSLYVNTIPVILDAGVGTYTKQTFGKDRY
TIWTMQSNYHNLPMINGIPQKYGQEYKATNTTCNEKKRVFSTDIAAAYPSEAKVKNWIRSYTLDDRKLTITDSYTLEEAV
APNQVNFMTWGNVTFPSQGKIQIEVKGQKVELDYPTLFKAELETIQLDDPRLSNVWGKEIYRITLKTNEKKETGNYKFVI
QQIK
;
_entity_poly.pdbx_strand_id   A,B
#
loop_
_chem_comp.id
_chem_comp.type
_chem_comp.name
_chem_comp.formula
BDP D-saccharide, beta linking 'beta-D-glucopyranuronic acid' 'C6 H10 O7'
NAG D-saccharide, beta linking 2-acetamido-2-deoxy-beta-D-glucopyranose 'C8 H15 N O6'
P4K non-polymer 'polyethylene glycol' 'C30 H62 O15'
ZN non-polymer 'ZINC ION' 'Zn 2'
#
# COMPACT_ATOMS: atom_id res chain seq x y z
N TYR A 26 -28.25 -10.53 33.98
CA TYR A 26 -27.95 -9.07 33.87
C TYR A 26 -28.46 -8.32 35.11
N THR A 27 -27.55 -7.55 35.72
CA THR A 27 -27.83 -6.79 36.94
C THR A 27 -27.40 -5.34 36.70
N GLU A 28 -28.26 -4.38 37.05
CA GLU A 28 -27.92 -2.98 36.89
C GLU A 28 -27.07 -2.48 38.07
N ARG A 29 -25.80 -2.83 38.07
CA ARG A 29 -24.85 -2.33 39.05
C ARG A 29 -24.46 -0.91 38.68
N ASP A 30 -24.20 -0.63 37.41
CA ASP A 30 -23.81 0.71 36.98
C ASP A 30 -22.70 1.32 37.83
N MET A 31 -21.65 0.52 38.06
CA MET A 31 -20.56 0.88 38.96
C MET A 31 -19.84 2.12 38.48
N LEU A 32 -19.58 2.24 37.17
CA LEU A 32 -18.88 3.42 36.69
C LEU A 32 -19.75 4.68 36.82
N GLN A 33 -21.02 4.59 36.39
CA GLN A 33 -21.93 5.73 36.50
C GLN A 33 -22.15 6.15 37.95
N LYS A 34 -22.09 5.20 38.89
CA LYS A 34 -22.22 5.54 40.29
C LYS A 34 -20.95 6.22 40.79
N ALA A 35 -19.81 5.94 40.18
CA ALA A 35 -18.56 6.55 40.63
C ALA A 35 -18.43 8.01 40.15
N ALA A 36 -19.02 8.37 39.01
CA ALA A 36 -18.91 9.72 38.48
C ALA A 36 -19.93 9.93 37.38
N ASP A 37 -20.38 11.17 37.26
CA ASP A 37 -21.18 11.62 36.14
C ASP A 37 -20.26 12.50 35.30
N GLU A 38 -20.82 13.08 34.24
CA GLU A 38 -20.05 13.89 33.32
C GLU A 38 -19.47 15.12 34.02
N THR A 39 -20.19 15.67 35.00
CA THR A 39 -19.72 16.86 35.70
C THR A 39 -18.50 16.50 36.57
N THR A 40 -18.58 15.42 37.37
CA THR A 40 -17.47 14.94 38.18
C THR A 40 -16.26 14.69 37.30
N LEU A 41 -16.52 13.98 36.18
N LEU A 41 -16.53 14.00 36.19
CA LEU A 41 -15.49 13.58 35.24
CA LEU A 41 -15.48 13.56 35.30
C LEU A 41 -14.71 14.78 34.74
C LEU A 41 -14.72 14.76 34.72
N LYS A 42 -15.44 15.79 34.30
CA LYS A 42 -14.82 16.97 33.74
C LYS A 42 -13.89 17.65 34.74
N ASN A 43 -14.23 17.62 36.02
CA ASN A 43 -13.42 18.24 37.06
C ASN A 43 -12.14 17.43 37.33
N VAL A 44 -12.05 16.13 36.94
CA VAL A 44 -10.90 15.33 37.34
C VAL A 44 -10.09 14.85 36.14
N LEU A 45 -10.55 15.11 34.90
CA LEU A 45 -9.81 14.65 33.74
C LEU A 45 -8.46 15.39 33.72
N VAL A 46 -7.40 14.71 33.32
CA VAL A 46 -6.07 15.29 33.24
C VAL A 46 -5.77 15.62 31.79
N MET A 47 -5.54 16.91 31.51
CA MET A 47 -5.42 17.41 30.17
C MET A 47 -3.95 17.38 29.74
N LYS A 48 -3.74 17.66 28.46
CA LYS A 48 -2.43 17.83 27.85
C LYS A 48 -1.58 16.58 28.00
N GLN A 49 -2.22 15.41 28.10
CA GLN A 49 -1.51 14.15 28.24
C GLN A 49 -0.55 14.13 29.44
N ALA A 50 -0.86 14.90 30.49
CA ALA A 50 -0.01 14.93 31.67
C ALA A 50 -0.11 13.61 32.44
N TRP A 51 -1.09 12.77 32.12
CA TRP A 51 -1.28 11.48 32.75
C TRP A 51 -0.28 10.43 32.22
N VAL A 52 0.44 10.70 31.13
CA VAL A 52 1.26 9.68 30.50
C VAL A 52 2.36 9.26 31.46
N PRO A 53 2.50 7.96 31.76
CA PRO A 53 3.47 7.51 32.74
C PRO A 53 4.89 7.29 32.23
N TYR A 54 5.14 7.49 30.93
CA TYR A 54 6.42 7.16 30.33
C TYR A 54 7.25 8.44 30.25
N PRO A 55 8.59 8.36 30.25
CA PRO A 55 9.41 9.55 30.07
C PRO A 55 9.25 10.15 28.68
N ALA A 56 9.48 11.47 28.60
CA ALA A 56 9.59 12.15 27.32
C ALA A 56 10.60 11.45 26.42
N TYR A 57 10.32 11.45 25.13
CA TYR A 57 11.21 10.82 24.17
C TYR A 57 12.64 11.37 24.28
N THR A 58 12.79 12.63 24.64
CA THR A 58 14.11 13.27 24.69
C THR A 58 14.85 12.96 25.98
N ASP A 59 14.19 12.30 26.94
CA ASP A 59 14.77 12.05 28.24
C ASP A 59 15.47 10.69 28.23
N ARG A 60 16.70 10.67 27.71
N ARG A 60 16.70 10.66 27.69
CA ARG A 60 17.40 9.43 27.44
CA ARG A 60 17.41 9.43 27.43
C ARG A 60 17.73 8.70 28.74
C ARG A 60 17.73 8.70 28.74
N ALA A 61 18.18 9.42 29.76
CA ALA A 61 18.56 8.81 31.04
C ALA A 61 17.37 8.09 31.65
N ALA A 62 16.20 8.73 31.62
CA ALA A 62 15.02 8.09 32.21
C ALA A 62 14.60 6.86 31.39
N TRP A 63 14.74 6.92 30.06
CA TRP A 63 14.42 5.74 29.25
C TRP A 63 15.39 4.61 29.55
N ASP A 64 16.68 4.91 29.68
CA ASP A 64 17.66 3.89 30.00
C ASP A 64 17.33 3.20 31.33
N SER A 65 16.90 3.97 32.34
CA SER A 65 16.58 3.39 33.65
C SER A 65 15.35 2.51 33.56
N LEU A 66 14.30 3.03 32.93
CA LEU A 66 13.06 2.26 32.79
C LEU A 66 13.31 0.99 31.98
N MET A 67 14.06 1.11 30.88
CA MET A 67 14.21 0.00 29.94
C MET A 67 15.04 -1.12 30.55
N GLY A 68 16.10 -0.81 31.27
CA GLY A 68 16.99 -1.87 31.73
C GLY A 68 17.47 -2.74 30.56
N SER A 69 17.47 -4.06 30.76
CA SER A 69 17.91 -5.02 29.75
C SER A 69 16.93 -5.14 28.55
N ASN A 70 15.74 -4.52 28.61
CA ASN A 70 14.88 -4.43 27.43
C ASN A 70 15.52 -3.58 26.34
N LYS A 71 16.44 -2.67 26.69
CA LYS A 71 16.93 -1.67 25.75
C LYS A 71 17.56 -2.36 24.54
N GLN A 72 18.55 -3.21 24.79
CA GLN A 72 19.32 -3.83 23.73
C GLN A 72 18.43 -4.78 22.93
N ARG A 73 17.50 -5.48 23.59
N ARG A 73 17.50 -5.48 23.59
CA ARG A 73 16.57 -6.39 22.91
CA ARG A 73 16.59 -6.39 22.89
C ARG A 73 15.63 -5.64 21.95
C ARG A 73 15.63 -5.64 21.95
N LEU A 74 15.10 -4.51 22.39
CA LEU A 74 14.18 -3.73 21.55
C LEU A 74 14.91 -3.09 20.38
N ILE A 75 16.10 -2.59 20.62
CA ILE A 75 16.93 -2.03 19.57
C ILE A 75 17.21 -3.09 18.50
N ALA A 76 17.57 -4.29 18.90
CA ALA A 76 17.87 -5.37 17.95
C ALA A 76 16.62 -5.74 17.14
N ALA A 77 15.42 -5.72 17.79
CA ALA A 77 14.18 -6.00 17.08
C ALA A 77 13.88 -4.90 16.05
N GLY A 78 14.19 -3.65 16.38
CA GLY A 78 14.06 -2.52 15.48
C GLY A 78 15.00 -2.65 14.31
N GLU A 79 16.23 -3.11 14.55
CA GLU A 79 17.24 -3.14 13.51
C GLU A 79 16.79 -4.09 12.41
N LYS A 80 16.09 -5.16 12.79
CA LYS A 80 15.59 -6.14 11.85
C LYS A 80 14.51 -5.52 10.96
N LEU A 81 13.95 -4.35 11.30
CA LEU A 81 12.88 -3.75 10.52
C LEU A 81 13.33 -2.51 9.77
N LEU A 82 14.63 -2.23 9.76
CA LEU A 82 15.11 -1.03 9.08
C LEU A 82 14.84 -1.12 7.57
N ASP A 83 14.82 -2.32 6.99
CA ASP A 83 14.47 -2.49 5.58
C ASP A 83 13.10 -3.17 5.39
N TYR A 84 12.26 -3.18 6.44
CA TYR A 84 10.91 -3.73 6.30
C TYR A 84 10.15 -2.99 5.21
N LYS A 85 9.56 -3.73 4.26
CA LYS A 85 8.71 -3.14 3.22
C LYS A 85 7.26 -3.18 3.70
N TRP A 86 6.65 -2.01 3.85
CA TRP A 86 5.27 -1.90 4.32
C TRP A 86 4.35 -2.60 3.32
N GLN A 87 3.48 -3.45 3.81
CA GLN A 87 2.71 -4.33 2.92
C GLN A 87 1.37 -3.69 2.56
N LEU A 88 1.17 -3.56 1.27
CA LEU A 88 -0.11 -3.14 0.72
C LEU A 88 -1.14 -4.27 0.83
N ILE A 89 -2.37 -3.94 1.16
CA ILE A 89 -3.42 -4.94 1.14
C ILE A 89 -4.31 -4.73 -0.09
N PRO A 90 -4.31 -5.66 -1.06
CA PRO A 90 -5.07 -5.46 -2.28
C PRO A 90 -6.56 -5.64 -2.00
N ALA A 91 -7.36 -4.98 -2.84
CA ALA A 91 -8.80 -5.10 -2.80
C ALA A 91 -9.21 -6.56 -2.80
N THR A 92 -8.58 -7.40 -3.62
CA THR A 92 -8.94 -8.81 -3.71
C THR A 92 -8.76 -9.54 -2.38
N ALA A 93 -7.89 -9.08 -1.48
CA ALA A 93 -7.69 -9.76 -0.23
C ALA A 93 -8.93 -9.55 0.66
N TYR A 94 -9.55 -8.38 0.56
CA TYR A 94 -10.78 -8.07 1.30
C TYR A 94 -11.94 -8.84 0.66
N LEU A 95 -11.99 -8.84 -0.68
CA LEU A 95 -13.04 -9.53 -1.43
C LEU A 95 -13.05 -11.01 -1.13
N GLU A 96 -11.88 -11.57 -0.83
CA GLU A 96 -11.75 -12.99 -0.60
C GLU A 96 -12.55 -13.44 0.63
N TYR A 97 -12.82 -12.55 1.58
CA TYR A 97 -13.67 -12.88 2.71
C TYR A 97 -15.07 -13.28 2.24
N GLU A 98 -15.65 -12.53 1.31
CA GLU A 98 -16.96 -12.86 0.73
C GLU A 98 -16.87 -14.08 -0.17
N ARG A 99 -15.79 -14.18 -0.94
CA ARG A 99 -15.69 -15.24 -1.92
C ARG A 99 -15.54 -16.60 -1.24
N THR A 100 -14.70 -16.73 -0.19
CA THR A 100 -14.35 -18.02 0.34
C THR A 100 -14.38 -18.05 1.84
N GLY A 101 -14.52 -16.89 2.48
CA GLY A 101 -14.44 -16.83 3.94
C GLY A 101 -13.00 -16.70 4.45
N ASN A 102 -12.04 -16.54 3.54
CA ASN A 102 -10.64 -16.46 3.92
C ASN A 102 -10.36 -15.12 4.60
N ARG A 103 -9.89 -15.17 5.85
CA ARG A 103 -9.57 -13.98 6.62
C ARG A 103 -8.08 -13.68 6.60
N LYS A 104 -7.27 -14.74 6.64
CA LYS A 104 -5.83 -14.62 6.80
C LYS A 104 -5.15 -13.92 5.64
N ILE A 105 -5.70 -14.02 4.42
CA ILE A 105 -5.13 -13.35 3.26
C ILE A 105 -5.02 -11.84 3.52
N MET A 106 -5.98 -11.28 4.26
CA MET A 106 -5.97 -9.87 4.58
C MET A 106 -5.22 -9.63 5.89
N GLU A 107 -5.47 -10.47 6.91
CA GLU A 107 -5.01 -10.25 8.27
C GLU A 107 -3.51 -10.40 8.44
N VAL A 108 -2.88 -11.25 7.65
CA VAL A 108 -1.45 -11.52 7.83
C VAL A 108 -0.63 -10.27 7.48
N PRO A 109 -0.78 -9.64 6.28
CA PRO A 109 -0.03 -8.42 6.02
C PRO A 109 -0.42 -7.28 6.96
N TYR A 110 -1.71 -7.17 7.28
CA TYR A 110 -2.18 -6.15 8.22
C TYR A 110 -1.46 -6.25 9.57
N ASP A 111 -1.43 -7.46 10.13
CA ASP A 111 -0.86 -7.71 11.43
C ASP A 111 0.66 -7.54 11.39
N ALA A 112 1.29 -7.93 10.30
CA ALA A 112 2.73 -7.72 10.10
C ALA A 112 3.06 -6.22 10.15
N ASN A 113 2.26 -5.40 9.46
CA ASN A 113 2.42 -3.96 9.50
C ASN A 113 2.27 -3.46 10.94
N ARG A 114 1.19 -3.84 11.63
CA ARG A 114 0.94 -3.32 12.97
C ARG A 114 2.06 -3.74 13.94
N GLN A 115 2.51 -4.97 13.81
CA GLN A 115 3.60 -5.45 14.66
C GLN A 115 4.90 -4.68 14.40
N ALA A 116 5.21 -4.41 13.12
CA ALA A 116 6.41 -3.66 12.74
C ALA A 116 6.38 -2.26 13.34
N LEU A 117 5.22 -1.61 13.27
CA LEU A 117 5.06 -0.24 13.73
C LEU A 117 5.21 -0.20 15.25
N ASN A 118 4.58 -1.14 15.94
CA ASN A 118 4.70 -1.27 17.38
C ASN A 118 6.16 -1.50 17.81
N THR A 119 6.86 -2.41 17.12
CA THR A 119 8.24 -2.75 17.44
C THR A 119 9.15 -1.55 17.21
N LEU A 120 8.94 -0.85 16.07
CA LEU A 120 9.73 0.33 15.76
C LEU A 120 9.55 1.44 16.82
N MET A 121 8.31 1.62 17.32
CA MET A 121 8.06 2.55 18.39
C MET A 121 8.93 2.23 19.61
N LEU A 122 8.89 0.98 20.06
CA LEU A 122 9.67 0.53 21.22
C LEU A 122 11.17 0.72 21.00
N ALA A 123 11.63 0.34 19.79
CA ALA A 123 13.04 0.48 19.44
C ALA A 123 13.51 1.92 19.50
N GLU A 124 12.69 2.85 19.01
CA GLU A 124 13.07 4.25 18.95
C GLU A 124 13.03 4.87 20.34
N LEU A 125 12.05 4.46 21.17
CA LEU A 125 12.05 4.87 22.57
C LEU A 125 13.31 4.37 23.30
N ALA A 126 13.73 3.13 22.99
CA ALA A 126 14.87 2.51 23.61
C ALA A 126 16.17 3.22 23.22
N GLU A 127 16.34 3.58 21.93
CA GLU A 127 17.61 4.10 21.41
C GLU A 127 17.66 5.63 21.40
N GLY A 128 16.62 6.29 20.87
CA GLY A 128 16.48 7.73 20.93
C GLY A 128 17.47 8.49 20.06
N LYS A 129 18.01 7.85 19.01
CA LYS A 129 18.98 8.51 18.14
C LYS A 129 18.36 8.91 16.81
N GLY A 130 17.07 8.63 16.59
CA GLY A 130 16.38 8.98 15.35
C GLY A 130 16.55 7.95 14.23
N ARG A 131 17.20 6.82 14.51
CA ARG A 131 17.49 5.83 13.52
C ARG A 131 16.24 5.14 12.96
N PHE A 132 15.16 5.02 13.76
CA PHE A 132 13.97 4.28 13.37
C PHE A 132 12.86 5.24 12.92
N ILE A 133 13.13 6.54 12.96
CA ILE A 133 12.13 7.57 12.73
C ILE A 133 11.61 7.49 11.29
N ASP A 134 12.51 7.30 10.32
CA ASP A 134 12.10 7.20 8.93
C ASP A 134 11.08 6.06 8.73
N GLN A 135 11.34 4.90 9.33
CA GLN A 135 10.44 3.78 9.21
C GLN A 135 9.15 3.98 9.99
N LEU A 136 9.20 4.69 11.13
CA LEU A 136 8.01 5.04 11.85
C LEU A 136 7.15 5.97 11.01
N LEU A 137 7.78 6.92 10.33
CA LEU A 137 7.10 7.88 9.50
C LEU A 137 6.44 7.17 8.31
N ASN A 138 7.19 6.25 7.71
CA ASN A 138 6.69 5.45 6.60
C ASN A 138 5.42 4.67 7.00
N GLY A 139 5.51 3.99 8.14
CA GLY A 139 4.41 3.16 8.64
C GLY A 139 3.17 4.02 8.91
N ALA A 140 3.38 5.18 9.52
CA ALA A 140 2.30 6.08 9.84
C ALA A 140 1.63 6.62 8.56
N TYR A 141 2.45 7.01 7.59
CA TYR A 141 1.96 7.60 6.37
C TYR A 141 1.19 6.56 5.56
N MET A 142 1.76 5.34 5.43
CA MET A 142 1.10 4.25 4.74
C MET A 142 -0.27 4.01 5.42
N SER A 143 -0.30 4.03 6.76
CA SER A 143 -1.52 3.73 7.51
C SER A 143 -2.61 4.78 7.20
N CYS A 144 -2.23 6.05 7.00
CA CYS A 144 -3.19 7.10 6.68
C CYS A 144 -3.75 6.92 5.27
N GLU A 145 -2.97 6.34 4.33
CA GLU A 145 -3.42 6.17 2.96
C GLU A 145 -4.44 5.02 2.82
N MET A 146 -4.36 4.01 3.68
CA MET A 146 -5.39 2.95 3.72
C MET A 146 -6.77 3.59 3.90
N ASN A 147 -7.76 3.06 3.20
CA ASN A 147 -9.13 3.56 3.32
C ASN A 147 -9.66 3.29 4.71
N SER A 148 -9.25 2.18 5.34
CA SER A 148 -9.84 1.75 6.60
C SER A 148 -8.83 0.89 7.36
N TRP A 149 -8.97 0.81 8.68
CA TRP A 149 -8.20 -0.11 9.50
C TRP A 149 -9.03 -1.29 10.02
N VAL A 150 -10.27 -1.45 9.51
CA VAL A 150 -11.16 -2.51 9.94
C VAL A 150 -10.81 -3.81 9.21
N LEU A 151 -10.86 -4.93 9.94
CA LEU A 151 -10.61 -6.23 9.33
C LEU A 151 -11.68 -6.57 8.30
N SER A 152 -11.30 -7.34 7.24
CA SER A 152 -12.22 -7.77 6.22
C SER A 152 -13.41 -8.55 6.78
N ALA A 153 -13.20 -9.37 7.79
CA ALA A 153 -14.30 -10.13 8.37
C ALA A 153 -15.29 -9.26 9.13
N HIS A 154 -14.87 -8.03 9.52
CA HIS A 154 -15.67 -7.15 10.34
C HIS A 154 -16.32 -6.04 9.53
N LEU A 155 -15.74 -5.70 8.37
CA LEU A 155 -16.29 -4.66 7.53
C LEU A 155 -17.75 -4.90 7.17
N PRO A 156 -18.23 -6.17 6.97
CA PRO A 156 -19.63 -6.37 6.60
C PRO A 156 -20.69 -5.86 7.58
N ARG A 157 -20.27 -5.34 8.75
CA ARG A 157 -21.21 -4.61 9.63
C ARG A 157 -21.42 -3.16 9.19
N GLN A 158 -20.66 -2.69 8.21
CA GLN A 158 -20.96 -1.38 7.65
C GLN A 158 -22.27 -1.36 6.90
N SER A 159 -22.74 -0.13 6.56
CA SER A 159 -24.01 0.08 5.85
C SER A 159 -24.16 -0.79 4.60
N SER A 160 -23.12 -0.80 3.77
CA SER A 160 -23.20 -1.53 2.51
C SER A 160 -23.19 -3.03 2.72
N LYS A 161 -22.76 -3.47 3.90
CA LYS A 161 -22.65 -4.88 4.28
C LYS A 161 -21.55 -5.61 3.48
N ARG A 162 -20.52 -4.89 3.00
CA ARG A 162 -19.49 -5.50 2.14
C ARG A 162 -18.21 -5.70 2.93
N SER A 163 -17.32 -6.58 2.40
CA SER A 163 -16.06 -6.87 3.08
C SER A 163 -14.92 -5.95 2.64
N LEU A 164 -15.16 -5.08 1.66
CA LEU A 164 -14.18 -4.11 1.17
C LEU A 164 -14.44 -2.78 1.88
N PRO A 165 -13.38 -2.00 2.26
CA PRO A 165 -13.59 -0.69 2.84
C PRO A 165 -14.43 0.17 1.92
N ASP A 166 -15.24 1.02 2.55
CA ASP A 166 -15.95 2.08 1.86
C ASP A 166 -15.39 3.38 2.37
N PHE A 167 -14.70 4.11 1.49
CA PHE A 167 -14.05 5.38 1.85
C PHE A 167 -15.02 6.39 2.47
N ARG A 168 -16.31 6.23 2.26
CA ARG A 168 -17.27 7.22 2.81
C ARG A 168 -17.63 6.94 4.28
N GLU A 169 -17.27 5.79 4.83
CA GLU A 169 -17.85 5.40 6.11
C GLU A 169 -16.80 4.66 6.92
N GLN A 170 -16.77 4.90 8.24
CA GLN A 170 -15.90 4.16 9.13
C GLN A 170 -16.75 3.52 10.23
N ILE A 171 -16.43 2.27 10.60
CA ILE A 171 -16.89 1.67 11.82
C ILE A 171 -15.65 1.30 12.60
N ILE A 172 -15.85 0.82 13.84
CA ILE A 172 -14.76 0.37 14.69
C ILE A 172 -14.94 -1.10 15.00
N ASP A 173 -13.85 -1.85 14.90
CA ASP A 173 -13.80 -3.25 15.23
C ASP A 173 -12.58 -3.46 16.11
N LEU A 174 -12.31 -4.73 16.44
CA LEU A 174 -11.17 -5.08 17.27
C LEU A 174 -9.86 -4.53 16.70
N GLY A 175 -9.62 -4.83 15.43
CA GLY A 175 -8.41 -4.41 14.72
C GLY A 175 -8.25 -2.89 14.72
N SER A 176 -9.27 -2.19 14.22
CA SER A 176 -9.20 -0.77 13.96
C SER A 176 -8.97 0.02 15.25
N GLY A 177 -9.59 -0.41 16.36
CA GLY A 177 -9.34 0.23 17.63
C GLY A 177 -7.88 0.10 18.05
N GLY A 178 -7.30 -1.09 17.87
CA GLY A 178 -5.92 -1.33 18.27
C GLY A 178 -5.01 -0.52 17.33
N TYR A 179 -5.37 -0.50 16.03
CA TYR A 179 -4.57 0.23 15.04
C TYR A 179 -4.55 1.71 15.40
N GLY A 180 -5.73 2.22 15.75
CA GLY A 180 -5.91 3.60 16.16
C GLY A 180 -5.10 3.99 17.38
N ALA A 181 -5.17 3.17 18.44
CA ALA A 181 -4.42 3.41 19.64
C ALA A 181 -2.92 3.42 19.39
N LEU A 182 -2.44 2.46 18.61
CA LEU A 182 -1.03 2.41 18.20
C LEU A 182 -0.64 3.71 17.49
N MET A 183 -1.43 4.11 16.49
CA MET A 183 -1.19 5.37 15.79
C MET A 183 -1.17 6.58 16.74
N ALA A 184 -2.05 6.59 17.73
CA ALA A 184 -2.12 7.65 18.71
C ALA A 184 -0.83 7.71 19.53
N TRP A 185 -0.31 6.54 19.96
CA TRP A 185 0.92 6.53 20.70
C TRP A 185 2.09 6.97 19.83
N VAL A 186 2.11 6.56 18.56
CA VAL A 186 3.17 6.98 17.65
C VAL A 186 3.17 8.51 17.52
N HIS A 187 1.96 9.04 17.35
CA HIS A 187 1.76 10.47 17.25
C HIS A 187 2.28 11.19 18.51
N TYR A 188 1.91 10.66 19.69
CA TYR A 188 2.27 11.26 20.96
C TYR A 188 3.80 11.30 21.11
N PHE A 189 4.48 10.19 20.86
CA PHE A 189 5.90 10.14 21.11
C PHE A 189 6.72 10.88 20.06
N PHE A 190 6.32 10.84 18.79
CA PHE A 190 7.23 11.20 17.72
C PHE A 190 6.75 12.40 16.92
N ARG A 191 5.72 13.10 17.41
CA ARG A 191 5.23 14.27 16.69
C ARG A 191 6.38 15.26 16.40
N LYS A 192 7.27 15.52 17.35
CA LYS A 192 8.27 16.57 17.14
C LYS A 192 9.27 16.16 16.07
N PRO A 193 9.92 14.97 16.14
CA PRO A 193 10.79 14.57 15.04
C PRO A 193 10.10 14.36 13.69
N PHE A 194 8.86 13.86 13.71
CA PHE A 194 8.06 13.82 12.50
C PHE A 194 7.88 15.21 11.91
N ASP A 195 7.47 16.19 12.71
CA ASP A 195 7.20 17.52 12.16
C ASP A 195 8.48 18.19 11.65
N LYS A 196 9.62 17.86 12.24
CA LYS A 196 10.90 18.38 11.74
C LYS A 196 11.12 17.93 10.32
N ILE A 197 10.74 16.68 10.02
CA ILE A 197 10.87 16.14 8.68
C ILE A 197 9.81 16.75 7.77
N ASN A 198 8.53 16.68 8.16
CA ASN A 198 7.46 17.28 7.36
C ASN A 198 6.20 17.23 8.22
N PRO A 199 5.70 18.39 8.67
CA PRO A 199 4.52 18.44 9.53
C PRO A 199 3.21 17.85 8.96
N VAL A 200 3.13 17.57 7.68
CA VAL A 200 1.89 17.05 7.12
C VAL A 200 1.61 15.63 7.59
N VAL A 201 2.64 14.89 8.01
CA VAL A 201 2.45 13.51 8.44
C VAL A 201 1.62 13.49 9.72
N SER A 202 2.05 14.22 10.75
CA SER A 202 1.32 14.25 11.99
C SER A 202 -0.09 14.79 11.75
N LEU A 203 -0.22 15.78 10.87
CA LEU A 203 -1.51 16.37 10.53
C LEU A 203 -2.49 15.32 10.01
N GLN A 204 -2.01 14.49 9.11
CA GLN A 204 -2.85 13.45 8.50
C GLN A 204 -3.15 12.36 9.52
N MET A 205 -2.21 12.07 10.42
CA MET A 205 -2.45 11.13 11.51
C MET A 205 -3.59 11.59 12.41
N ARG A 206 -3.62 12.89 12.75
CA ARG A 206 -4.69 13.44 13.57
C ARG A 206 -6.03 13.31 12.85
N LYS A 207 -6.05 13.66 11.57
CA LYS A 207 -7.24 13.49 10.74
C LYS A 207 -7.69 12.03 10.70
N ALA A 208 -6.75 11.10 10.49
CA ALA A 208 -7.10 9.69 10.36
C ALA A 208 -7.73 9.16 11.66
N ILE A 209 -7.12 9.50 12.80
CA ILE A 209 -7.60 9.02 14.08
C ILE A 209 -8.99 9.63 14.36
N LYS A 210 -9.16 10.90 14.02
CA LYS A 210 -10.46 11.57 14.19
C LYS A 210 -11.52 10.87 13.34
N GLU A 211 -11.22 10.62 12.08
CA GLU A 211 -12.20 10.04 11.17
C GLU A 211 -12.53 8.58 11.49
N ARG A 212 -11.54 7.84 11.96
CA ARG A 212 -11.66 6.40 12.07
C ARG A 212 -11.96 5.93 13.49
N ILE A 213 -11.66 6.75 14.50
CA ILE A 213 -11.96 6.40 15.89
C ILE A 213 -12.85 7.46 16.54
N LEU A 214 -12.40 8.71 16.65
CA LEU A 214 -13.08 9.66 17.51
C LEU A 214 -14.52 9.94 17.05
N ASP A 215 -14.68 10.26 15.76
CA ASP A 215 -15.97 10.66 15.25
C ASP A 215 -16.97 9.50 15.25
N PRO A 216 -16.64 8.33 14.68
CA PRO A 216 -17.56 7.19 14.66
C PRO A 216 -17.94 6.80 16.09
N TYR A 217 -16.98 6.83 17.01
CA TYR A 217 -17.27 6.48 18.40
C TYR A 217 -18.35 7.40 18.98
N MET A 218 -18.23 8.69 18.68
CA MET A 218 -19.14 9.70 19.20
C MET A 218 -20.44 9.72 18.41
N ASN A 219 -20.44 9.42 17.10
CA ASN A 219 -21.55 9.78 16.24
C ASN A 219 -22.46 8.58 15.96
N ASP A 220 -21.99 7.37 16.23
CA ASP A 220 -22.69 6.15 15.89
C ASP A 220 -23.00 5.42 17.19
N ASP A 221 -24.27 5.46 17.60
CA ASP A 221 -24.76 4.84 18.83
C ASP A 221 -25.03 3.35 18.66
N ASP A 222 -24.86 2.82 17.44
CA ASP A 222 -25.45 1.53 17.13
C ASP A 222 -24.43 0.43 16.92
N MET A 223 -23.15 0.69 17.15
CA MET A 223 -22.14 -0.34 17.01
C MET A 223 -22.46 -1.43 18.04
N TRP A 224 -22.50 -2.69 17.60
CA TRP A 224 -23.10 -3.74 18.43
C TRP A 224 -22.33 -3.86 19.75
N TRP A 225 -20.99 -3.75 19.71
CA TRP A 225 -20.17 -3.98 20.90
C TRP A 225 -20.35 -2.88 21.96
N MET A 226 -20.89 -1.73 21.59
CA MET A 226 -21.08 -0.64 22.56
C MET A 226 -22.23 -0.95 23.50
N ALA A 227 -23.19 -1.77 23.04
CA ALA A 227 -24.29 -2.29 23.83
C ALA A 227 -25.21 -1.18 24.34
N PHE A 228 -25.25 -0.04 23.64
CA PHE A 228 -26.24 0.98 24.02
C PHE A 228 -27.67 0.52 23.71
N ASN A 229 -27.87 -0.40 22.77
CA ASN A 229 -29.24 -0.83 22.48
C ASN A 229 -29.56 -2.18 23.13
N TRP A 230 -28.72 -2.63 24.06
CA TRP A 230 -28.76 -3.99 24.53
C TRP A 230 -30.13 -4.34 25.10
N GLN A 231 -30.58 -5.57 24.83
CA GLN A 231 -31.70 -6.15 25.54
C GLN A 231 -31.40 -7.62 25.86
N PRO A 232 -32.16 -8.24 26.79
CA PRO A 232 -32.01 -9.68 27.05
C PRO A 232 -31.98 -10.52 25.77
N GLY A 233 -31.12 -11.55 25.78
CA GLY A 233 -30.96 -12.43 24.65
C GLY A 233 -29.67 -12.12 23.90
N GLU A 234 -29.32 -10.83 23.82
CA GLU A 234 -28.16 -10.39 23.04
C GLU A 234 -26.85 -10.53 23.81
N ILE A 235 -25.75 -10.53 23.06
CA ILE A 235 -24.44 -10.83 23.62
C ILE A 235 -23.70 -9.54 23.91
N ILE A 236 -23.06 -9.49 25.08
CA ILE A 236 -22.01 -8.54 25.37
C ILE A 236 -20.82 -9.40 25.71
N ASN A 237 -19.66 -9.11 25.10
CA ASN A 237 -18.49 -9.95 25.28
C ASN A 237 -17.28 -9.04 25.32
N ASN A 238 -16.12 -9.66 25.10
CA ASN A 238 -14.83 -9.03 25.22
C ASN A 238 -14.71 -7.83 24.28
N TRP A 239 -15.48 -7.79 23.18
CA TRP A 239 -15.37 -6.67 22.25
C TRP A 239 -15.62 -5.37 23.00
N ASN A 240 -16.54 -5.38 23.97
CA ASN A 240 -16.97 -4.18 24.65
C ASN A 240 -15.78 -3.55 25.39
N PRO A 241 -15.15 -4.20 26.40
CA PRO A 241 -14.02 -3.56 27.05
C PRO A 241 -12.80 -3.38 26.15
N TRP A 242 -12.63 -4.28 25.19
CA TRP A 242 -11.47 -4.19 24.31
C TRP A 242 -11.59 -2.93 23.41
N CYS A 243 -12.74 -2.77 22.75
CA CYS A 243 -12.93 -1.61 21.89
C CYS A 243 -13.00 -0.32 22.71
N ASN A 244 -13.69 -0.33 23.87
CA ASN A 244 -13.79 0.86 24.69
C ASN A 244 -12.41 1.29 25.21
N SER A 245 -11.57 0.33 25.59
CA SER A 245 -10.25 0.67 26.11
C SER A 245 -9.37 1.28 25.01
N ASN A 246 -9.51 0.83 23.76
CA ASN A 246 -8.77 1.40 22.64
C ASN A 246 -9.29 2.81 22.31
N ALA A 247 -10.62 2.97 22.25
CA ALA A 247 -11.19 4.27 21.99
C ALA A 247 -10.76 5.29 23.07
N LEU A 248 -10.82 4.86 24.33
CA LEU A 248 -10.47 5.69 25.47
C LEU A 248 -9.03 6.21 25.35
N GLN A 249 -8.09 5.35 24.98
CA GLN A 249 -6.71 5.74 24.74
C GLN A 249 -6.64 6.84 23.68
N CYS A 250 -7.37 6.63 22.57
CA CYS A 250 -7.34 7.58 21.46
C CYS A 250 -7.82 8.94 21.94
N PHE A 251 -8.94 8.96 22.66
CA PHE A 251 -9.45 10.22 23.15
C PHE A 251 -8.45 10.88 24.10
N LEU A 252 -7.91 10.13 25.04
CA LEU A 252 -7.02 10.73 26.04
C LEU A 252 -5.74 11.26 25.38
N LEU A 253 -5.34 10.65 24.25
CA LEU A 253 -4.13 11.05 23.58
C LEU A 253 -4.37 12.18 22.58
N MET A 254 -5.56 12.22 21.96
CA MET A 254 -5.78 13.03 20.77
C MET A 254 -6.82 14.11 20.94
N GLU A 255 -7.69 14.04 21.96
CA GLU A 255 -8.77 15.00 22.09
C GLU A 255 -8.42 16.01 23.17
N ASN A 256 -8.10 17.26 22.77
CA ASN A 256 -7.61 18.27 23.69
C ASN A 256 -8.72 19.25 24.05
N ASN A 257 -9.93 19.10 23.47
CA ASN A 257 -11.08 19.85 23.96
C ASN A 257 -11.68 19.10 25.14
N LYS A 258 -11.71 19.75 26.30
CA LYS A 258 -12.07 19.08 27.54
C LYS A 258 -13.55 18.70 27.57
N ASP A 259 -14.42 19.56 27.02
CA ASP A 259 -15.83 19.28 26.88
C ASP A 259 -16.04 18.03 26.04
N ARG A 260 -15.28 17.89 24.93
CA ARG A 260 -15.47 16.78 24.00
C ARG A 260 -14.93 15.52 24.65
N LEU A 261 -13.81 15.67 25.36
CA LEU A 261 -13.18 14.55 26.06
C LEU A 261 -14.09 14.02 27.18
N ALA A 262 -14.63 14.89 28.04
CA ALA A 262 -15.53 14.43 29.09
C ALA A 262 -16.71 13.67 28.46
N LYS A 263 -17.26 14.19 27.38
CA LYS A 263 -18.41 13.53 26.75
C LYS A 263 -18.05 12.13 26.24
N ALA A 264 -16.89 12.00 25.60
CA ALA A 264 -16.40 10.71 25.12
C ALA A 264 -16.09 9.74 26.26
N VAL A 265 -15.42 10.22 27.29
CA VAL A 265 -15.06 9.36 28.41
C VAL A 265 -16.32 8.85 29.11
N TYR A 266 -17.30 9.72 29.31
CA TYR A 266 -18.51 9.35 30.00
C TYR A 266 -19.29 8.33 29.14
N ARG A 267 -19.30 8.55 27.84
CA ARG A 267 -19.91 7.56 26.95
C ARG A 267 -19.25 6.19 27.12
N SER A 268 -17.93 6.16 27.25
CA SER A 268 -17.21 4.91 27.42
C SER A 268 -17.57 4.24 28.74
N MET A 269 -17.79 5.05 29.79
CA MET A 269 -18.21 4.56 31.07
C MET A 269 -19.59 3.91 30.99
N LYS A 270 -20.54 4.58 30.32
CA LYS A 270 -21.87 3.99 30.14
C LYS A 270 -21.81 2.67 29.38
N SER A 271 -20.96 2.62 28.34
CA SER A 271 -20.83 1.45 27.52
C SER A 271 -20.21 0.26 28.31
N VAL A 272 -19.14 0.54 29.04
CA VAL A 272 -18.45 -0.51 29.78
C VAL A 272 -19.32 -0.98 30.94
N ASP A 273 -20.14 -0.11 31.55
CA ASP A 273 -21.10 -0.53 32.56
C ASP A 273 -21.99 -1.67 32.05
N LYS A 274 -22.31 -1.68 30.74
CA LYS A 274 -23.15 -2.74 30.17
C LYS A 274 -22.44 -4.08 30.32
N PHE A 275 -21.12 -4.10 30.07
CA PHE A 275 -20.33 -5.30 30.20
C PHE A 275 -20.28 -5.72 31.68
N ILE A 276 -19.92 -4.79 32.57
CA ILE A 276 -19.82 -5.09 33.98
C ILE A 276 -21.15 -5.59 34.53
N ASN A 277 -22.27 -5.01 34.04
CA ASN A 277 -23.61 -5.40 34.45
C ASN A 277 -23.90 -6.84 34.01
N PHE A 278 -23.33 -7.25 32.87
CA PHE A 278 -23.68 -8.51 32.24
C PHE A 278 -22.91 -9.69 32.83
N VAL A 279 -21.67 -9.52 33.30
CA VAL A 279 -20.90 -10.67 33.76
C VAL A 279 -21.27 -10.96 35.22
N LYS A 280 -21.01 -12.18 35.68
CA LYS A 280 -21.45 -12.56 37.02
C LYS A 280 -20.55 -11.92 38.06
N SER A 281 -21.12 -11.59 39.22
CA SER A 281 -20.39 -10.86 40.25
C SER A 281 -19.36 -11.76 40.90
N ASP A 282 -19.57 -13.08 40.86
CA ASP A 282 -18.63 -14.02 41.50
C ASP A 282 -17.29 -14.05 40.78
N GLY A 283 -17.19 -13.53 39.56
CA GLY A 283 -15.93 -13.35 38.86
C GLY A 283 -15.51 -14.44 37.87
N ALA A 284 -16.27 -15.53 37.83
CA ALA A 284 -16.00 -16.62 36.90
C ALA A 284 -16.31 -16.17 35.48
N CYS A 285 -15.35 -16.39 34.58
CA CYS A 285 -15.42 -16.05 33.14
C CYS A 285 -15.92 -17.34 32.47
N GLU A 286 -17.22 -17.45 32.15
CA GLU A 286 -17.85 -18.76 31.98
C GLU A 286 -17.50 -19.41 30.61
N GLU A 287 -16.83 -18.66 29.73
CA GLU A 287 -16.24 -19.20 28.51
C GLU A 287 -14.96 -19.97 28.85
N GLY A 288 -14.33 -19.57 29.96
CA GLY A 288 -13.13 -20.21 30.47
C GLY A 288 -11.95 -19.27 30.30
N THR A 289 -10.77 -19.82 30.54
CA THR A 289 -9.59 -19.00 30.68
C THR A 289 -9.17 -18.50 29.30
N SER A 290 -9.61 -19.10 28.18
CA SER A 290 -8.99 -18.72 26.91
C SER A 290 -9.38 -17.30 26.49
N ALA A 291 -10.53 -16.83 26.92
CA ALA A 291 -10.96 -15.46 26.65
C ALA A 291 -10.44 -14.50 27.71
N TRP A 292 -9.90 -14.99 28.85
CA TRP A 292 -9.75 -14.16 30.05
C TRP A 292 -8.92 -12.92 29.73
N GLY A 293 -7.86 -13.10 28.95
CA GLY A 293 -6.88 -12.06 28.66
C GLY A 293 -7.47 -10.83 27.94
N HIS A 294 -8.51 -11.07 27.15
CA HIS A 294 -9.14 -10.03 26.34
C HIS A 294 -10.55 -9.73 26.85
N ALA A 295 -10.98 -10.38 27.92
CA ALA A 295 -12.26 -10.12 28.54
C ALA A 295 -12.01 -9.43 29.87
N ALA A 296 -11.85 -10.18 30.96
CA ALA A 296 -11.48 -9.56 32.21
C ALA A 296 -10.20 -8.73 32.06
N GLY A 297 -9.21 -9.22 31.30
CA GLY A 297 -7.95 -8.52 31.12
C GLY A 297 -8.15 -7.17 30.39
N LYS A 298 -9.10 -7.11 29.48
CA LYS A 298 -9.35 -5.80 28.82
C LYS A 298 -10.23 -4.89 29.66
N LEU A 299 -11.05 -5.45 30.54
CA LEU A 299 -11.74 -4.63 31.52
C LEU A 299 -10.71 -3.99 32.43
N TYR A 300 -9.70 -4.77 32.88
CA TYR A 300 -8.59 -4.24 33.64
C TYR A 300 -7.92 -3.09 32.85
N ASP A 301 -7.57 -3.31 31.60
CA ASP A 301 -6.86 -2.29 30.83
C ASP A 301 -7.71 -1.00 30.82
N TYR A 302 -9.00 -1.15 30.55
CA TYR A 302 -9.91 0.00 30.50
C TYR A 302 -9.89 0.75 31.83
N LEU A 303 -9.98 0.02 32.96
CA LEU A 303 -10.05 0.65 34.26
C LEU A 303 -8.72 1.32 34.59
N GLN A 304 -7.60 0.74 34.15
CA GLN A 304 -6.30 1.34 34.41
C GLN A 304 -6.20 2.66 33.64
N ILE A 305 -6.59 2.61 32.36
CA ILE A 305 -6.57 3.77 31.48
C ILE A 305 -7.47 4.89 32.02
N LEU A 306 -8.66 4.54 32.49
CA LEU A 306 -9.60 5.50 33.07
C LEU A 306 -9.02 6.09 34.35
N SER A 307 -8.41 5.25 35.21
CA SER A 307 -7.79 5.75 36.41
C SER A 307 -6.67 6.72 36.05
N ASP A 308 -5.76 6.31 35.14
CA ASP A 308 -4.66 7.16 34.74
C ASP A 308 -5.16 8.51 34.20
N GLY A 309 -6.20 8.46 33.40
CA GLY A 309 -6.75 9.67 32.80
C GLY A 309 -7.44 10.62 33.77
N THR A 310 -7.80 10.14 34.94
CA THR A 310 -8.49 10.95 35.96
C THR A 310 -7.61 11.11 37.21
N GLY A 311 -6.30 10.90 37.06
CA GLY A 311 -5.41 11.10 38.20
C GLY A 311 -5.79 10.17 39.35
N GLY A 312 -6.35 9.00 39.04
CA GLY A 312 -6.73 8.07 40.08
C GLY A 312 -8.08 8.35 40.74
N LYS A 313 -8.79 9.41 40.35
CA LYS A 313 -9.99 9.76 41.07
C LYS A 313 -11.19 8.90 40.66
N ILE A 314 -11.22 8.36 39.43
CA ILE A 314 -12.26 7.44 39.04
C ILE A 314 -11.61 6.09 38.79
N SER A 315 -11.73 5.22 39.79
CA SER A 315 -11.06 3.93 39.78
C SER A 315 -11.98 2.89 40.39
N LEU A 316 -12.26 1.81 39.67
CA LEU A 316 -12.94 0.65 40.23
C LEU A 316 -11.93 -0.44 40.58
N LEU A 317 -10.63 -0.11 40.59
CA LEU A 317 -9.63 -1.16 40.78
C LEU A 317 -9.67 -1.68 42.22
N ASN A 318 -10.36 -0.99 43.13
CA ASN A 318 -10.51 -1.45 44.50
C ASN A 318 -11.78 -2.28 44.70
N GLU A 319 -12.56 -2.52 43.66
CA GLU A 319 -13.84 -3.19 43.83
C GLU A 319 -13.62 -4.69 43.92
N PRO A 320 -14.16 -5.38 44.96
CA PRO A 320 -13.94 -6.82 45.10
C PRO A 320 -14.31 -7.66 43.87
N MET A 321 -15.35 -7.25 43.10
CA MET A 321 -15.74 -8.02 41.92
C MET A 321 -14.59 -8.05 40.90
N ILE A 322 -13.89 -6.92 40.75
CA ILE A 322 -12.80 -6.83 39.77
C ILE A 322 -11.66 -7.76 40.21
N ARG A 323 -11.37 -7.81 41.50
CA ARG A 323 -10.36 -8.72 42.04
C ARG A 323 -10.73 -10.18 41.77
N ARG A 324 -12.00 -10.54 42.00
N ARG A 324 -11.99 -10.54 41.99
CA ARG A 324 -12.49 -11.89 41.73
CA ARG A 324 -12.48 -11.89 41.72
C ARG A 324 -12.34 -12.22 40.24
C ARG A 324 -12.35 -12.23 40.24
N MET A 325 -12.63 -11.27 39.34
CA MET A 325 -12.50 -11.51 37.91
C MET A 325 -11.05 -11.80 37.53
N GLY A 326 -10.11 -11.11 38.20
CA GLY A 326 -8.69 -11.30 37.93
C GLY A 326 -8.24 -12.65 38.48
N GLU A 327 -8.70 -12.98 39.70
CA GLU A 327 -8.24 -14.19 40.41
C GLU A 327 -8.77 -15.47 39.76
N TYR A 328 -9.86 -15.38 38.98
CA TYR A 328 -10.37 -16.51 38.24
C TYR A 328 -9.29 -17.15 37.37
N MET A 329 -8.37 -16.35 36.81
CA MET A 329 -7.31 -16.87 35.96
C MET A 329 -6.34 -17.76 36.78
N SER A 330 -6.05 -17.39 38.01
CA SER A 330 -5.24 -18.16 38.93
C SER A 330 -5.96 -19.44 39.35
N ARG A 331 -7.20 -19.30 39.86
CA ARG A 331 -7.95 -20.42 40.42
C ARG A 331 -8.19 -21.52 39.39
N SER A 332 -8.35 -21.14 38.10
CA SER A 332 -8.74 -22.06 37.04
C SER A 332 -7.52 -22.70 36.35
N TYR A 333 -6.31 -22.20 36.68
CA TYR A 333 -5.08 -22.71 36.06
C TYR A 333 -4.57 -23.85 36.94
N VAL A 334 -4.73 -25.09 36.49
CA VAL A 334 -4.33 -26.22 37.33
C VAL A 334 -2.81 -26.31 37.36
N GLY A 335 -2.14 -26.33 36.21
CA GLY A 335 -0.68 -26.42 36.17
C GLY A 335 -0.22 -27.08 34.87
N ASN A 336 1.03 -26.82 34.46
CA ASN A 336 1.62 -27.43 33.29
C ASN A 336 0.76 -27.27 32.02
N GLY A 337 0.15 -26.11 31.85
CA GLY A 337 -0.65 -25.79 30.69
C GLY A 337 -2.09 -26.31 30.79
N TRP A 338 -2.45 -27.03 31.86
CA TRP A 338 -3.79 -27.57 32.00
C TRP A 338 -4.69 -26.59 32.73
N VAL A 339 -5.87 -26.34 32.17
CA VAL A 339 -6.83 -25.40 32.74
C VAL A 339 -8.18 -26.09 32.87
N VAL A 340 -9.03 -25.61 33.78
CA VAL A 340 -10.40 -26.13 33.86
C VAL A 340 -11.11 -25.71 32.57
N ASN A 341 -11.85 -26.65 31.94
CA ASN A 341 -12.38 -26.43 30.60
C ASN A 341 -13.81 -26.98 30.49
N PHE A 342 -14.70 -26.44 31.31
CA PHE A 342 -16.12 -26.63 31.08
C PHE A 342 -16.53 -25.88 29.80
N ALA A 343 -17.54 -26.38 29.12
CA ALA A 343 -18.06 -25.76 27.91
C ALA A 343 -17.07 -25.93 26.78
N ASP A 344 -17.30 -25.20 25.70
CA ASP A 344 -16.55 -25.41 24.46
C ASP A 344 -15.24 -24.66 24.57
N ALA A 345 -14.28 -25.26 25.31
CA ALA A 345 -13.04 -24.60 25.68
C ALA A 345 -11.95 -25.66 25.75
N SER A 346 -10.73 -25.23 25.43
CA SER A 346 -9.56 -26.10 25.38
C SER A 346 -9.13 -26.47 26.80
N ALA A 347 -8.68 -27.70 26.99
CA ALA A 347 -8.14 -28.14 28.28
C ALA A 347 -6.72 -27.58 28.44
N GLN A 348 -6.09 -27.10 27.36
CA GLN A 348 -4.79 -26.45 27.42
C GLN A 348 -4.99 -24.95 27.45
N GLY A 349 -4.21 -24.26 28.29
CA GLY A 349 -4.34 -22.80 28.34
C GLY A 349 -3.11 -22.17 28.96
N GLY A 350 -3.22 -20.90 29.31
CA GLY A 350 -2.06 -20.13 29.68
C GLY A 350 -2.41 -18.66 29.77
N GLY A 351 -1.40 -17.83 29.96
CA GLY A 351 -1.64 -16.41 30.12
C GLY A 351 -0.37 -15.62 29.95
N ASP A 352 -0.56 -14.32 29.80
CA ASP A 352 0.52 -13.35 29.74
C ASP A 352 0.89 -13.02 31.17
N PRO A 353 2.05 -13.50 31.67
CA PRO A 353 2.44 -13.22 33.06
C PRO A 353 2.54 -11.75 33.37
N LEU A 354 3.03 -10.95 32.41
CA LEU A 354 3.17 -9.51 32.63
C LEU A 354 1.81 -8.83 32.86
N LEU A 355 0.83 -9.14 32.03
CA LEU A 355 -0.55 -8.68 32.22
C LEU A 355 -1.10 -9.11 33.58
N ILE A 356 -0.87 -10.39 33.94
CA ILE A 356 -1.46 -10.93 35.14
C ILE A 356 -0.87 -10.20 36.34
N TYR A 357 0.44 -9.94 36.27
CA TYR A 357 1.12 -9.22 37.34
C TYR A 357 0.52 -7.81 37.52
N ARG A 358 0.42 -7.07 36.42
CA ARG A 358 -0.05 -5.71 36.47
C ARG A 358 -1.48 -5.66 37.04
N PHE A 359 -2.35 -6.56 36.56
CA PHE A 359 -3.71 -6.68 37.03
C PHE A 359 -3.71 -6.97 38.52
N GLY A 360 -2.93 -7.98 38.93
CA GLY A 360 -2.78 -8.34 40.33
C GLY A 360 -2.35 -7.18 41.24
N LYS A 361 -1.33 -6.46 40.81
CA LYS A 361 -0.84 -5.35 41.59
C LYS A 361 -1.93 -4.27 41.71
N ALA A 362 -2.60 -3.96 40.60
CA ALA A 362 -3.63 -2.93 40.57
C ALA A 362 -4.78 -3.25 41.54
N VAL A 363 -5.20 -4.52 41.68
CA VAL A 363 -6.31 -4.87 42.56
C VAL A 363 -5.82 -5.38 43.92
N ASN A 364 -4.50 -5.27 44.17
CA ASN A 364 -3.88 -5.71 45.44
C ASN A 364 -4.11 -7.20 45.70
N SER A 365 -3.92 -8.03 44.66
CA SER A 365 -3.99 -9.47 44.78
C SER A 365 -2.57 -10.07 44.82
N ASN A 366 -2.06 -10.36 46.02
CA ASN A 366 -0.78 -11.06 46.11
C ASN A 366 -0.83 -12.38 45.36
N GLU A 367 -1.96 -13.11 45.45
CA GLU A 367 -2.07 -14.38 44.77
C GLU A 367 -1.77 -14.21 43.29
N MET A 368 -2.37 -13.19 42.65
CA MET A 368 -2.17 -13.03 41.21
C MET A 368 -0.72 -12.66 40.90
N MET A 369 -0.11 -11.84 41.76
CA MET A 369 1.27 -11.42 41.51
C MET A 369 2.24 -12.60 41.58
N HIS A 370 2.07 -13.48 42.57
CA HIS A 370 2.92 -14.67 42.72
C HIS A 370 2.62 -15.66 41.59
N PHE A 371 1.35 -15.75 41.18
CA PHE A 371 0.96 -16.60 40.08
C PHE A 371 1.63 -16.17 38.78
N ALA A 372 1.66 -14.84 38.54
CA ALA A 372 2.31 -14.33 37.34
C ALA A 372 3.79 -14.79 37.32
N ALA A 373 4.47 -14.69 38.47
CA ALA A 373 5.87 -15.09 38.56
C ALA A 373 6.02 -16.59 38.28
N TYR A 374 5.06 -17.39 38.75
CA TYR A 374 5.04 -18.82 38.52
C TYR A 374 4.91 -19.12 37.03
N LEU A 375 4.04 -18.37 36.35
CA LEU A 375 3.76 -18.60 34.95
C LEU A 375 4.95 -18.24 34.07
N LEU A 376 5.89 -17.41 34.55
CA LEU A 376 7.10 -17.12 33.80
C LEU A 376 7.90 -18.40 33.57
N ASN A 377 7.73 -19.44 34.40
CA ASN A 377 8.45 -20.69 34.19
C ASN A 377 9.94 -20.44 34.21
N GLY A 378 10.42 -19.60 35.14
CA GLY A 378 11.82 -19.27 35.26
C GLY A 378 12.37 -18.35 34.17
N ARG A 379 11.56 -17.84 33.26
CA ARG A 379 12.04 -16.84 32.31
C ARG A 379 12.13 -15.47 32.99
N LYS A 380 13.08 -14.65 32.54
CA LYS A 380 13.15 -13.26 32.94
C LYS A 380 12.03 -12.54 32.16
N PRO A 381 11.29 -11.59 32.77
CA PRO A 381 10.22 -10.89 32.06
C PRO A 381 10.82 -9.88 31.10
N TYR A 382 10.43 -9.92 29.84
CA TYR A 382 10.84 -8.92 28.86
C TYR A 382 9.58 -8.22 28.34
N ALA A 383 9.81 -7.09 27.66
CA ALA A 383 8.73 -6.31 27.06
C ALA A 383 7.84 -7.17 26.20
N THR A 384 6.52 -6.93 26.30
CA THR A 384 5.51 -7.53 25.45
C THR A 384 5.63 -6.91 24.07
N MET A 385 5.72 -7.75 23.04
CA MET A 385 5.90 -7.28 21.69
C MET A 385 4.51 -7.19 21.05
N GLY A 386 4.21 -8.00 20.03
CA GLY A 386 2.88 -7.98 19.42
C GLY A 386 2.53 -6.61 18.82
N ASN A 387 1.24 -6.26 18.90
CA ASN A 387 0.68 -5.08 18.23
C ASN A 387 -0.20 -4.24 19.16
N ASP A 388 -0.22 -4.58 20.45
CA ASP A 388 -1.00 -3.88 21.46
C ASP A 388 -0.08 -2.86 22.17
N ALA A 389 -0.17 -1.60 21.72
CA ALA A 389 0.73 -0.56 22.17
C ALA A 389 0.63 -0.35 23.68
N PHE A 390 -0.61 -0.36 24.20
CA PHE A 390 -0.78 -0.13 25.61
C PHE A 390 -0.08 -1.21 26.44
N ARG A 391 -0.27 -2.46 26.07
CA ARG A 391 0.33 -3.56 26.83
C ARG A 391 1.86 -3.61 26.67
N SER A 392 2.38 -3.23 25.49
CA SER A 392 3.82 -3.12 25.28
C SER A 392 4.43 -2.08 26.20
N LEU A 393 3.87 -0.87 26.17
CA LEU A 393 4.37 0.22 26.98
C LEU A 393 4.24 -0.10 28.47
N GLN A 394 3.04 -0.59 28.88
CA GLN A 394 2.81 -0.89 30.27
C GLN A 394 3.76 -2.00 30.73
N SER A 395 4.10 -2.94 29.83
CA SER A 395 4.99 -4.03 30.20
C SER A 395 6.37 -3.53 30.62
N LEU A 396 6.78 -2.38 30.06
CA LEU A 396 8.05 -1.76 30.43
C LEU A 396 8.06 -1.35 31.89
N LEU A 397 6.92 -0.81 32.38
CA LEU A 397 6.82 -0.34 33.76
C LEU A 397 6.88 -1.47 34.77
N CYS A 398 6.39 -2.67 34.44
CA CYS A 398 6.23 -3.72 35.45
C CYS A 398 7.38 -4.71 35.51
N CYS A 399 8.27 -4.75 34.47
CA CYS A 399 9.27 -5.81 34.34
C CYS A 399 10.12 -5.99 35.60
N ASN A 400 10.68 -4.88 36.11
CA ASN A 400 11.64 -4.95 37.19
C ASN A 400 11.00 -5.55 38.44
N ASP A 401 9.78 -5.14 38.74
CA ASP A 401 9.05 -5.67 39.90
C ASP A 401 8.64 -7.12 39.69
N LEU A 402 8.17 -7.49 38.49
CA LEU A 402 7.82 -8.88 38.24
C LEU A 402 9.07 -9.78 38.35
N ALA A 403 10.22 -9.26 37.93
CA ALA A 403 11.48 -9.99 37.98
C ALA A 403 11.86 -10.35 39.41
N LYS A 404 11.49 -9.51 40.38
CA LYS A 404 11.85 -9.69 41.78
C LYS A 404 10.81 -10.57 42.48
N GLU A 405 9.65 -10.79 41.87
CA GLU A 405 8.55 -11.48 42.55
C GLU A 405 8.87 -12.96 42.72
N THR A 406 8.46 -13.55 43.86
CA THR A 406 8.70 -14.96 44.11
C THR A 406 7.60 -15.78 43.43
N PRO A 407 7.95 -16.86 42.70
CA PRO A 407 6.98 -17.70 42.00
C PRO A 407 6.25 -18.63 42.96
N LYS A 408 4.93 -18.63 42.91
CA LYS A 408 4.16 -19.51 43.79
C LYS A 408 2.77 -19.60 43.24
N HIS A 409 2.12 -20.76 43.35
CA HIS A 409 0.77 -20.89 42.87
C HIS A 409 -0.09 -21.39 44.04
N ASP A 410 -0.20 -20.58 45.09
CA ASP A 410 -0.93 -20.92 46.30
C ASP A 410 -2.37 -20.43 46.14
N MET A 411 -3.29 -21.22 46.69
CA MET A 411 -4.68 -20.81 46.71
C MET A 411 -5.43 -21.61 47.76
N PRO A 412 -6.64 -21.18 48.19
CA PRO A 412 -7.42 -21.97 49.15
C PRO A 412 -7.80 -23.33 48.59
N ASP A 413 -8.09 -24.28 49.46
CA ASP A 413 -8.49 -25.61 49.08
C ASP A 413 -9.81 -25.59 48.31
N VAL A 414 -10.68 -24.62 48.57
CA VAL A 414 -11.94 -24.56 47.85
C VAL A 414 -12.16 -23.16 47.32
N THR A 415 -12.57 -23.10 46.05
CA THR A 415 -13.07 -21.88 45.43
C THR A 415 -14.48 -22.18 44.96
N TRP A 416 -15.43 -21.39 45.39
CA TRP A 416 -16.85 -21.63 45.13
C TRP A 416 -17.42 -20.37 44.48
N TYR A 417 -17.79 -20.47 43.19
CA TYR A 417 -18.43 -19.41 42.42
C TYR A 417 -19.93 -19.69 42.43
N PRO A 418 -20.70 -19.13 43.40
CA PRO A 418 -22.07 -19.59 43.64
C PRO A 418 -23.10 -19.23 42.58
N GLU A 419 -22.87 -18.20 41.76
CA GLU A 419 -23.84 -17.79 40.75
C GLU A 419 -23.53 -18.54 39.44
N THR A 420 -22.26 -18.61 39.07
CA THR A 420 -21.82 -19.37 37.91
C THR A 420 -21.95 -20.88 38.21
N GLU A 421 -21.86 -21.26 39.49
CA GLU A 421 -21.96 -22.64 39.95
C GLU A 421 -20.77 -23.49 39.43
N PHE A 422 -19.57 -22.96 39.62
CA PHE A 422 -18.33 -23.68 39.42
C PHE A 422 -17.69 -23.84 40.79
N CYS A 423 -17.13 -25.03 41.04
CA CYS A 423 -16.57 -25.35 42.34
C CYS A 423 -15.22 -26.04 42.12
N TYR A 424 -14.14 -25.45 42.64
CA TYR A 424 -12.83 -26.06 42.57
C TYR A 424 -12.42 -26.47 43.97
N MET A 425 -11.93 -27.71 44.12
CA MET A 425 -11.56 -28.29 45.39
C MET A 425 -10.25 -29.08 45.22
N LYS A 426 -9.26 -28.83 46.08
CA LYS A 426 -7.95 -29.50 45.98
C LYS A 426 -7.50 -30.01 47.35
N ASN A 427 -6.54 -30.93 47.36
CA ASN A 427 -5.93 -31.44 48.58
C ASN A 427 -4.42 -31.26 48.44
N LYS A 428 -3.72 -31.49 49.54
CA LYS A 428 -2.30 -31.26 49.64
C LYS A 428 -1.50 -32.40 49.01
N ASN A 429 -2.15 -33.46 48.54
CA ASN A 429 -1.46 -34.59 47.93
C ASN A 429 -1.63 -34.56 46.41
N GLY A 430 -2.13 -33.45 45.86
CA GLY A 430 -2.04 -33.20 44.43
C GLY A 430 -3.32 -33.43 43.62
N MET A 431 -4.45 -33.74 44.29
CA MET A 431 -5.71 -33.90 43.60
C MET A 431 -6.37 -32.52 43.47
N PHE A 432 -6.84 -32.22 42.27
CA PHE A 432 -7.66 -31.03 41.98
C PHE A 432 -8.96 -31.49 41.30
N VAL A 433 -10.11 -31.14 41.89
CA VAL A 433 -11.40 -31.52 41.33
C VAL A 433 -12.12 -30.23 40.95
N ALA A 434 -12.62 -30.15 39.71
CA ALA A 434 -13.55 -29.08 39.31
C ALA A 434 -14.93 -29.70 39.07
N ALA A 435 -15.98 -29.08 39.62
CA ALA A 435 -17.34 -29.59 39.43
C ALA A 435 -18.25 -28.40 39.10
N LYS A 436 -19.42 -28.68 38.55
CA LYS A 436 -20.31 -27.60 38.18
C LYS A 436 -21.77 -28.02 38.35
N GLY A 437 -22.60 -27.02 38.66
CA GLY A 437 -24.05 -27.15 38.50
C GLY A 437 -24.43 -26.58 37.12
N GLY A 438 -25.11 -25.42 37.13
CA GLY A 438 -25.38 -24.67 35.91
C GLY A 438 -26.68 -25.10 35.23
N PHE A 439 -26.72 -24.87 33.90
CA PHE A 439 -27.91 -25.01 33.08
C PHE A 439 -27.43 -25.19 31.64
N ASN A 440 -28.19 -25.91 30.83
CA ASN A 440 -27.77 -26.24 29.47
C ASN A 440 -28.13 -25.16 28.48
N ASN A 441 -27.75 -23.92 28.81
CA ASN A 441 -27.74 -22.86 27.83
C ASN A 441 -26.67 -21.86 28.23
N GLU A 442 -25.60 -22.37 28.84
CA GLU A 442 -24.47 -21.51 29.17
C GLU A 442 -23.74 -21.11 27.89
N SER A 443 -22.92 -20.08 28.00
CA SER A 443 -22.05 -19.65 26.94
C SER A 443 -21.20 -20.83 26.44
N HIS A 444 -21.17 -21.02 25.12
CA HIS A 444 -20.42 -22.10 24.49
C HIS A 444 -20.80 -23.46 25.07
N ASN A 445 -22.10 -23.62 25.38
CA ASN A 445 -22.65 -24.69 26.20
C ASN A 445 -22.20 -26.09 25.76
N HIS A 446 -21.89 -26.92 26.77
CA HIS A 446 -21.92 -28.37 26.70
C HIS A 446 -23.05 -28.84 27.61
N ASN A 447 -23.72 -29.95 27.27
CA ASN A 447 -24.68 -30.53 28.19
C ASN A 447 -23.90 -31.29 29.27
N ASP A 448 -23.67 -30.62 30.41
CA ASP A 448 -22.66 -31.05 31.38
C ASP A 448 -23.06 -30.67 32.81
N VAL A 449 -24.35 -30.49 33.08
CA VAL A 449 -24.79 -30.14 34.41
C VAL A 449 -24.36 -31.25 35.36
N GLY A 450 -23.61 -30.89 36.44
CA GLY A 450 -23.25 -31.86 37.45
C GLY A 450 -21.88 -32.51 37.18
N THR A 451 -21.23 -32.23 36.03
CA THR A 451 -20.01 -32.98 35.68
C THR A 451 -18.86 -32.58 36.60
N PHE A 452 -17.80 -33.40 36.55
CA PHE A 452 -16.56 -33.09 37.25
C PHE A 452 -15.40 -33.41 36.34
N SER A 453 -14.26 -32.80 36.69
CA SER A 453 -12.97 -33.10 36.11
C SER A 453 -11.99 -33.36 37.25
N LEU A 454 -11.17 -34.41 37.13
CA LEU A 454 -10.16 -34.69 38.17
C LEU A 454 -8.76 -34.61 37.58
N TYR A 455 -7.89 -33.84 38.25
CA TYR A 455 -6.50 -33.75 37.88
C TYR A 455 -5.65 -34.28 39.03
N VAL A 456 -4.53 -34.91 38.67
CA VAL A 456 -3.60 -35.47 39.66
C VAL A 456 -2.20 -34.95 39.34
N ASN A 457 -1.71 -34.08 40.26
CA ASN A 457 -0.43 -33.40 40.06
C ASN A 457 -0.45 -32.69 38.71
N THR A 458 -1.57 -32.01 38.48
CA THR A 458 -1.87 -31.16 37.32
C THR A 458 -2.35 -31.96 36.10
N ILE A 459 -2.13 -33.27 36.07
CA ILE A 459 -2.45 -34.06 34.90
C ILE A 459 -3.92 -34.49 34.94
N PRO A 460 -4.69 -34.19 33.87
CA PRO A 460 -6.05 -34.73 33.74
C PRO A 460 -6.07 -36.24 33.87
N VAL A 461 -6.94 -36.72 34.75
CA VAL A 461 -7.17 -38.14 34.85
C VAL A 461 -8.61 -38.51 34.52
N ILE A 462 -9.57 -37.75 35.02
CA ILE A 462 -10.94 -37.85 34.54
C ILE A 462 -11.20 -36.52 33.84
N LEU A 463 -11.36 -36.57 32.52
CA LEU A 463 -11.16 -35.37 31.72
C LEU A 463 -12.49 -34.81 31.19
N ASP A 464 -12.36 -33.61 30.65
CA ASP A 464 -13.43 -32.93 29.91
C ASP A 464 -12.84 -32.62 28.53
N ALA A 465 -13.41 -33.23 27.51
CA ALA A 465 -12.76 -33.30 26.21
C ALA A 465 -12.49 -31.92 25.59
N GLY A 466 -13.47 -31.01 25.69
CA GLY A 466 -13.26 -29.63 25.28
C GLY A 466 -13.64 -29.38 23.81
N VAL A 467 -12.91 -28.47 23.19
CA VAL A 467 -13.30 -27.77 21.97
C VAL A 467 -12.75 -28.46 20.73
N GLY A 468 -13.64 -28.75 19.77
CA GLY A 468 -13.27 -29.26 18.46
C GLY A 468 -13.30 -28.19 17.37
N THR A 469 -12.88 -28.57 16.16
CA THR A 469 -13.00 -27.71 14.99
C THR A 469 -14.50 -27.45 14.70
N TYR A 470 -14.84 -26.20 14.41
CA TYR A 470 -16.22 -25.88 14.06
C TYR A 470 -16.64 -26.60 12.77
N THR A 471 -17.87 -27.11 12.78
CA THR A 471 -18.56 -27.63 11.62
C THR A 471 -19.86 -26.82 11.46
N LYS A 472 -20.65 -27.17 10.44
CA LYS A 472 -21.96 -26.56 10.25
C LYS A 472 -22.91 -26.99 11.35
N GLN A 473 -22.64 -28.13 11.97
CA GLN A 473 -23.52 -28.59 13.02
C GLN A 473 -23.24 -27.88 14.34
N THR A 474 -22.11 -27.16 14.49
CA THR A 474 -21.65 -26.63 15.77
C THR A 474 -22.70 -25.68 16.37
N PHE A 475 -23.26 -24.79 15.54
CA PHE A 475 -24.35 -23.92 15.96
C PHE A 475 -25.69 -24.40 15.38
N GLY A 476 -26.75 -24.39 16.20
CA GLY A 476 -28.07 -24.67 15.69
C GLY A 476 -28.59 -25.97 16.28
N LYS A 477 -29.74 -26.44 15.78
CA LYS A 477 -30.17 -27.78 16.12
C LYS A 477 -29.02 -28.67 15.68
N ASP A 478 -28.96 -29.90 16.14
CA ASP A 478 -27.81 -30.71 15.74
C ASP A 478 -26.47 -30.34 16.42
N ARG A 479 -26.31 -29.18 17.09
CA ARG A 479 -25.15 -28.99 17.95
C ARG A 479 -24.87 -30.23 18.81
N TYR A 480 -25.92 -30.78 19.43
CA TYR A 480 -25.84 -31.87 20.39
C TYR A 480 -25.79 -33.24 19.69
N THR A 481 -25.55 -33.26 18.36
CA THR A 481 -25.17 -34.50 17.67
C THR A 481 -23.64 -34.64 17.67
N ILE A 482 -22.92 -33.60 18.11
CA ILE A 482 -21.46 -33.66 18.20
C ILE A 482 -21.08 -34.23 19.59
N TRP A 483 -20.30 -35.30 19.58
CA TRP A 483 -20.05 -36.05 20.81
C TRP A 483 -19.48 -35.17 21.93
N THR A 484 -18.62 -34.21 21.61
CA THR A 484 -17.96 -33.40 22.64
C THR A 484 -18.95 -32.53 23.42
N MET A 485 -20.18 -32.36 22.89
CA MET A 485 -21.16 -31.43 23.46
C MET A 485 -22.14 -32.18 24.34
N GLN A 486 -22.12 -33.51 24.24
CA GLN A 486 -23.13 -34.35 24.83
C GLN A 486 -22.76 -34.76 26.26
N SER A 487 -23.78 -34.87 27.10
CA SER A 487 -23.63 -35.40 28.44
C SER A 487 -23.12 -36.83 28.40
N ASN A 488 -23.47 -37.54 27.30
CA ASN A 488 -22.97 -38.88 27.04
C ASN A 488 -21.44 -38.99 27.17
N TYR A 489 -20.74 -37.91 26.87
CA TYR A 489 -19.29 -37.88 26.83
C TYR A 489 -18.76 -36.91 27.87
N HIS A 490 -19.53 -36.71 28.95
CA HIS A 490 -19.07 -36.04 30.15
C HIS A 490 -19.24 -37.05 31.28
N ASN A 491 -18.78 -36.65 32.48
CA ASN A 491 -18.62 -37.54 33.61
C ASN A 491 -19.92 -37.54 34.43
N LEU A 492 -20.91 -38.27 33.89
CA LEU A 492 -22.31 -38.14 34.25
C LEU A 492 -23.05 -39.42 33.94
N PRO A 493 -24.24 -39.60 34.57
CA PRO A 493 -25.16 -40.68 34.20
C PRO A 493 -26.04 -40.41 32.98
N MET A 494 -26.48 -41.51 32.37
CA MET A 494 -27.57 -41.55 31.40
C MET A 494 -28.77 -42.16 32.12
N ILE A 495 -29.70 -41.29 32.52
CA ILE A 495 -30.71 -41.68 33.50
C ILE A 495 -31.82 -42.41 32.75
N ASN A 496 -32.13 -43.63 33.19
CA ASN A 496 -32.97 -44.55 32.43
C ASN A 496 -32.45 -44.64 30.99
N GLY A 497 -31.13 -44.48 30.81
CA GLY A 497 -30.53 -44.58 29.49
C GLY A 497 -30.65 -43.32 28.66
N ILE A 498 -31.11 -42.23 29.27
CA ILE A 498 -31.35 -40.99 28.53
C ILE A 498 -30.35 -39.93 28.96
N PRO A 499 -29.71 -39.18 28.02
CA PRO A 499 -28.82 -38.07 28.34
C PRO A 499 -29.56 -36.79 28.68
N GLN A 500 -28.77 -35.76 28.98
CA GLN A 500 -29.28 -34.43 29.27
C GLN A 500 -29.70 -33.80 27.95
N LYS A 501 -30.62 -32.84 28.06
CA LYS A 501 -31.15 -32.12 26.93
C LYS A 501 -30.67 -30.69 26.97
N TYR A 502 -30.44 -30.10 25.79
CA TYR A 502 -30.10 -28.70 25.64
C TYR A 502 -31.29 -27.82 26.06
N GLY A 503 -31.01 -26.64 26.63
CA GLY A 503 -32.07 -25.68 26.95
C GLY A 503 -31.89 -25.00 28.32
N GLN A 504 -32.24 -23.71 28.35
CA GLN A 504 -32.22 -22.83 29.51
C GLN A 504 -32.82 -23.49 30.75
N GLU A 505 -33.92 -24.22 30.60
CA GLU A 505 -34.64 -24.75 31.74
C GLU A 505 -34.11 -26.12 32.14
N TYR A 506 -33.16 -26.67 31.39
CA TYR A 506 -32.51 -27.92 31.78
C TYR A 506 -31.31 -27.59 32.67
N LYS A 507 -31.49 -27.75 33.99
CA LYS A 507 -30.64 -27.07 34.95
C LYS A 507 -30.51 -27.84 36.25
N ALA A 508 -29.49 -27.46 37.01
CA ALA A 508 -29.24 -27.99 38.34
C ALA A 508 -30.21 -27.32 39.30
N THR A 509 -30.53 -27.99 40.38
CA THR A 509 -31.29 -27.36 41.46
C THR A 509 -30.60 -27.74 42.77
N ASN A 510 -30.73 -26.88 43.80
CA ASN A 510 -30.18 -27.15 45.13
C ASN A 510 -28.67 -27.46 45.07
N THR A 511 -27.91 -26.68 44.32
CA THR A 511 -26.48 -26.82 44.27
C THR A 511 -25.88 -26.23 45.54
N THR A 512 -25.10 -27.03 46.28
CA THR A 512 -24.43 -26.52 47.47
C THR A 512 -22.95 -26.90 47.43
N CYS A 513 -22.17 -26.08 48.12
CA CYS A 513 -20.78 -26.37 48.39
C CYS A 513 -20.52 -26.08 49.86
N ASN A 514 -20.13 -27.12 50.60
CA ASN A 514 -19.56 -26.97 51.93
C ASN A 514 -18.04 -26.81 51.78
N GLU A 515 -17.56 -25.58 51.90
CA GLU A 515 -16.16 -25.23 51.67
C GLU A 515 -15.25 -25.93 52.69
N LYS A 516 -15.69 -26.06 53.95
CA LYS A 516 -14.86 -26.64 54.98
C LYS A 516 -14.73 -28.15 54.80
N LYS A 517 -15.80 -28.83 54.37
CA LYS A 517 -15.79 -30.27 54.25
C LYS A 517 -15.33 -30.70 52.85
N ARG A 518 -15.22 -29.77 51.90
CA ARG A 518 -14.97 -30.07 50.49
C ARG A 518 -16.02 -31.04 49.94
N VAL A 519 -17.29 -30.63 50.05
CA VAL A 519 -18.42 -31.38 49.51
C VAL A 519 -19.19 -30.45 48.57
N PHE A 520 -19.29 -30.90 47.31
CA PHE A 520 -20.16 -30.29 46.35
C PHE A 520 -21.29 -31.26 46.09
N SER A 521 -22.51 -30.73 46.02
CA SER A 521 -23.70 -31.54 45.82
C SER A 521 -24.69 -30.77 44.94
N THR A 522 -25.40 -31.49 44.07
CA THR A 522 -26.37 -30.85 43.19
C THR A 522 -27.39 -31.90 42.74
N ASP A 523 -28.63 -31.43 42.51
CA ASP A 523 -29.67 -32.29 41.94
C ASP A 523 -29.70 -32.02 40.44
N ILE A 524 -29.37 -33.04 39.65
CA ILE A 524 -29.24 -32.88 38.20
C ILE A 524 -30.53 -33.30 37.47
N ALA A 525 -31.60 -33.68 38.21
CA ALA A 525 -32.76 -34.29 37.61
C ALA A 525 -33.37 -33.45 36.49
N ALA A 526 -33.38 -32.11 36.64
CA ALA A 526 -34.12 -31.24 35.75
C ALA A 526 -33.33 -30.92 34.49
N ALA A 527 -32.10 -31.42 34.42
CA ALA A 527 -31.31 -31.25 33.21
C ALA A 527 -31.65 -32.35 32.21
N TYR A 528 -32.51 -33.29 32.61
CA TYR A 528 -32.88 -34.40 31.74
C TYR A 528 -34.31 -34.24 31.24
N PRO A 529 -34.66 -34.72 30.02
CA PRO A 529 -36.02 -34.58 29.49
C PRO A 529 -37.04 -35.48 30.18
N SER A 530 -38.33 -35.24 29.87
CA SER A 530 -39.43 -36.03 30.44
C SER A 530 -39.20 -37.53 30.22
N GLU A 531 -38.65 -37.92 29.06
CA GLU A 531 -38.47 -39.35 28.74
C GLU A 531 -37.55 -40.01 29.77
N ALA A 532 -36.68 -39.21 30.43
CA ALA A 532 -35.76 -39.75 31.42
C ALA A 532 -36.51 -40.16 32.69
N LYS A 533 -37.74 -39.65 32.88
CA LYS A 533 -38.63 -40.08 33.94
C LYS A 533 -37.92 -40.10 35.29
N VAL A 534 -37.30 -38.97 35.65
CA VAL A 534 -36.53 -38.90 36.89
C VAL A 534 -37.08 -37.77 37.76
N LYS A 535 -37.36 -38.07 39.03
CA LYS A 535 -37.81 -37.06 39.99
C LYS A 535 -36.60 -36.33 40.55
N ASN A 536 -35.67 -37.08 41.15
CA ASN A 536 -34.46 -36.51 41.72
C ASN A 536 -33.24 -37.36 41.38
N TRP A 537 -32.11 -36.67 41.15
CA TRP A 537 -30.81 -37.34 41.03
C TRP A 537 -29.73 -36.44 41.62
N ILE A 538 -29.24 -36.84 42.79
CA ILE A 538 -28.21 -36.08 43.48
C ILE A 538 -26.84 -36.67 43.17
N ARG A 539 -26.02 -35.83 42.57
CA ARG A 539 -24.63 -36.11 42.28
C ARG A 539 -23.80 -35.25 43.22
N SER A 540 -22.92 -35.89 44.01
N SER A 540 -22.92 -35.89 44.01
CA SER A 540 -22.08 -35.20 44.95
CA SER A 540 -22.09 -35.21 44.97
C SER A 540 -20.63 -35.68 44.83
C SER A 540 -20.64 -35.68 44.84
N TYR A 541 -19.70 -34.76 45.13
CA TYR A 541 -18.27 -34.99 45.13
C TYR A 541 -17.73 -34.58 46.50
N THR A 542 -17.02 -35.51 47.15
CA THR A 542 -16.34 -35.28 48.40
C THR A 542 -14.85 -35.51 48.19
N LEU A 543 -14.06 -34.49 48.48
CA LEU A 543 -12.62 -34.63 48.40
C LEU A 543 -12.04 -34.68 49.80
N ASP A 544 -11.39 -35.80 50.15
CA ASP A 544 -10.60 -35.80 51.38
C ASP A 544 -9.12 -35.64 51.02
N ASP A 545 -8.24 -35.87 51.99
CA ASP A 545 -6.82 -35.65 51.79
C ASP A 545 -6.25 -36.65 50.79
N ARG A 546 -6.94 -37.75 50.49
CA ARG A 546 -6.39 -38.77 49.60
C ARG A 546 -7.31 -39.17 48.45
N LYS A 547 -8.62 -39.02 48.62
CA LYS A 547 -9.52 -39.60 47.65
C LYS A 547 -10.70 -38.71 47.34
N LEU A 548 -11.26 -38.97 46.15
CA LEU A 548 -12.44 -38.32 45.65
C LEU A 548 -13.54 -39.37 45.71
N THR A 549 -14.61 -39.06 46.44
CA THR A 549 -15.76 -39.94 46.47
C THR A 549 -16.86 -39.28 45.65
N ILE A 550 -17.38 -40.05 44.69
CA ILE A 550 -18.48 -39.58 43.84
C ILE A 550 -19.71 -40.39 44.22
N THR A 551 -20.85 -39.72 44.51
CA THR A 551 -22.08 -40.46 44.81
C THR A 551 -23.21 -39.99 43.92
N ASP A 552 -24.04 -40.98 43.59
CA ASP A 552 -25.33 -40.79 42.93
C ASP A 552 -26.41 -41.33 43.86
N SER A 553 -27.49 -40.58 44.01
CA SER A 553 -28.67 -40.96 44.78
C SER A 553 -29.90 -40.54 43.99
N TYR A 554 -30.76 -41.49 43.60
CA TYR A 554 -31.80 -41.19 42.63
C TYR A 554 -33.17 -41.75 43.03
N THR A 555 -34.20 -41.00 42.59
CA THR A 555 -35.58 -41.43 42.55
C THR A 555 -36.13 -41.22 41.13
N LEU A 556 -36.62 -42.30 40.52
CA LEU A 556 -37.23 -42.21 39.20
C LEU A 556 -38.74 -42.17 39.34
N GLU A 557 -39.43 -41.55 38.37
CA GLU A 557 -40.88 -41.69 38.28
C GLU A 557 -41.24 -43.14 37.97
N GLU A 558 -40.40 -43.74 37.11
CA GLU A 558 -40.66 -45.02 36.49
C GLU A 558 -39.32 -45.58 36.01
N ALA A 559 -39.07 -46.87 36.30
CA ALA A 559 -37.85 -47.51 35.85
C ALA A 559 -38.09 -48.11 34.45
N VAL A 560 -37.62 -47.41 33.42
CA VAL A 560 -37.85 -47.75 32.02
C VAL A 560 -36.72 -48.64 31.50
N ALA A 561 -35.47 -48.18 31.71
CA ALA A 561 -34.25 -48.78 31.17
C ALA A 561 -33.12 -48.66 32.20
N PRO A 562 -32.07 -49.52 32.16
CA PRO A 562 -30.98 -49.42 33.14
C PRO A 562 -30.27 -48.09 33.02
N ASN A 563 -29.83 -47.56 34.17
CA ASN A 563 -29.01 -46.37 34.16
C ASN A 563 -27.66 -46.75 33.57
N GLN A 564 -26.98 -45.80 32.94
CA GLN A 564 -25.58 -45.96 32.56
C GLN A 564 -24.77 -44.80 33.13
N VAL A 565 -23.55 -45.09 33.62
CA VAL A 565 -22.67 -44.06 34.11
C VAL A 565 -21.35 -44.08 33.34
N ASN A 566 -20.91 -42.91 32.88
CA ASN A 566 -19.73 -42.77 32.04
C ASN A 566 -18.64 -41.93 32.73
N PHE A 567 -17.38 -42.29 32.46
CA PHE A 567 -16.22 -41.51 32.81
C PHE A 567 -15.27 -41.40 31.60
N MET A 568 -14.69 -40.21 31.41
CA MET A 568 -13.79 -39.94 30.31
C MET A 568 -12.36 -39.91 30.81
N THR A 569 -11.44 -40.55 30.09
CA THR A 569 -10.05 -40.58 30.53
C THR A 569 -9.12 -40.78 29.33
N TRP A 570 -7.84 -40.99 29.65
CA TRP A 570 -6.81 -41.18 28.62
C TRP A 570 -5.62 -41.87 29.25
N GLY A 571 -4.58 -42.12 28.43
CA GLY A 571 -3.43 -42.89 28.86
C GLY A 571 -3.70 -44.40 28.85
N ASN A 572 -3.12 -45.07 29.86
CA ASN A 572 -3.06 -46.51 29.90
C ASN A 572 -4.06 -47.02 30.95
N VAL A 573 -5.16 -47.61 30.45
CA VAL A 573 -6.29 -47.98 31.27
C VAL A 573 -6.36 -49.49 31.41
N THR A 574 -6.46 -49.99 32.65
CA THR A 574 -6.52 -51.42 32.89
C THR A 574 -7.66 -51.76 33.85
N PHE A 575 -7.99 -53.06 33.87
CA PHE A 575 -9.12 -53.60 34.61
C PHE A 575 -8.63 -54.78 35.45
N PRO A 576 -7.88 -54.56 36.54
CA PRO A 576 -7.28 -55.67 37.28
C PRO A 576 -8.27 -56.64 37.91
N SER A 577 -9.50 -56.20 38.21
CA SER A 577 -10.53 -57.08 38.78
C SER A 577 -11.89 -56.40 38.73
N GLN A 578 -12.95 -57.21 38.96
CA GLN A 578 -14.31 -56.70 38.96
C GLN A 578 -14.42 -55.58 40.01
N GLY A 579 -14.94 -54.41 39.61
CA GLY A 579 -15.10 -53.27 40.51
C GLY A 579 -13.89 -52.35 40.52
N LYS A 580 -12.85 -52.67 39.72
CA LYS A 580 -11.61 -51.88 39.74
C LYS A 580 -11.13 -51.52 38.34
N ILE A 581 -10.75 -50.24 38.20
CA ILE A 581 -10.09 -49.71 37.00
C ILE A 581 -8.83 -48.98 37.44
N GLN A 582 -7.74 -49.14 36.70
CA GLN A 582 -6.54 -48.35 36.95
C GLN A 582 -6.26 -47.51 35.72
N ILE A 583 -5.83 -46.25 35.97
CA ILE A 583 -5.47 -45.31 34.95
C ILE A 583 -4.05 -44.81 35.24
N GLU A 584 -3.18 -44.96 34.24
CA GLU A 584 -1.81 -44.49 34.34
C GLU A 584 -1.57 -43.53 33.19
N VAL A 585 -1.30 -42.28 33.53
CA VAL A 585 -1.11 -41.30 32.48
C VAL A 585 -0.10 -40.24 32.93
N LYS A 586 0.87 -39.97 32.04
CA LYS A 586 1.89 -38.96 32.25
C LYS A 586 2.50 -39.02 33.66
N GLY A 587 2.83 -40.22 34.11
CA GLY A 587 3.52 -40.43 35.37
C GLY A 587 2.58 -40.51 36.56
N GLN A 588 1.26 -40.35 36.36
CA GLN A 588 0.31 -40.36 37.45
C GLN A 588 -0.45 -41.67 37.41
N LYS A 589 -0.92 -42.15 38.55
CA LYS A 589 -1.63 -43.41 38.56
C LYS A 589 -2.74 -43.41 39.62
N VAL A 590 -3.93 -43.87 39.22
CA VAL A 590 -5.09 -43.89 40.09
C VAL A 590 -5.80 -45.23 39.94
N GLU A 591 -6.60 -45.54 40.97
CA GLU A 591 -7.58 -46.61 40.92
C GLU A 591 -8.97 -46.00 41.06
N LEU A 592 -9.91 -46.48 40.23
CA LEU A 592 -11.31 -46.10 40.31
C LEU A 592 -12.10 -47.33 40.73
N ASP A 593 -12.69 -47.27 41.94
N ASP A 593 -12.71 -47.25 41.92
CA ASP A 593 -13.52 -48.32 42.48
CA ASP A 593 -13.54 -48.31 42.47
C ASP A 593 -14.97 -48.04 42.09
C ASP A 593 -14.98 -48.03 42.10
N TYR A 594 -15.64 -49.00 41.45
CA TYR A 594 -17.02 -48.82 41.03
C TYR A 594 -17.88 -49.99 41.52
N PRO A 595 -19.21 -49.79 41.71
CA PRO A 595 -20.10 -50.86 42.17
C PRO A 595 -20.10 -52.08 41.26
N THR A 596 -20.02 -53.30 41.83
CA THR A 596 -19.77 -54.50 41.05
C THR A 596 -21.00 -54.92 40.24
N LEU A 597 -22.20 -54.37 40.55
CA LEU A 597 -23.38 -54.48 39.70
C LEU A 597 -23.14 -54.01 38.27
N PHE A 598 -22.09 -53.19 38.04
CA PHE A 598 -21.81 -52.64 36.73
C PHE A 598 -20.83 -53.53 35.96
N LYS A 599 -21.05 -53.64 34.65
CA LYS A 599 -20.05 -54.16 33.74
C LYS A 599 -19.33 -52.99 33.06
N ALA A 600 -18.00 -52.96 33.19
CA ALA A 600 -17.16 -51.88 32.71
C ALA A 600 -16.58 -52.23 31.34
N GLU A 601 -16.72 -51.33 30.36
CA GLU A 601 -16.12 -51.49 29.05
C GLU A 601 -15.37 -50.19 28.71
N LEU A 602 -14.37 -50.30 27.84
CA LEU A 602 -13.53 -49.16 27.50
C LEU A 602 -13.74 -48.85 26.03
N GLU A 603 -14.24 -47.67 25.71
CA GLU A 603 -14.46 -47.30 24.33
C GLU A 603 -13.34 -46.40 23.87
N THR A 604 -12.70 -46.79 22.76
CA THR A 604 -11.64 -46.00 22.16
C THR A 604 -12.27 -44.91 21.31
N ILE A 605 -11.78 -43.68 21.49
CA ILE A 605 -12.18 -42.54 20.66
C ILE A 605 -10.94 -42.02 19.97
N GLN A 606 -10.71 -42.50 18.74
CA GLN A 606 -9.62 -42.08 17.89
C GLN A 606 -9.88 -40.64 17.53
N LEU A 607 -8.88 -39.75 17.64
CA LEU A 607 -9.13 -38.33 17.44
C LEU A 607 -8.56 -37.89 16.08
N ASP A 608 -9.46 -37.75 15.07
CA ASP A 608 -9.18 -37.19 13.75
C ASP A 608 -8.99 -35.68 13.74
N ASP A 609 -9.74 -35.02 14.62
CA ASP A 609 -9.75 -33.57 14.63
C ASP A 609 -8.50 -33.03 15.32
N PRO A 610 -7.65 -32.26 14.62
CA PRO A 610 -6.40 -31.76 15.21
C PRO A 610 -6.57 -30.86 16.43
N ARG A 611 -7.70 -30.14 16.51
CA ARG A 611 -7.92 -29.29 17.64
C ARG A 611 -7.99 -30.13 18.93
N LEU A 612 -8.47 -31.38 18.80
CA LEU A 612 -8.52 -32.31 19.91
C LEU A 612 -7.21 -33.09 20.05
N SER A 613 -6.71 -33.65 18.97
CA SER A 613 -5.51 -34.47 19.02
C SER A 613 -4.28 -33.66 19.41
N ASN A 614 -4.25 -32.35 19.14
CA ASN A 614 -3.14 -31.51 19.59
C ASN A 614 -3.11 -31.37 21.12
N VAL A 615 -4.24 -31.60 21.79
CA VAL A 615 -4.32 -31.57 23.25
C VAL A 615 -4.08 -32.97 23.82
N TRP A 616 -4.83 -33.96 23.32
CA TRP A 616 -4.92 -35.25 23.98
C TRP A 616 -4.08 -36.34 23.31
N GLY A 617 -3.52 -36.09 22.14
CA GLY A 617 -2.85 -37.13 21.35
C GLY A 617 -3.83 -37.87 20.45
N LYS A 618 -3.55 -39.14 20.19
CA LYS A 618 -4.18 -39.91 19.12
C LYS A 618 -5.59 -40.37 19.52
N GLU A 619 -5.84 -40.62 20.82
CA GLU A 619 -7.10 -41.19 21.25
C GLU A 619 -7.32 -40.90 22.74
N ILE A 620 -8.60 -40.89 23.13
CA ILE A 620 -9.04 -40.86 24.51
C ILE A 620 -10.07 -41.96 24.65
N TYR A 621 -10.61 -42.14 25.87
CA TYR A 621 -11.47 -43.27 26.14
C TYR A 621 -12.72 -42.78 26.85
N ARG A 622 -13.82 -43.48 26.60
CA ARG A 622 -14.94 -43.44 27.51
C ARG A 622 -15.03 -44.79 28.20
N ILE A 623 -14.97 -44.76 29.53
CA ILE A 623 -15.35 -45.89 30.36
C ILE A 623 -16.87 -45.87 30.50
N THR A 624 -17.51 -46.97 30.06
CA THR A 624 -18.95 -47.16 30.21
C THR A 624 -19.21 -48.17 31.33
N LEU A 625 -20.16 -47.83 32.21
CA LEU A 625 -20.59 -48.70 33.28
C LEU A 625 -22.06 -49.02 33.05
N LYS A 626 -22.35 -50.30 32.80
CA LYS A 626 -23.66 -50.71 32.37
C LYS A 626 -24.15 -51.79 33.34
N THR A 627 -25.48 -51.95 33.42
CA THR A 627 -26.10 -52.91 34.31
C THR A 627 -27.41 -53.40 33.70
N ASN A 628 -27.87 -54.56 34.16
CA ASN A 628 -29.21 -55.06 33.84
C ASN A 628 -30.23 -54.63 34.90
N GLU A 629 -29.77 -54.21 36.08
CA GLU A 629 -30.61 -53.67 37.13
C GLU A 629 -31.58 -52.60 36.61
N LYS A 630 -32.76 -52.53 37.23
CA LYS A 630 -33.72 -51.47 36.95
C LYS A 630 -34.59 -51.31 38.20
N LYS A 631 -34.54 -50.14 38.85
CA LYS A 631 -35.21 -49.90 40.11
C LYS A 631 -35.56 -48.43 40.18
N GLU A 632 -36.64 -48.09 40.91
CA GLU A 632 -37.12 -46.72 40.97
C GLU A 632 -36.22 -45.88 41.88
N THR A 633 -35.58 -46.51 42.87
CA THR A 633 -34.60 -45.80 43.69
C THR A 633 -33.31 -46.60 43.80
N GLY A 634 -32.24 -45.87 44.07
CA GLY A 634 -30.96 -46.48 44.33
C GLY A 634 -29.85 -45.44 44.42
N ASN A 635 -28.63 -45.96 44.62
CA ASN A 635 -27.47 -45.10 44.74
C ASN A 635 -26.19 -45.84 44.35
N TYR A 636 -25.21 -45.07 43.89
CA TYR A 636 -23.91 -45.56 43.46
C TYR A 636 -22.85 -44.76 44.20
N LYS A 637 -21.76 -45.44 44.59
CA LYS A 637 -20.58 -44.79 45.12
C LYS A 637 -19.39 -45.15 44.23
N PHE A 638 -18.57 -44.17 43.87
CA PHE A 638 -17.32 -44.42 43.18
C PHE A 638 -16.21 -43.73 43.95
N VAL A 639 -15.04 -44.39 44.05
CA VAL A 639 -13.94 -43.83 44.78
C VAL A 639 -12.71 -43.81 43.87
N ILE A 640 -12.00 -42.66 43.85
CA ILE A 640 -10.79 -42.52 43.05
C ILE A 640 -9.66 -42.10 43.96
N GLN A 641 -8.57 -42.91 43.95
CA GLN A 641 -7.40 -42.57 44.73
C GLN A 641 -6.12 -42.86 43.95
N GLN A 642 -5.03 -42.22 44.35
CA GLN A 642 -3.73 -42.47 43.78
C GLN A 642 -3.18 -43.79 44.32
N ILE A 643 -2.47 -44.53 43.44
CA ILE A 643 -1.90 -45.83 43.79
C ILE A 643 -0.43 -45.85 43.41
N THR B 27 3.56 34.95 -31.26
CA THR B 27 2.61 35.43 -32.29
C THR B 27 1.20 35.03 -31.88
N GLU B 28 0.26 35.98 -31.90
CA GLU B 28 -1.12 35.70 -31.53
C GLU B 28 -1.91 35.12 -32.71
N ARG B 29 -1.72 33.83 -32.97
CA ARG B 29 -2.51 33.11 -33.96
C ARG B 29 -3.87 32.79 -33.39
N ASP B 30 -3.91 32.29 -32.13
CA ASP B 30 -5.17 31.91 -31.50
C ASP B 30 -6.06 31.05 -32.41
N MET B 31 -5.48 30.01 -33.00
CA MET B 31 -6.16 29.20 -33.99
C MET B 31 -7.33 28.43 -33.39
N LEU B 32 -7.20 27.93 -32.17
CA LEU B 32 -8.31 27.21 -31.55
C LEU B 32 -9.46 28.16 -31.21
N GLN B 33 -9.14 29.31 -30.61
CA GLN B 33 -10.17 30.29 -30.28
C GLN B 33 -10.85 30.83 -31.53
N LYS B 34 -10.13 30.89 -32.65
CA LYS B 34 -10.71 31.30 -33.91
C LYS B 34 -11.66 30.21 -34.42
N ALA B 35 -11.40 28.95 -34.08
CA ALA B 35 -12.24 27.87 -34.59
C ALA B 35 -13.57 27.76 -33.84
N ALA B 36 -13.65 28.21 -32.58
CA ALA B 36 -14.90 28.15 -31.83
C ALA B 36 -14.79 28.98 -30.56
N ASP B 37 -15.93 29.50 -30.08
CA ASP B 37 -16.02 30.02 -28.72
C ASP B 37 -16.75 28.97 -27.89
N GLU B 38 -17.01 29.27 -26.62
CA GLU B 38 -17.62 28.31 -25.71
C GLU B 38 -19.00 27.88 -26.19
N THR B 39 -19.76 28.82 -26.78
CA THR B 39 -21.13 28.54 -27.22
C THR B 39 -21.10 27.60 -28.41
N THR B 40 -20.27 27.90 -29.43
CA THR B 40 -20.29 27.05 -30.62
C THR B 40 -19.71 25.69 -30.26
N LEU B 41 -18.74 25.66 -29.34
CA LEU B 41 -18.15 24.41 -28.89
C LEU B 41 -19.23 23.53 -28.26
N LYS B 42 -20.07 24.12 -27.42
CA LYS B 42 -21.12 23.38 -26.74
C LYS B 42 -22.09 22.72 -27.73
N ASN B 43 -22.32 23.35 -28.89
CA ASN B 43 -23.18 22.81 -29.92
C ASN B 43 -22.55 21.62 -30.66
N VAL B 44 -21.22 21.45 -30.62
CA VAL B 44 -20.61 20.37 -31.41
C VAL B 44 -19.96 19.32 -30.52
N LEU B 45 -19.94 19.53 -29.19
CA LEU B 45 -19.39 18.55 -28.27
C LEU B 45 -20.22 17.28 -28.39
N VAL B 46 -19.57 16.12 -28.35
CA VAL B 46 -20.25 14.85 -28.43
C VAL B 46 -20.40 14.26 -27.03
N MET B 47 -21.64 14.08 -26.59
CA MET B 47 -21.92 13.75 -25.19
C MET B 47 -21.94 12.22 -25.04
N LYS B 48 -21.97 11.80 -23.77
CA LYS B 48 -22.15 10.42 -23.39
C LYS B 48 -21.07 9.53 -23.99
N GLN B 49 -19.86 10.09 -24.20
CA GLN B 49 -18.74 9.30 -24.70
C GLN B 49 -19.04 8.64 -26.03
N ALA B 50 -19.97 9.19 -26.83
CA ALA B 50 -20.29 8.60 -28.12
C ALA B 50 -19.12 8.77 -29.11
N TRP B 51 -18.16 9.63 -28.78
CA TRP B 51 -16.97 9.85 -29.61
C TRP B 51 -15.96 8.70 -29.53
N VAL B 52 -16.11 7.78 -28.58
CA VAL B 52 -15.09 6.78 -28.34
C VAL B 52 -14.95 5.89 -29.57
N PRO B 53 -13.74 5.77 -30.16
CA PRO B 53 -13.57 5.00 -31.39
C PRO B 53 -13.39 3.49 -31.20
N TYR B 54 -13.38 3.00 -29.96
CA TYR B 54 -13.03 1.62 -29.69
C TYR B 54 -14.32 0.86 -29.50
N PRO B 55 -14.37 -0.44 -29.80
CA PRO B 55 -15.56 -1.23 -29.50
C PRO B 55 -15.83 -1.36 -28.00
N ALA B 56 -17.10 -1.61 -27.68
CA ALA B 56 -17.51 -1.96 -26.33
C ALA B 56 -16.73 -3.18 -25.85
N TYR B 57 -16.41 -3.18 -24.54
CA TYR B 57 -15.72 -4.28 -23.93
C TYR B 57 -16.34 -5.62 -24.29
N THR B 58 -17.69 -5.69 -24.37
CA THR B 58 -18.41 -6.96 -24.48
C THR B 58 -18.50 -7.43 -25.92
N ASP B 59 -18.01 -6.64 -26.87
CA ASP B 59 -18.07 -6.99 -28.28
C ASP B 59 -16.78 -7.72 -28.67
N ARG B 60 -16.73 -9.03 -28.35
CA ARG B 60 -15.56 -9.86 -28.58
C ARG B 60 -15.12 -9.87 -30.05
N ALA B 61 -16.08 -10.07 -30.97
CA ALA B 61 -15.79 -10.19 -32.38
C ALA B 61 -15.13 -8.92 -32.90
N ALA B 62 -15.63 -7.74 -32.50
CA ALA B 62 -15.04 -6.50 -32.97
C ALA B 62 -13.63 -6.31 -32.40
N TRP B 63 -13.41 -6.73 -31.15
CA TRP B 63 -12.07 -6.62 -30.59
C TRP B 63 -11.11 -7.58 -31.31
N ASP B 64 -11.57 -8.79 -31.64
CA ASP B 64 -10.73 -9.74 -32.36
C ASP B 64 -10.29 -9.18 -33.72
N SER B 65 -11.21 -8.47 -34.40
CA SER B 65 -10.92 -7.91 -35.71
C SER B 65 -9.90 -6.79 -35.58
N LEU B 66 -10.18 -5.86 -34.66
CA LEU B 66 -9.30 -4.74 -34.43
C LEU B 66 -7.89 -5.20 -34.02
N MET B 67 -7.83 -6.18 -33.12
CA MET B 67 -6.60 -6.59 -32.47
C MET B 67 -5.69 -7.32 -33.46
N GLY B 68 -6.25 -8.22 -34.27
CA GLY B 68 -5.40 -9.05 -35.11
C GLY B 68 -4.38 -9.81 -34.28
N SER B 69 -3.12 -9.79 -34.73
CA SER B 69 -2.03 -10.52 -34.09
C SER B 69 -1.60 -9.88 -32.75
N ASN B 70 -2.08 -8.68 -32.41
CA ASN B 70 -1.81 -8.10 -31.11
C ASN B 70 -2.47 -8.93 -29.99
N LYS B 71 -3.53 -9.66 -30.32
CA LYS B 71 -4.33 -10.35 -29.32
C LYS B 71 -3.48 -11.29 -28.45
N GLN B 72 -2.79 -12.25 -29.07
CA GLN B 72 -2.03 -13.25 -28.34
C GLN B 72 -0.92 -12.59 -27.53
N ARG B 73 -0.28 -11.57 -28.11
CA ARG B 73 0.84 -10.91 -27.43
C ARG B 73 0.37 -10.12 -26.19
N LEU B 74 -0.79 -9.45 -26.28
CA LEU B 74 -1.30 -8.66 -25.17
C LEU B 74 -1.78 -9.58 -24.06
N ILE B 75 -2.42 -10.70 -24.43
CA ILE B 75 -2.84 -11.69 -23.45
C ILE B 75 -1.64 -12.24 -22.68
N ALA B 76 -0.55 -12.56 -23.40
CA ALA B 76 0.66 -13.06 -22.76
C ALA B 76 1.29 -12.03 -21.82
N ALA B 77 1.22 -10.74 -22.18
CA ALA B 77 1.74 -9.66 -21.35
C ALA B 77 0.89 -9.50 -20.08
N GLY B 78 -0.42 -9.68 -20.21
CA GLY B 78 -1.31 -9.67 -19.06
C GLY B 78 -1.04 -10.85 -18.13
N GLU B 79 -0.75 -12.02 -18.70
CA GLU B 79 -0.56 -13.23 -17.93
C GLU B 79 0.64 -13.05 -17.00
N LYS B 80 1.66 -12.32 -17.47
CA LYS B 80 2.85 -12.06 -16.68
C LYS B 80 2.54 -11.17 -15.50
N LEU B 81 1.37 -10.50 -15.47
CA LEU B 81 1.03 -9.61 -14.37
C LEU B 81 -0.05 -10.18 -13.46
N LEU B 82 -0.44 -11.43 -13.66
CA LEU B 82 -1.50 -12.01 -12.86
C LEU B 82 -1.12 -12.04 -11.38
N ASP B 83 0.17 -12.22 -11.05
CA ASP B 83 0.64 -12.17 -9.67
C ASP B 83 1.47 -10.90 -9.36
N TYR B 84 1.36 -9.87 -10.17
CA TYR B 84 2.02 -8.59 -9.91
C TYR B 84 1.58 -8.01 -8.57
N LYS B 85 2.56 -7.67 -7.72
CA LYS B 85 2.29 -7.02 -6.44
C LYS B 85 2.36 -5.52 -6.62
N TRP B 86 1.23 -4.85 -6.38
CA TRP B 86 1.15 -3.41 -6.54
C TRP B 86 2.11 -2.76 -5.54
N GLN B 87 2.97 -1.87 -6.02
CA GLN B 87 4.06 -1.36 -5.20
C GLN B 87 3.63 -0.08 -4.50
N LEU B 88 3.81 -0.13 -3.19
CA LEU B 88 3.60 0.99 -2.31
C LEU B 88 4.75 1.99 -2.48
N ILE B 89 4.44 3.28 -2.45
CA ILE B 89 5.53 4.25 -2.47
C ILE B 89 5.67 4.87 -1.09
N PRO B 90 6.76 4.60 -0.36
CA PRO B 90 6.87 5.08 1.00
C PRO B 90 7.15 6.58 1.04
N ALA B 91 6.75 7.20 2.16
CA ALA B 91 6.99 8.62 2.36
C ALA B 91 8.46 8.96 2.12
N THR B 92 9.39 8.11 2.56
CA THR B 92 10.81 8.39 2.43
C THR B 92 11.20 8.51 0.96
N ALA B 93 10.50 7.83 0.04
CA ALA B 93 10.88 7.95 -1.35
C ALA B 93 10.62 9.38 -1.87
N TYR B 94 9.55 10.01 -1.39
CA TYR B 94 9.26 11.39 -1.77
C TYR B 94 10.22 12.35 -1.04
N LEU B 95 10.50 12.09 0.24
CA LEU B 95 11.40 12.91 1.03
C LEU B 95 12.82 12.92 0.42
N GLU B 96 13.19 11.82 -0.25
CA GLU B 96 14.52 11.67 -0.80
C GLU B 96 14.81 12.75 -1.86
N TYR B 97 13.76 13.27 -2.51
CA TYR B 97 13.92 14.31 -3.48
C TYR B 97 14.52 15.57 -2.83
N GLU B 98 14.00 15.95 -1.66
CA GLU B 98 14.51 17.05 -0.85
C GLU B 98 15.90 16.75 -0.29
N ARG B 99 16.11 15.52 0.17
CA ARG B 99 17.35 15.19 0.84
C ARG B 99 18.53 15.18 -0.15
N THR B 100 18.35 14.58 -1.33
CA THR B 100 19.48 14.26 -2.18
C THR B 100 19.18 14.61 -3.62
N GLY B 101 17.93 14.91 -3.95
CA GLY B 101 17.57 15.16 -5.34
C GLY B 101 17.25 13.90 -6.12
N ASN B 102 17.20 12.77 -5.43
CA ASN B 102 16.90 11.50 -6.08
C ASN B 102 15.40 11.45 -6.48
N ARG B 103 15.14 11.25 -7.76
CA ARG B 103 13.78 11.15 -8.27
C ARG B 103 13.38 9.69 -8.53
N LYS B 104 14.36 8.87 -8.94
CA LYS B 104 14.08 7.52 -9.43
C LYS B 104 13.55 6.61 -8.31
N ILE B 105 13.95 6.85 -7.05
CA ILE B 105 13.49 6.06 -5.93
C ILE B 105 11.96 6.07 -5.85
N MET B 106 11.33 7.18 -6.24
CA MET B 106 9.89 7.28 -6.26
C MET B 106 9.33 6.85 -7.63
N GLU B 107 10.01 7.22 -8.74
CA GLU B 107 9.43 7.10 -10.06
C GLU B 107 9.40 5.66 -10.56
N VAL B 108 10.36 4.83 -10.15
CA VAL B 108 10.45 3.47 -10.64
C VAL B 108 9.22 2.67 -10.18
N PRO B 109 8.87 2.58 -8.88
CA PRO B 109 7.65 1.83 -8.51
C PRO B 109 6.39 2.46 -9.08
N TYR B 110 6.33 3.79 -9.12
CA TYR B 110 5.19 4.49 -9.70
C TYR B 110 4.98 4.05 -11.15
N ASP B 111 6.04 4.13 -11.96
CA ASP B 111 5.95 3.81 -13.38
C ASP B 111 5.67 2.33 -13.60
N ALA B 112 6.20 1.46 -12.74
CA ALA B 112 5.90 0.04 -12.79
C ALA B 112 4.40 -0.20 -12.59
N ASN B 113 3.81 0.49 -11.60
CA ASN B 113 2.38 0.39 -11.36
C ASN B 113 1.60 0.88 -12.59
N ARG B 114 1.95 2.06 -13.13
CA ARG B 114 1.18 2.61 -14.23
C ARG B 114 1.28 1.69 -15.45
N GLN B 115 2.46 1.15 -15.71
CA GLN B 115 2.64 0.26 -16.84
C GLN B 115 1.82 -1.02 -16.64
N ALA B 116 1.80 -1.58 -15.41
CA ALA B 116 1.05 -2.79 -15.13
C ALA B 116 -0.44 -2.58 -15.42
N LEU B 117 -0.95 -1.46 -14.96
CA LEU B 117 -2.35 -1.12 -15.11
C LEU B 117 -2.72 -0.94 -16.59
N ASN B 118 -1.86 -0.22 -17.33
CA ASN B 118 -2.09 -0.05 -18.77
C ASN B 118 -2.04 -1.41 -19.48
N THR B 119 -1.07 -2.27 -19.15
CA THR B 119 -0.92 -3.57 -19.81
C THR B 119 -2.15 -4.43 -19.52
N LEU B 120 -2.59 -4.45 -18.26
CA LEU B 120 -3.75 -5.22 -17.86
C LEU B 120 -4.99 -4.76 -18.59
N MET B 121 -5.15 -3.45 -18.79
CA MET B 121 -6.26 -2.93 -19.57
C MET B 121 -6.27 -3.55 -20.98
N LEU B 122 -5.13 -3.47 -21.67
CA LEU B 122 -5.01 -3.98 -23.04
C LEU B 122 -5.25 -5.48 -23.08
N ALA B 123 -4.72 -6.21 -22.08
CA ALA B 123 -4.87 -7.65 -22.03
C ALA B 123 -6.34 -8.04 -21.86
N GLU B 124 -7.07 -7.31 -21.02
CA GLU B 124 -8.46 -7.61 -20.76
C GLU B 124 -9.32 -7.26 -21.98
N LEU B 125 -9.00 -6.16 -22.66
CA LEU B 125 -9.66 -5.83 -23.91
C LEU B 125 -9.41 -6.91 -24.97
N ALA B 126 -8.19 -7.46 -24.98
CA ALA B 126 -7.78 -8.47 -25.93
C ALA B 126 -8.52 -9.79 -25.69
N GLU B 127 -8.65 -10.21 -24.42
CA GLU B 127 -9.14 -11.53 -24.07
C GLU B 127 -10.64 -11.53 -23.79
N GLY B 128 -11.10 -10.60 -22.94
CA GLY B 128 -12.51 -10.39 -22.64
C GLY B 128 -13.12 -11.54 -21.84
N LYS B 129 -12.31 -12.30 -21.10
CA LYS B 129 -12.78 -13.44 -20.34
C LYS B 129 -12.90 -13.12 -18.84
N GLY B 130 -12.52 -11.90 -18.44
CA GLY B 130 -12.64 -11.47 -17.05
C GLY B 130 -11.43 -11.86 -16.23
N ARG B 131 -10.41 -12.47 -16.86
CA ARG B 131 -9.29 -13.02 -16.13
C ARG B 131 -8.43 -11.92 -15.47
N PHE B 132 -8.40 -10.72 -16.05
CA PHE B 132 -7.50 -9.65 -15.61
C PHE B 132 -8.27 -8.61 -14.80
N ILE B 133 -9.58 -8.84 -14.58
CA ILE B 133 -10.44 -7.85 -13.94
C ILE B 133 -10.02 -7.63 -12.48
N ASP B 134 -9.69 -8.71 -11.76
CA ASP B 134 -9.30 -8.63 -10.36
C ASP B 134 -8.05 -7.75 -10.21
N GLN B 135 -7.06 -7.90 -11.09
CA GLN B 135 -5.85 -7.11 -11.04
C GLN B 135 -6.11 -5.67 -11.47
N LEU B 136 -7.00 -5.46 -12.43
CA LEU B 136 -7.41 -4.11 -12.82
C LEU B 136 -8.06 -3.41 -11.63
N LEU B 137 -8.95 -4.13 -10.95
CA LEU B 137 -9.62 -3.59 -9.78
C LEU B 137 -8.64 -3.28 -8.65
N ASN B 138 -7.66 -4.17 -8.41
CA ASN B 138 -6.62 -3.96 -7.42
C ASN B 138 -5.82 -2.68 -7.71
N GLY B 139 -5.40 -2.53 -8.98
CA GLY B 139 -4.60 -1.40 -9.41
C GLY B 139 -5.36 -0.10 -9.25
N ALA B 140 -6.64 -0.10 -9.63
CA ALA B 140 -7.48 1.07 -9.53
C ALA B 140 -7.69 1.44 -8.05
N TYR B 141 -7.96 0.42 -7.22
CA TYR B 141 -8.24 0.67 -5.80
C TYR B 141 -6.99 1.23 -5.12
N MET B 142 -5.84 0.57 -5.34
CA MET B 142 -4.55 1.00 -4.82
C MET B 142 -4.32 2.46 -5.22
N SER B 143 -4.61 2.78 -6.48
CA SER B 143 -4.36 4.12 -7.01
C SER B 143 -5.22 5.18 -6.29
N CYS B 144 -6.44 4.83 -5.90
CA CYS B 144 -7.31 5.76 -5.19
C CYS B 144 -6.81 6.00 -3.77
N GLU B 145 -6.14 5.01 -3.16
CA GLU B 145 -5.66 5.11 -1.79
C GLU B 145 -4.43 6.04 -1.66
N MET B 146 -3.61 6.10 -2.71
CA MET B 146 -2.48 7.05 -2.78
C MET B 146 -3.01 8.46 -2.54
N ASN B 147 -2.28 9.28 -1.79
CA ASN B 147 -2.67 10.65 -1.53
C ASN B 147 -2.62 11.49 -2.81
N SER B 148 -1.76 11.14 -3.78
CA SER B 148 -1.51 11.99 -4.95
C SER B 148 -0.91 11.15 -6.07
N TRP B 149 -1.11 11.59 -7.31
CA TRP B 149 -0.45 10.95 -8.44
C TRP B 149 0.68 11.81 -9.01
N VAL B 150 1.04 12.89 -8.31
CA VAL B 150 2.09 13.80 -8.76
C VAL B 150 3.47 13.23 -8.41
N LEU B 151 4.43 13.39 -9.32
CA LEU B 151 5.80 12.98 -9.08
C LEU B 151 6.42 13.79 -7.95
N SER B 152 7.37 13.15 -7.23
CA SER B 152 8.07 13.78 -6.12
C SER B 152 8.84 15.03 -6.57
N ALA B 153 9.42 14.99 -7.76
CA ALA B 153 10.16 16.15 -8.28
C ALA B 153 9.23 17.33 -8.61
N HIS B 154 7.93 17.07 -8.78
CA HIS B 154 6.97 18.07 -9.25
C HIS B 154 6.08 18.58 -8.13
N LEU B 155 5.93 17.80 -7.05
CA LEU B 155 5.12 18.21 -5.93
C LEU B 155 5.59 19.54 -5.32
N PRO B 156 6.89 19.90 -5.33
CA PRO B 156 7.32 21.20 -4.79
C PRO B 156 6.71 22.45 -5.43
N ARG B 157 5.93 22.31 -6.51
CA ARG B 157 5.14 23.42 -7.04
C ARG B 157 3.82 23.59 -6.30
N GLN B 158 3.51 22.69 -5.34
CA GLN B 158 2.34 22.90 -4.51
C GLN B 158 2.62 24.06 -3.57
N SER B 159 1.57 24.56 -2.89
CA SER B 159 1.61 25.71 -1.99
C SER B 159 2.68 25.55 -0.92
N SER B 160 2.70 24.39 -0.27
CA SER B 160 3.66 24.15 0.80
C SER B 160 5.08 24.08 0.26
N LYS B 161 5.25 23.85 -1.05
CA LYS B 161 6.54 23.68 -1.71
C LYS B 161 7.31 22.43 -1.23
N ARG B 162 6.59 21.39 -0.74
CA ARG B 162 7.23 20.17 -0.25
C ARG B 162 7.14 19.06 -1.30
N SER B 163 8.02 18.06 -1.15
CA SER B 163 8.08 16.97 -2.12
C SER B 163 7.12 15.82 -1.77
N LEU B 164 6.46 15.88 -0.61
CA LEU B 164 5.55 14.84 -0.16
C LEU B 164 4.13 15.27 -0.48
N PRO B 165 3.21 14.35 -0.88
CA PRO B 165 1.82 14.71 -1.08
C PRO B 165 1.25 15.32 0.19
N ASP B 166 0.43 16.36 0.01
CA ASP B 166 -0.32 16.98 1.09
C ASP B 166 -1.79 16.77 0.73
N PHE B 167 -2.49 15.97 1.55
CA PHE B 167 -3.87 15.58 1.27
C PHE B 167 -4.79 16.79 1.08
N ARG B 168 -4.40 17.97 1.57
CA ARG B 168 -5.22 19.16 1.43
C ARG B 168 -5.18 19.79 0.04
N GLU B 169 -4.25 19.42 -0.85
CA GLU B 169 -4.16 20.12 -2.12
C GLU B 169 -3.74 19.16 -3.23
N GLN B 170 -4.29 19.35 -4.41
CA GLN B 170 -3.87 18.61 -5.59
C GLN B 170 -3.38 19.59 -6.63
N ILE B 171 -2.24 19.29 -7.25
CA ILE B 171 -1.86 19.98 -8.48
C ILE B 171 -1.81 18.93 -9.56
N ILE B 172 -1.55 19.35 -10.81
CA ILE B 172 -1.36 18.45 -11.94
C ILE B 172 0.05 18.61 -12.49
N ASP B 173 0.71 17.49 -12.78
CA ASP B 173 1.99 17.44 -13.44
C ASP B 173 1.89 16.42 -14.57
N LEU B 174 3.01 16.16 -15.25
CA LEU B 174 3.03 15.22 -16.36
C LEU B 174 2.48 13.85 -15.94
N GLY B 175 3.02 13.36 -14.82
CA GLY B 175 2.67 12.04 -14.31
C GLY B 175 1.17 11.94 -13.96
N SER B 176 0.69 12.87 -13.14
CA SER B 176 -0.65 12.83 -12.59
C SER B 176 -1.70 12.89 -13.69
N GLY B 177 -1.44 13.71 -14.73
CA GLY B 177 -2.33 13.78 -15.87
C GLY B 177 -2.43 12.45 -16.61
N GLY B 178 -1.29 11.79 -16.81
CA GLY B 178 -1.28 10.51 -17.49
C GLY B 178 -1.95 9.46 -16.60
N TYR B 179 -1.69 9.53 -15.29
CA TYR B 179 -2.26 8.58 -14.36
C TYR B 179 -3.79 8.71 -14.39
N GLY B 180 -4.26 9.96 -14.37
CA GLY B 180 -5.66 10.30 -14.40
C GLY B 180 -6.36 9.79 -15.65
N ALA B 181 -5.76 10.05 -16.83
CA ALA B 181 -6.30 9.60 -18.10
C ALA B 181 -6.37 8.08 -18.14
N LEU B 182 -5.31 7.38 -17.71
CA LEU B 182 -5.34 5.92 -17.61
C LEU B 182 -6.52 5.47 -16.73
N MET B 183 -6.65 6.05 -15.54
CA MET B 183 -7.74 5.70 -14.61
C MET B 183 -9.11 5.95 -15.25
N ALA B 184 -9.24 7.05 -15.99
CA ALA B 184 -10.47 7.37 -16.69
C ALA B 184 -10.78 6.29 -17.73
N TRP B 185 -9.78 5.86 -18.50
CA TRP B 185 -10.02 4.81 -19.48
C TRP B 185 -10.37 3.48 -18.81
N VAL B 186 -9.71 3.14 -17.69
CA VAL B 186 -10.04 1.92 -16.95
C VAL B 186 -11.50 1.98 -16.49
N HIS B 187 -11.89 3.13 -15.97
CA HIS B 187 -13.26 3.36 -15.53
C HIS B 187 -14.24 3.18 -16.70
N TYR B 188 -13.92 3.75 -17.86
CA TYR B 188 -14.77 3.74 -19.03
C TYR B 188 -14.98 2.31 -19.49
N PHE B 189 -13.90 1.53 -19.64
CA PHE B 189 -14.06 0.19 -20.17
C PHE B 189 -14.64 -0.78 -19.15
N PHE B 190 -14.31 -0.66 -17.86
CA PHE B 190 -14.56 -1.77 -16.96
C PHE B 190 -15.52 -1.42 -15.81
N ARG B 191 -16.21 -0.29 -15.89
CA ARG B 191 -17.11 0.11 -14.82
C ARG B 191 -18.14 -1.01 -14.56
N LYS B 192 -18.65 -1.64 -15.61
CA LYS B 192 -19.73 -2.63 -15.43
C LYS B 192 -19.24 -3.86 -14.69
N PRO B 193 -18.16 -4.55 -15.13
CA PRO B 193 -17.64 -5.67 -14.35
C PRO B 193 -17.11 -5.31 -12.97
N PHE B 194 -16.50 -4.11 -12.84
CA PHE B 194 -16.11 -3.64 -11.51
C PHE B 194 -17.35 -3.54 -10.60
N ASP B 195 -18.42 -2.90 -11.07
CA ASP B 195 -19.60 -2.68 -10.22
C ASP B 195 -20.26 -3.99 -9.80
N LYS B 196 -20.18 -5.01 -10.67
CA LYS B 196 -20.69 -6.32 -10.36
C LYS B 196 -19.94 -6.91 -9.17
N ILE B 197 -18.65 -6.62 -9.06
CA ILE B 197 -17.85 -7.10 -7.95
C ILE B 197 -18.15 -6.25 -6.71
N ASN B 198 -18.03 -4.92 -6.83
CA ASN B 198 -18.34 -3.99 -5.74
C ASN B 198 -18.37 -2.58 -6.32
N PRO B 199 -19.55 -1.91 -6.35
CA PRO B 199 -19.63 -0.59 -6.95
C PRO B 199 -18.81 0.55 -6.33
N VAL B 200 -18.25 0.36 -5.13
CA VAL B 200 -17.54 1.43 -4.44
C VAL B 200 -16.19 1.72 -5.14
N VAL B 201 -15.65 0.77 -5.91
CA VAL B 201 -14.38 0.99 -6.59
C VAL B 201 -14.55 2.07 -7.65
N SER B 202 -15.54 1.92 -8.54
CA SER B 202 -15.77 2.90 -9.60
C SER B 202 -16.10 4.25 -9.00
N LEU B 203 -16.89 4.24 -7.90
CA LEU B 203 -17.29 5.45 -7.21
C LEU B 203 -16.07 6.24 -6.76
N GLN B 204 -15.13 5.54 -6.14
CA GLN B 204 -13.92 6.18 -5.62
C GLN B 204 -13.03 6.66 -6.77
N MET B 205 -13.03 5.95 -7.90
CA MET B 205 -12.28 6.35 -9.09
C MET B 205 -12.82 7.69 -9.59
N ARG B 206 -14.15 7.84 -9.61
CA ARG B 206 -14.79 9.06 -10.06
C ARG B 206 -14.42 10.21 -9.13
N LYS B 207 -14.45 9.98 -7.81
CA LYS B 207 -14.03 10.99 -6.85
C LYS B 207 -12.56 11.34 -7.06
N ALA B 208 -11.68 10.34 -7.21
CA ALA B 208 -10.26 10.59 -7.34
C ALA B 208 -9.94 11.44 -8.58
N ILE B 209 -10.58 11.11 -9.71
CA ILE B 209 -10.32 11.84 -10.94
C ILE B 209 -10.86 13.26 -10.81
N LYS B 210 -12.01 13.43 -10.15
CA LYS B 210 -12.58 14.74 -9.91
C LYS B 210 -11.63 15.58 -9.06
N GLU B 211 -11.17 15.01 -7.96
CA GLU B 211 -10.32 15.75 -7.02
C GLU B 211 -8.91 16.01 -7.56
N ARG B 212 -8.39 15.12 -8.39
CA ARG B 212 -6.97 15.21 -8.74
C ARG B 212 -6.79 15.79 -10.15
N ILE B 213 -7.83 15.76 -11.00
CA ILE B 213 -7.71 16.29 -12.35
C ILE B 213 -8.77 17.37 -12.61
N LEU B 214 -10.07 17.02 -12.55
CA LEU B 214 -11.11 17.92 -13.04
C LEU B 214 -11.16 19.22 -12.23
N ASP B 215 -11.24 19.12 -10.91
CA ASP B 215 -11.41 20.29 -10.07
C ASP B 215 -10.18 21.21 -10.11
N PRO B 216 -8.95 20.71 -9.88
CA PRO B 216 -7.74 21.53 -9.93
C PRO B 216 -7.61 22.20 -11.30
N TYR B 217 -7.93 21.47 -12.37
CA TYR B 217 -7.80 22.01 -13.71
C TYR B 217 -8.69 23.24 -13.86
N MET B 218 -9.91 23.17 -13.34
CA MET B 218 -10.86 24.26 -13.48
C MET B 218 -10.61 25.34 -12.42
N ASN B 219 -10.06 25.00 -11.25
CA ASN B 219 -10.11 25.90 -10.11
C ASN B 219 -8.79 26.65 -9.90
N ASP B 220 -7.73 26.20 -10.55
CA ASP B 220 -6.41 26.73 -10.32
C ASP B 220 -5.91 27.26 -11.66
N ASP B 221 -5.87 28.59 -11.79
CA ASP B 221 -5.43 29.28 -12.99
C ASP B 221 -3.91 29.35 -13.08
N ASP B 222 -3.20 28.91 -12.03
CA ASP B 222 -1.82 29.28 -11.80
C ASP B 222 -0.84 28.15 -12.08
N MET B 223 -1.30 26.99 -12.55
CA MET B 223 -0.35 25.95 -12.87
C MET B 223 0.49 26.45 -14.04
N TRP B 224 1.81 26.30 -13.94
CA TRP B 224 2.71 27.03 -14.82
C TRP B 224 2.53 26.58 -16.27
N TRP B 225 2.28 25.28 -16.49
CA TRP B 225 2.19 24.73 -17.83
C TRP B 225 0.92 25.19 -18.57
N MET B 226 -0.08 25.71 -17.83
CA MET B 226 -1.31 26.18 -18.46
C MET B 226 -1.08 27.48 -19.24
N ALA B 227 -0.07 28.25 -18.80
CA ALA B 227 0.41 29.42 -19.51
C ALA B 227 -0.63 30.54 -19.56
N PHE B 228 -1.64 30.49 -18.68
CA PHE B 228 -2.49 31.63 -18.41
C PHE B 228 -1.64 32.59 -17.58
N ASN B 229 -1.49 33.82 -18.08
CA ASN B 229 -0.63 34.83 -17.46
C ASN B 229 0.83 34.68 -17.86
N TRP B 230 1.08 33.93 -18.94
CA TRP B 230 2.39 33.92 -19.57
C TRP B 230 2.83 35.35 -19.89
N GLN B 231 4.13 35.61 -19.76
CA GLN B 231 4.73 36.84 -20.27
C GLN B 231 6.06 36.52 -20.96
N PRO B 232 6.58 37.43 -21.81
CA PRO B 232 7.91 37.27 -22.41
C PRO B 232 8.98 36.86 -21.39
N GLY B 233 9.88 35.96 -21.81
CA GLY B 233 10.94 35.46 -20.95
C GLY B 233 10.60 34.09 -20.37
N GLU B 234 9.31 33.81 -20.15
CA GLU B 234 8.88 32.54 -19.58
C GLU B 234 8.78 31.45 -20.64
N ILE B 235 8.78 30.19 -20.18
CA ILE B 235 8.82 29.04 -21.08
C ILE B 235 7.41 28.47 -21.21
N ILE B 236 7.04 28.12 -22.43
CA ILE B 236 5.92 27.23 -22.68
C ILE B 236 6.54 26.09 -23.46
N ASN B 237 6.33 24.85 -22.99
CA ASN B 237 7.00 23.71 -23.60
C ASN B 237 6.00 22.56 -23.70
N ASN B 238 6.53 21.36 -23.86
CA ASN B 238 5.77 20.15 -24.06
C ASN B 238 4.76 19.92 -22.91
N TRP B 239 5.00 20.51 -21.73
CA TRP B 239 4.09 20.27 -20.62
C TRP B 239 2.68 20.72 -21.01
N ASN B 240 2.58 21.80 -21.81
CA ASN B 240 1.31 22.41 -22.11
C ASN B 240 0.45 21.44 -22.90
N PRO B 241 0.81 21.02 -24.14
CA PRO B 241 -0.03 20.07 -24.86
C PRO B 241 -0.14 18.70 -24.19
N TRP B 242 0.92 18.28 -23.48
CA TRP B 242 0.87 16.97 -22.83
C TRP B 242 -0.19 16.99 -21.71
N CYS B 243 -0.11 17.96 -20.80
CA CYS B 243 -1.05 18.02 -19.68
C CYS B 243 -2.46 18.34 -20.18
N ASN B 244 -2.60 19.22 -21.18
CA ASN B 244 -3.91 19.58 -21.70
C ASN B 244 -4.56 18.39 -22.38
N SER B 245 -3.80 17.60 -23.14
CA SER B 245 -4.35 16.40 -23.77
C SER B 245 -4.84 15.40 -22.71
N ASN B 246 -4.13 15.27 -21.58
CA ASN B 246 -4.55 14.33 -20.54
C ASN B 246 -5.80 14.85 -19.82
N ALA B 247 -5.82 16.13 -19.46
CA ALA B 247 -6.99 16.72 -18.83
C ALA B 247 -8.22 16.60 -19.73
N LEU B 248 -8.03 16.88 -21.04
CA LEU B 248 -9.11 16.83 -22.02
C LEU B 248 -9.74 15.44 -22.05
N GLN B 249 -8.91 14.38 -22.06
CA GLN B 249 -9.41 13.02 -22.04
C GLN B 249 -10.28 12.79 -20.80
N CYS B 250 -9.79 13.25 -19.63
CA CYS B 250 -10.52 13.02 -18.38
C CYS B 250 -11.88 13.70 -18.43
N PHE B 251 -11.93 14.95 -18.91
CA PHE B 251 -13.21 15.64 -19.04
C PHE B 251 -14.13 14.89 -19.99
N LEU B 252 -13.62 14.51 -21.17
CA LEU B 252 -14.47 13.89 -22.18
C LEU B 252 -14.99 12.54 -21.67
N LEU B 253 -14.23 11.87 -20.78
CA LEU B 253 -14.63 10.56 -20.31
C LEU B 253 -15.51 10.63 -19.05
N MET B 254 -15.32 11.67 -18.23
CA MET B 254 -15.83 11.68 -16.86
C MET B 254 -16.82 12.82 -16.59
N GLU B 255 -16.83 13.89 -17.41
CA GLU B 255 -17.72 15.02 -17.17
C GLU B 255 -18.93 14.96 -18.11
N ASN B 256 -20.12 14.67 -17.53
CA ASN B 256 -21.33 14.46 -18.31
C ASN B 256 -22.26 15.68 -18.28
N ASN B 257 -21.90 16.72 -17.54
CA ASN B 257 -22.66 17.96 -17.57
C ASN B 257 -22.13 18.81 -18.73
N LYS B 258 -23.03 19.17 -19.66
CA LYS B 258 -22.66 19.81 -20.93
C LYS B 258 -22.03 21.19 -20.74
N ASP B 259 -22.61 21.98 -19.82
CA ASP B 259 -22.08 23.30 -19.57
C ASP B 259 -20.71 23.18 -18.94
N ARG B 260 -20.51 22.20 -18.03
CA ARG B 260 -19.21 22.08 -17.36
C ARG B 260 -18.16 21.61 -18.37
N LEU B 261 -18.56 20.67 -19.24
CA LEU B 261 -17.70 20.12 -20.28
C LEU B 261 -17.23 21.21 -21.24
N ALA B 262 -18.17 21.99 -21.77
CA ALA B 262 -17.82 23.06 -22.70
C ALA B 262 -16.83 24.01 -22.04
N LYS B 263 -17.08 24.39 -20.78
CA LYS B 263 -16.20 25.32 -20.10
C LYS B 263 -14.78 24.75 -19.97
N ALA B 264 -14.66 23.48 -19.59
CA ALA B 264 -13.35 22.84 -19.45
C ALA B 264 -12.65 22.73 -20.81
N VAL B 265 -13.38 22.27 -21.83
CA VAL B 265 -12.77 22.08 -23.14
C VAL B 265 -12.28 23.42 -23.71
N TYR B 266 -13.08 24.48 -23.55
CA TYR B 266 -12.71 25.80 -24.04
C TYR B 266 -11.49 26.31 -23.27
N ARG B 267 -11.44 26.05 -21.95
CA ARG B 267 -10.26 26.40 -21.17
C ARG B 267 -9.02 25.75 -21.80
N SER B 268 -9.14 24.47 -22.17
CA SER B 268 -8.02 23.73 -22.75
C SER B 268 -7.61 24.33 -24.10
N MET B 269 -8.58 24.80 -24.87
CA MET B 269 -8.33 25.46 -26.15
C MET B 269 -7.54 26.75 -25.96
N LYS B 270 -7.94 27.56 -24.98
CA LYS B 270 -7.21 28.80 -24.70
C LYS B 270 -5.79 28.49 -24.26
N SER B 271 -5.61 27.46 -23.43
CA SER B 271 -4.31 27.12 -22.90
C SER B 271 -3.40 26.61 -24.01
N VAL B 272 -3.89 25.70 -24.85
CA VAL B 272 -3.07 25.16 -25.92
C VAL B 272 -2.76 26.21 -26.97
N ASP B 273 -3.64 27.20 -27.18
CA ASP B 273 -3.35 28.33 -28.07
C ASP B 273 -2.05 29.02 -27.66
N LYS B 274 -1.77 29.05 -26.35
CA LYS B 274 -0.55 29.70 -25.86
C LYS B 274 0.68 28.96 -26.38
N PHE B 275 0.60 27.63 -26.42
CA PHE B 275 1.69 26.84 -26.94
C PHE B 275 1.83 27.07 -28.44
N ILE B 276 0.72 26.96 -29.18
CA ILE B 276 0.71 27.13 -30.63
C ILE B 276 1.26 28.52 -30.98
N ASN B 277 0.90 29.54 -30.19
CA ASN B 277 1.34 30.91 -30.37
C ASN B 277 2.86 31.05 -30.16
N PHE B 278 3.44 30.21 -29.29
CA PHE B 278 4.82 30.33 -28.87
C PHE B 278 5.79 29.63 -29.83
N VAL B 279 5.37 28.56 -30.52
CA VAL B 279 6.33 27.80 -31.32
C VAL B 279 6.41 28.45 -32.69
N LYS B 280 7.51 28.20 -33.40
CA LYS B 280 7.76 28.84 -34.68
C LYS B 280 6.84 28.23 -35.73
N SER B 281 6.36 29.03 -36.68
CA SER B 281 5.46 28.52 -37.69
C SER B 281 6.17 27.58 -38.66
N ASP B 282 7.50 27.64 -38.78
CA ASP B 282 8.22 26.78 -39.71
C ASP B 282 8.19 25.32 -39.26
N GLY B 283 7.90 25.04 -37.97
CA GLY B 283 7.61 23.67 -37.53
C GLY B 283 8.80 22.93 -36.91
N ALA B 284 10.00 23.50 -36.94
CA ALA B 284 11.16 22.88 -36.34
C ALA B 284 10.98 22.84 -34.82
N CYS B 285 11.32 21.68 -34.25
CA CYS B 285 11.42 21.48 -32.81
C CYS B 285 12.88 21.72 -32.46
N GLU B 286 13.21 22.89 -31.87
CA GLU B 286 14.61 23.24 -31.61
C GLU B 286 15.25 22.37 -30.52
N GLU B 287 14.45 21.57 -29.79
CA GLU B 287 14.96 20.65 -28.78
C GLU B 287 15.40 19.35 -29.46
N GLY B 288 14.88 19.07 -30.67
CA GLY B 288 15.39 17.95 -31.45
C GLY B 288 14.40 16.80 -31.52
N THR B 289 14.84 15.70 -32.09
CA THR B 289 13.93 14.61 -32.38
C THR B 289 13.52 13.88 -31.10
N SER B 290 14.26 14.01 -29.99
CA SER B 290 13.89 13.25 -28.81
C SER B 290 12.73 13.94 -28.07
N ALA B 291 12.63 15.27 -28.14
CA ALA B 291 11.50 15.97 -27.54
C ALA B 291 10.27 15.94 -28.45
N TRP B 292 10.46 15.64 -29.75
CA TRP B 292 9.40 15.76 -30.74
C TRP B 292 8.14 15.01 -30.30
N GLY B 293 8.33 13.76 -29.85
CA GLY B 293 7.25 12.84 -29.52
C GLY B 293 6.30 13.38 -28.44
N HIS B 294 6.82 14.20 -27.52
CA HIS B 294 6.06 14.72 -26.39
C HIS B 294 5.83 16.22 -26.51
N ALA B 295 6.26 16.81 -27.63
CA ALA B 295 6.02 18.22 -27.89
C ALA B 295 5.05 18.29 -29.06
N ALA B 296 5.56 18.29 -30.30
CA ALA B 296 4.67 18.24 -31.46
C ALA B 296 3.74 17.03 -31.37
N GLY B 297 4.25 15.90 -30.91
CA GLY B 297 3.46 14.67 -30.86
C GLY B 297 2.30 14.79 -29.88
N LYS B 298 2.48 15.56 -28.79
CA LYS B 298 1.39 15.75 -27.86
C LYS B 298 0.46 16.87 -28.32
N LEU B 299 0.94 17.81 -29.12
CA LEU B 299 0.03 18.74 -29.79
C LEU B 299 -0.91 17.94 -30.72
N TYR B 300 -0.33 17.04 -31.53
CA TYR B 300 -1.10 16.13 -32.35
C TYR B 300 -2.12 15.37 -31.48
N ASP B 301 -1.69 14.75 -30.36
CA ASP B 301 -2.62 13.96 -29.56
C ASP B 301 -3.80 14.84 -29.14
N TYR B 302 -3.49 16.04 -28.64
CA TYR B 302 -4.51 16.96 -28.19
C TYR B 302 -5.50 17.24 -29.32
N LEU B 303 -4.99 17.54 -30.52
CA LEU B 303 -5.85 17.91 -31.64
C LEU B 303 -6.68 16.71 -32.09
N GLN B 304 -6.12 15.50 -32.01
CA GLN B 304 -6.87 14.30 -32.37
C GLN B 304 -8.04 14.14 -31.39
N ILE B 305 -7.74 14.29 -30.09
CA ILE B 305 -8.73 14.11 -29.03
C ILE B 305 -9.84 15.16 -29.14
N LEU B 306 -9.46 16.42 -29.39
CA LEU B 306 -10.39 17.50 -29.57
C LEU B 306 -11.26 17.26 -30.80
N SER B 307 -10.66 16.81 -31.91
CA SER B 307 -11.43 16.49 -33.10
C SER B 307 -12.45 15.39 -32.79
N ASP B 308 -11.99 14.29 -32.19
CA ASP B 308 -12.85 13.17 -31.90
C ASP B 308 -14.02 13.63 -31.00
N GLY B 309 -13.73 14.49 -30.02
CA GLY B 309 -14.71 14.93 -29.05
C GLY B 309 -15.71 15.94 -29.61
N THR B 310 -15.44 16.50 -30.79
CA THR B 310 -16.35 17.45 -31.44
C THR B 310 -16.85 16.88 -32.78
N GLY B 311 -16.78 15.56 -32.93
CA GLY B 311 -17.26 14.92 -34.15
C GLY B 311 -16.55 15.45 -35.38
N GLY B 312 -15.27 15.80 -35.22
CA GLY B 312 -14.50 16.32 -36.33
C GLY B 312 -14.76 17.79 -36.66
N LYS B 313 -15.64 18.48 -35.91
CA LYS B 313 -16.02 19.83 -36.28
C LYS B 313 -14.97 20.85 -35.86
N ILE B 314 -14.20 20.59 -34.80
CA ILE B 314 -13.12 21.49 -34.40
C ILE B 314 -11.80 20.74 -34.55
N SER B 315 -11.12 21.02 -35.66
CA SER B 315 -9.96 20.25 -36.08
C SER B 315 -8.96 21.20 -36.72
N LEU B 316 -7.74 21.23 -36.19
CA LEU B 316 -6.63 21.95 -36.81
C LEU B 316 -5.72 20.98 -37.54
N LEU B 317 -6.17 19.74 -37.74
CA LEU B 317 -5.29 18.75 -38.36
C LEU B 317 -5.00 19.08 -39.83
N ASN B 318 -5.79 19.98 -40.42
CA ASN B 318 -5.56 20.37 -41.80
C ASN B 318 -4.70 21.64 -41.91
N GLU B 319 -4.21 22.18 -40.79
CA GLU B 319 -3.42 23.39 -40.84
C GLU B 319 -1.99 23.07 -41.28
N PRO B 320 -1.45 23.78 -42.30
CA PRO B 320 -0.09 23.52 -42.75
C PRO B 320 1.01 23.54 -41.67
N MET B 321 0.90 24.44 -40.69
CA MET B 321 1.88 24.49 -39.61
C MET B 321 1.95 23.16 -38.85
N ILE B 322 0.80 22.51 -38.64
CA ILE B 322 0.77 21.26 -37.90
C ILE B 322 1.47 20.16 -38.71
N ARG B 323 1.26 20.16 -40.03
CA ARG B 323 1.95 19.22 -40.91
C ARG B 323 3.46 19.44 -40.88
N ARG B 324 3.91 20.70 -40.92
CA ARG B 324 5.33 21.03 -40.81
C ARG B 324 5.93 20.54 -39.49
N MET B 325 5.16 20.66 -38.38
CA MET B 325 5.63 20.21 -37.08
C MET B 325 5.83 18.68 -37.09
N GLY B 326 4.94 17.98 -37.78
CA GLY B 326 5.01 16.53 -37.89
C GLY B 326 6.20 16.12 -38.77
N GLU B 327 6.38 16.80 -39.90
CA GLU B 327 7.39 16.43 -40.89
C GLU B 327 8.82 16.71 -40.40
N TYR B 328 8.98 17.56 -39.38
CA TYR B 328 10.28 17.80 -38.78
C TYR B 328 10.93 16.48 -38.37
N MET B 329 10.13 15.52 -37.89
CA MET B 329 10.63 14.24 -37.41
C MET B 329 11.24 13.42 -38.57
N SER B 330 10.64 13.50 -39.77
CA SER B 330 11.12 12.82 -40.96
C SER B 330 12.40 13.49 -41.49
N ARG B 331 12.35 14.82 -41.62
CA ARG B 331 13.44 15.59 -42.22
C ARG B 331 14.73 15.49 -41.40
N SER B 332 14.61 15.34 -40.07
CA SER B 332 15.72 15.44 -39.14
C SER B 332 16.35 14.07 -38.90
N TYR B 333 15.70 13.02 -39.42
CA TYR B 333 16.18 11.66 -39.25
C TYR B 333 17.06 11.30 -40.46
N VAL B 334 18.36 11.22 -40.24
CA VAL B 334 19.27 10.94 -41.35
C VAL B 334 19.17 9.47 -41.74
N GLY B 335 19.30 8.54 -40.78
CA GLY B 335 19.24 7.11 -41.10
C GLY B 335 20.07 6.29 -40.10
N ASN B 336 19.72 4.99 -39.94
CA ASN B 336 20.44 4.07 -39.06
C ASN B 336 20.58 4.63 -37.65
N GLY B 337 19.50 5.25 -37.15
CA GLY B 337 19.47 5.76 -35.79
C GLY B 337 20.12 7.14 -35.63
N TRP B 338 20.73 7.66 -36.72
CA TRP B 338 21.40 8.95 -36.65
C TRP B 338 20.41 10.08 -36.95
N VAL B 339 20.45 11.11 -36.12
CA VAL B 339 19.54 12.25 -36.25
C VAL B 339 20.37 13.54 -36.17
N VAL B 340 19.83 14.63 -36.72
CA VAL B 340 20.45 15.94 -36.54
C VAL B 340 20.36 16.27 -35.07
N ASN B 341 21.42 16.81 -34.47
CA ASN B 341 21.50 16.99 -33.02
C ASN B 341 22.19 18.30 -32.65
N PHE B 342 21.58 19.41 -33.05
CA PHE B 342 21.97 20.71 -32.56
C PHE B 342 21.53 20.82 -31.08
N ALA B 343 22.24 21.64 -30.31
CA ALA B 343 21.90 21.92 -28.92
C ALA B 343 22.13 20.66 -28.09
N ASP B 344 21.56 20.65 -26.88
CA ASP B 344 21.89 19.60 -25.93
C ASP B 344 21.00 18.40 -26.23
N ALA B 345 21.39 17.62 -27.24
CA ALA B 345 20.59 16.53 -27.79
C ALA B 345 21.51 15.45 -28.35
N SER B 346 21.01 14.21 -28.40
CA SER B 346 21.81 13.06 -28.74
C SER B 346 21.85 12.87 -30.25
N ALA B 347 22.98 12.42 -30.77
CA ALA B 347 23.12 12.20 -32.21
C ALA B 347 22.43 10.92 -32.60
N GLN B 348 22.17 10.06 -31.60
CA GLN B 348 21.38 8.85 -31.80
C GLN B 348 19.95 9.14 -31.35
N GLY B 349 19.00 8.70 -32.15
CA GLY B 349 17.63 8.92 -31.78
C GLY B 349 16.75 8.05 -32.65
N GLY B 350 15.49 8.42 -32.65
CA GLY B 350 14.50 7.61 -33.31
C GLY B 350 13.13 8.13 -32.90
N GLY B 351 12.15 7.29 -33.03
CA GLY B 351 10.78 7.74 -32.82
C GLY B 351 9.87 6.54 -32.74
N ASP B 352 8.64 6.82 -32.31
CA ASP B 352 7.60 5.81 -32.25
C ASP B 352 6.98 5.74 -33.63
N PRO B 353 7.23 4.66 -34.41
CA PRO B 353 6.68 4.55 -35.75
C PRO B 353 5.15 4.61 -35.76
N LEU B 354 4.51 4.01 -34.75
CA LEU B 354 3.05 4.02 -34.71
C LEU B 354 2.48 5.43 -34.55
N LEU B 355 3.04 6.22 -33.63
CA LEU B 355 2.69 7.63 -33.47
C LEU B 355 2.92 8.39 -34.77
N ILE B 356 4.06 8.16 -35.40
CA ILE B 356 4.45 8.93 -36.57
C ILE B 356 3.43 8.65 -37.67
N TYR B 357 3.05 7.37 -37.82
CA TYR B 357 2.08 6.98 -38.83
C TYR B 357 0.73 7.68 -38.59
N ARG B 358 0.23 7.61 -37.36
CA ARG B 358 -1.06 8.19 -37.03
C ARG B 358 -1.05 9.71 -37.26
N PHE B 359 0.02 10.39 -36.82
CA PHE B 359 0.17 11.82 -37.01
C PHE B 359 0.20 12.10 -38.52
N GLY B 360 1.04 11.37 -39.26
CA GLY B 360 1.10 11.50 -40.72
C GLY B 360 -0.26 11.34 -41.41
N LYS B 361 -1.00 10.30 -41.05
CA LYS B 361 -2.29 10.05 -41.65
C LYS B 361 -3.27 11.18 -41.34
N ALA B 362 -3.27 11.65 -40.10
CA ALA B 362 -4.17 12.71 -39.66
C ALA B 362 -3.94 14.01 -40.44
N VAL B 363 -2.69 14.34 -40.77
CA VAL B 363 -2.39 15.60 -41.43
C VAL B 363 -2.20 15.38 -42.93
N ASN B 364 -2.49 14.16 -43.41
CA ASN B 364 -2.29 13.77 -44.82
C ASN B 364 -0.85 14.02 -45.29
N SER B 365 0.13 13.56 -44.49
CA SER B 365 1.53 13.54 -44.90
C SER B 365 1.93 12.14 -45.37
N ASN B 366 1.91 11.92 -46.68
CA ASN B 366 2.36 10.67 -47.27
C ASN B 366 3.81 10.38 -46.85
N GLU B 367 4.63 11.43 -46.81
CA GLU B 367 6.02 11.28 -46.40
C GLU B 367 6.11 10.64 -45.01
N MET B 368 5.32 11.15 -44.06
CA MET B 368 5.38 10.64 -42.70
C MET B 368 4.90 9.19 -42.62
N MET B 369 3.87 8.85 -43.40
CA MET B 369 3.32 7.52 -43.35
C MET B 369 4.35 6.48 -43.83
N HIS B 370 5.01 6.76 -44.97
CA HIS B 370 6.02 5.88 -45.54
C HIS B 370 7.23 5.82 -44.61
N PHE B 371 7.58 6.96 -44.01
CA PHE B 371 8.69 7.04 -43.06
C PHE B 371 8.45 6.14 -41.84
N ALA B 372 7.22 6.12 -41.34
CA ALA B 372 6.89 5.26 -40.20
C ALA B 372 7.14 3.79 -40.56
N ALA B 373 6.71 3.38 -41.77
CA ALA B 373 6.90 2.01 -42.21
C ALA B 373 8.41 1.71 -42.36
N TYR B 374 9.19 2.71 -42.80
CA TYR B 374 10.63 2.59 -42.91
C TYR B 374 11.26 2.35 -41.54
N LEU B 375 10.79 3.07 -40.52
CA LEU B 375 11.36 2.98 -39.18
C LEU B 375 11.13 1.60 -38.57
N LEU B 376 10.11 0.86 -39.01
CA LEU B 376 9.88 -0.48 -38.53
C LEU B 376 11.03 -1.42 -38.88
N ASN B 377 11.80 -1.09 -39.93
CA ASN B 377 13.01 -1.85 -40.27
C ASN B 377 12.64 -3.30 -40.54
N GLY B 378 11.50 -3.56 -41.20
CA GLY B 378 11.07 -4.91 -41.49
C GLY B 378 10.32 -5.61 -40.35
N ARG B 379 10.29 -5.05 -39.14
CA ARG B 379 9.49 -5.68 -38.08
C ARG B 379 8.01 -5.34 -38.24
N LYS B 380 7.15 -6.26 -37.77
CA LYS B 380 5.71 -6.04 -37.76
C LYS B 380 5.38 -5.03 -36.66
N PRO B 381 4.45 -4.09 -36.91
CA PRO B 381 4.04 -3.13 -35.89
C PRO B 381 3.17 -3.84 -34.88
N TYR B 382 3.48 -3.65 -33.59
CA TYR B 382 2.64 -4.19 -32.52
C TYR B 382 2.17 -3.03 -31.65
N ALA B 383 1.16 -3.31 -30.82
CA ALA B 383 0.61 -2.34 -29.88
C ALA B 383 1.70 -1.68 -29.05
N THR B 384 1.58 -0.36 -28.86
CA THR B 384 2.40 0.41 -27.96
C THR B 384 2.00 0.04 -26.52
N MET B 385 3.02 -0.28 -25.72
CA MET B 385 2.84 -0.67 -24.34
C MET B 385 2.99 0.57 -23.45
N GLY B 386 3.98 0.60 -22.56
CA GLY B 386 4.22 1.75 -21.70
C GLY B 386 3.04 2.08 -20.78
N ASN B 387 2.80 3.37 -20.55
CA ASN B 387 1.83 3.82 -19.56
C ASN B 387 0.87 4.88 -20.11
N ASP B 388 0.98 5.23 -21.39
CA ASP B 388 0.13 6.25 -22.01
C ASP B 388 -1.06 5.53 -22.67
N ALA B 389 -2.19 5.58 -21.97
CA ALA B 389 -3.37 4.82 -22.36
C ALA B 389 -3.81 5.25 -23.76
N PHE B 390 -3.86 6.56 -24.00
CA PHE B 390 -4.34 7.06 -25.28
C PHE B 390 -3.51 6.51 -26.44
N ARG B 391 -2.18 6.52 -26.31
CA ARG B 391 -1.31 6.05 -27.38
C ARG B 391 -1.41 4.53 -27.55
N SER B 392 -1.57 3.79 -26.44
CA SER B 392 -1.75 2.35 -26.50
C SER B 392 -3.01 2.01 -27.29
N LEU B 393 -4.13 2.62 -26.89
CA LEU B 393 -5.42 2.36 -27.52
C LEU B 393 -5.38 2.78 -28.99
N GLN B 394 -4.88 3.99 -29.26
CA GLN B 394 -4.79 4.51 -30.62
C GLN B 394 -3.90 3.60 -31.48
N SER B 395 -2.87 3.01 -30.88
CA SER B 395 -1.96 2.15 -31.63
C SER B 395 -2.68 0.91 -32.15
N LEU B 396 -3.70 0.46 -31.42
CA LEU B 396 -4.52 -0.68 -31.85
C LEU B 396 -5.27 -0.36 -33.12
N LEU B 397 -5.79 0.86 -33.25
CA LEU B 397 -6.52 1.28 -34.45
C LEU B 397 -5.66 1.30 -35.70
N CYS B 398 -4.38 1.66 -35.59
CA CYS B 398 -3.58 1.98 -36.76
C CYS B 398 -2.75 0.78 -37.22
N CYS B 399 -2.65 -0.28 -36.40
CA CYS B 399 -1.73 -1.39 -36.64
C CYS B 399 -1.87 -2.00 -38.03
N ASN B 400 -3.10 -2.42 -38.36
CA ASN B 400 -3.36 -3.15 -39.59
C ASN B 400 -2.96 -2.31 -40.79
N ASP B 401 -3.28 -1.01 -40.74
CA ASP B 401 -2.95 -0.04 -41.78
C ASP B 401 -1.45 0.16 -41.91
N LEU B 402 -0.75 0.33 -40.78
CA LEU B 402 0.69 0.55 -40.82
C LEU B 402 1.37 -0.71 -41.36
N ALA B 403 0.82 -1.90 -41.02
CA ALA B 403 1.39 -3.16 -41.48
C ALA B 403 1.34 -3.27 -43.00
N LYS B 404 0.36 -2.64 -43.65
CA LYS B 404 0.19 -2.70 -45.10
C LYS B 404 0.96 -1.58 -45.80
N GLU B 405 1.48 -0.63 -45.01
CA GLU B 405 2.22 0.49 -45.57
C GLU B 405 3.56 0.02 -46.13
N THR B 406 3.97 0.69 -47.22
CA THR B 406 5.21 0.38 -47.88
C THR B 406 6.30 1.30 -47.32
N PRO B 407 7.50 0.75 -47.02
CA PRO B 407 8.54 1.49 -46.32
C PRO B 407 9.39 2.31 -47.28
N LYS B 408 9.54 3.59 -46.98
CA LYS B 408 10.47 4.40 -47.76
C LYS B 408 10.77 5.66 -46.97
N HIS B 409 12.02 6.15 -47.09
CA HIS B 409 12.34 7.48 -46.57
C HIS B 409 12.76 8.41 -47.68
N ASP B 410 11.79 8.93 -48.45
CA ASP B 410 12.05 9.91 -49.50
C ASP B 410 11.79 11.30 -48.92
N MET B 411 12.59 12.29 -49.35
CA MET B 411 12.40 13.68 -48.94
C MET B 411 13.16 14.63 -49.87
N PRO B 412 12.79 15.93 -49.91
CA PRO B 412 13.43 16.88 -50.81
C PRO B 412 14.91 17.08 -50.47
N ASP B 413 15.68 17.56 -51.44
CA ASP B 413 17.11 17.76 -51.28
C ASP B 413 17.36 18.84 -50.24
N VAL B 414 16.45 19.81 -50.12
CA VAL B 414 16.66 20.89 -49.17
C VAL B 414 15.42 21.05 -48.31
N THR B 415 15.63 21.21 -47.00
CA THR B 415 14.62 21.64 -46.06
C THR B 415 15.15 22.90 -45.39
N TRP B 416 14.39 24.00 -45.44
CA TRP B 416 14.84 25.27 -44.88
C TRP B 416 13.81 25.79 -43.89
N TYR B 417 14.20 25.84 -42.60
CA TYR B 417 13.38 26.38 -41.52
C TYR B 417 13.82 27.81 -41.25
N PRO B 418 13.22 28.84 -41.88
CA PRO B 418 13.82 30.17 -41.89
C PRO B 418 13.80 30.95 -40.59
N GLU B 419 12.85 30.66 -39.69
CA GLU B 419 12.79 31.37 -38.41
C GLU B 419 13.63 30.66 -37.37
N THR B 420 13.52 29.33 -37.30
CA THR B 420 14.37 28.54 -36.44
C THR B 420 15.83 28.61 -36.95
N GLU B 421 15.99 28.81 -38.27
CA GLU B 421 17.31 28.92 -38.94
C GLU B 421 18.06 27.60 -38.88
N PHE B 422 17.36 26.53 -39.26
CA PHE B 422 17.96 25.21 -39.47
C PHE B 422 17.82 24.90 -40.94
N CYS B 423 18.85 24.33 -41.53
CA CYS B 423 18.90 24.07 -42.96
C CYS B 423 19.49 22.69 -43.19
N TYR B 424 18.74 21.81 -43.84
CA TYR B 424 19.21 20.47 -44.20
C TYR B 424 19.31 20.39 -45.73
N MET B 425 20.43 19.85 -46.23
CA MET B 425 20.74 19.74 -47.65
C MET B 425 21.39 18.38 -47.92
N LYS B 426 20.92 17.66 -48.96
CA LYS B 426 21.46 16.35 -49.28
C LYS B 426 21.69 16.26 -50.81
N ASN B 427 22.50 15.29 -51.21
CA ASN B 427 22.77 14.98 -52.60
C ASN B 427 22.47 13.49 -52.81
N LYS B 428 22.50 13.07 -54.07
CA LYS B 428 22.17 11.72 -54.44
C LYS B 428 23.34 10.76 -54.17
N ASN B 429 24.51 11.28 -53.79
CA ASN B 429 25.64 10.40 -53.51
C ASN B 429 25.80 10.13 -52.02
N GLY B 430 24.79 10.51 -51.23
CA GLY B 430 24.70 10.07 -49.84
C GLY B 430 25.20 11.10 -48.82
N MET B 431 25.54 12.33 -49.25
CA MET B 431 25.93 13.36 -48.31
C MET B 431 24.69 14.09 -47.80
N PHE B 432 24.66 14.29 -46.49
CA PHE B 432 23.61 15.05 -45.82
C PHE B 432 24.28 16.09 -44.94
N VAL B 433 23.98 17.37 -45.16
CA VAL B 433 24.56 18.45 -44.37
C VAL B 433 23.43 19.14 -43.60
N ALA B 434 23.64 19.36 -42.30
CA ALA B 434 22.75 20.21 -41.49
C ALA B 434 23.55 21.42 -41.02
N ALA B 435 22.96 22.60 -41.14
CA ALA B 435 23.64 23.82 -40.74
C ALA B 435 22.63 24.71 -40.03
N LYS B 436 23.13 25.67 -39.26
CA LYS B 436 22.21 26.53 -38.52
C LYS B 436 22.78 27.93 -38.40
N GLY B 437 21.86 28.91 -38.30
CA GLY B 437 22.18 30.23 -37.78
C GLY B 437 21.88 30.25 -36.28
N GLY B 438 20.85 31.02 -35.88
CA GLY B 438 20.35 31.02 -34.52
C GLY B 438 21.04 32.08 -33.64
N PHE B 439 21.04 31.82 -32.34
CA PHE B 439 21.42 32.77 -31.30
C PHE B 439 21.76 31.94 -30.07
N ASN B 440 22.70 32.43 -29.27
CA ASN B 440 23.22 31.68 -28.14
C ASN B 440 22.35 31.87 -26.88
N ASN B 441 21.05 31.65 -27.04
CA ASN B 441 20.16 31.47 -25.91
C ASN B 441 19.01 30.59 -26.38
N GLU B 442 19.30 29.69 -27.32
CA GLU B 442 18.29 28.73 -27.75
C GLU B 442 18.02 27.75 -26.62
N SER B 443 16.89 27.05 -26.72
CA SER B 443 16.57 25.99 -25.78
C SER B 443 17.72 24.99 -25.71
N HIS B 444 18.14 24.64 -24.48
CA HIS B 444 19.20 23.67 -24.28
C HIS B 444 20.45 24.06 -25.08
N ASN B 445 20.73 25.37 -25.04
CA ASN B 445 21.67 26.05 -25.91
C ASN B 445 23.05 25.38 -25.94
N HIS B 446 23.61 25.30 -27.16
CA HIS B 446 25.05 25.20 -27.40
C HIS B 446 25.49 26.49 -28.07
N ASN B 447 26.72 26.95 -27.82
CA ASN B 447 27.24 28.10 -28.53
C ASN B 447 27.73 27.58 -29.88
N ASP B 448 26.84 27.67 -30.89
CA ASP B 448 27.00 26.92 -32.14
C ASP B 448 26.42 27.65 -33.35
N VAL B 449 26.32 28.98 -33.26
CA VAL B 449 25.81 29.79 -34.35
C VAL B 449 26.69 29.58 -35.58
N GLY B 450 26.08 29.10 -36.67
CA GLY B 450 26.83 28.92 -37.93
C GLY B 450 27.39 27.52 -38.11
N THR B 451 27.21 26.61 -37.13
CA THR B 451 27.85 25.30 -37.22
C THR B 451 27.20 24.44 -38.31
N PHE B 452 27.91 23.36 -38.69
CA PHE B 452 27.33 22.34 -39.55
C PHE B 452 27.68 20.96 -39.02
N SER B 453 26.94 19.97 -39.53
CA SER B 453 27.18 18.56 -39.33
C SER B 453 27.09 17.89 -40.70
N LEU B 454 28.05 17.00 -41.00
CA LEU B 454 28.01 16.27 -42.25
C LEU B 454 27.87 14.78 -42.01
N TYR B 455 26.93 14.15 -42.73
CA TYR B 455 26.75 12.70 -42.69
C TYR B 455 27.00 12.12 -44.08
N VAL B 456 27.58 10.91 -44.12
CA VAL B 456 27.84 10.24 -45.38
C VAL B 456 27.25 8.83 -45.30
N ASN B 457 26.25 8.58 -46.16
CA ASN B 457 25.49 7.34 -46.12
C ASN B 457 25.01 7.08 -44.70
N THR B 458 24.50 8.16 -44.07
CA THR B 458 23.90 8.25 -42.74
C THR B 458 24.94 8.38 -41.64
N ILE B 459 26.22 8.05 -41.90
CA ILE B 459 27.20 8.06 -40.84
C ILE B 459 27.76 9.46 -40.61
N PRO B 460 27.76 9.95 -39.35
CA PRO B 460 28.41 11.20 -39.00
C PRO B 460 29.86 11.16 -39.42
N VAL B 461 30.29 12.22 -40.12
CA VAL B 461 31.68 12.37 -40.45
C VAL B 461 32.22 13.66 -39.86
N ILE B 462 31.48 14.77 -40.00
CA ILE B 462 31.79 15.96 -39.23
C ILE B 462 30.65 16.09 -38.22
N LEU B 463 30.95 15.91 -36.94
CA LEU B 463 29.89 15.62 -35.99
C LEU B 463 29.62 16.81 -35.06
N ASP B 464 28.48 16.67 -34.39
CA ASP B 464 28.09 17.54 -33.28
C ASP B 464 27.95 16.63 -32.04
N ALA B 465 28.77 16.87 -31.02
CA ALA B 465 29.00 15.90 -29.96
C ALA B 465 27.69 15.55 -29.23
N GLY B 466 26.87 16.55 -28.92
CA GLY B 466 25.57 16.31 -28.31
C GLY B 466 25.63 16.39 -26.77
N VAL B 467 24.79 15.61 -26.10
CA VAL B 467 24.42 15.89 -24.70
C VAL B 467 25.29 15.12 -23.68
N ILE B 482 30.70 23.21 -19.66
CA ILE B 482 30.89 21.86 -20.25
C ILE B 482 31.36 22.04 -21.70
N TRP B 483 32.41 21.31 -22.07
CA TRP B 483 33.05 21.45 -23.36
C TRP B 483 32.04 21.28 -24.50
N THR B 484 31.06 20.39 -24.34
CA THR B 484 30.08 20.09 -25.38
C THR B 484 29.22 21.32 -25.74
N MET B 485 29.23 22.37 -24.90
CA MET B 485 28.38 23.53 -25.09
C MET B 485 29.16 24.65 -25.78
N GLN B 486 30.48 24.52 -25.85
CA GLN B 486 31.36 25.57 -26.33
C GLN B 486 31.54 25.53 -27.85
N SER B 487 31.64 26.74 -28.44
CA SER B 487 31.86 26.88 -29.86
C SER B 487 33.23 26.27 -30.22
N ASN B 488 34.15 26.29 -29.24
CA ASN B 488 35.44 25.65 -29.33
C ASN B 488 35.34 24.19 -29.82
N TYR B 489 34.25 23.51 -29.50
CA TYR B 489 34.05 22.10 -29.82
C TYR B 489 32.87 21.91 -30.77
N HIS B 490 32.60 22.96 -31.59
CA HIS B 490 31.70 22.87 -32.73
C HIS B 490 32.52 23.20 -33.98
N ASN B 491 31.86 23.05 -35.15
CA ASN B 491 32.52 23.15 -36.44
C ASN B 491 32.53 24.61 -36.91
N LEU B 492 33.42 25.40 -36.30
CA LEU B 492 33.38 26.85 -36.31
C LEU B 492 34.77 27.43 -36.09
N PRO B 493 34.98 28.71 -36.48
CA PRO B 493 36.19 29.44 -36.13
C PRO B 493 36.22 30.02 -34.70
N MET B 494 37.45 30.25 -34.23
CA MET B 494 37.77 31.11 -33.09
C MET B 494 38.37 32.38 -33.65
N ILE B 495 37.54 33.44 -33.65
CA ILE B 495 37.85 34.62 -34.40
C ILE B 495 38.82 35.47 -33.57
N ASN B 496 39.97 35.83 -34.17
CA ASN B 496 41.09 36.41 -33.45
C ASN B 496 41.41 35.54 -32.24
N GLY B 497 41.15 34.23 -32.34
CA GLY B 497 41.43 33.31 -31.24
C GLY B 497 40.34 33.27 -30.17
N ILE B 498 39.20 33.94 -30.41
CA ILE B 498 38.17 34.09 -29.39
C ILE B 498 36.94 33.29 -29.80
N PRO B 499 36.32 32.54 -28.84
CA PRO B 499 35.10 31.78 -29.11
C PRO B 499 33.85 32.63 -29.06
N GLN B 500 32.70 31.96 -29.28
CA GLN B 500 31.40 32.60 -29.18
C GLN B 500 31.07 32.79 -27.71
N LYS B 501 30.26 33.82 -27.44
CA LYS B 501 29.76 34.10 -26.10
C LYS B 501 28.30 33.68 -26.00
N TYR B 502 27.92 33.17 -24.83
CA TYR B 502 26.53 32.89 -24.50
C TYR B 502 25.70 34.18 -24.44
N GLY B 503 24.40 34.12 -24.83
CA GLY B 503 23.49 35.26 -24.70
C GLY B 503 22.58 35.47 -25.92
N GLN B 504 21.35 35.89 -25.63
CA GLN B 504 20.29 36.18 -26.59
C GLN B 504 20.79 36.97 -27.79
N GLU B 505 21.62 38.00 -27.57
CA GLU B 505 21.97 38.91 -28.64
C GLU B 505 23.26 38.44 -29.36
N TYR B 506 23.79 37.28 -28.97
CA TYR B 506 24.93 36.68 -29.65
C TYR B 506 24.36 35.77 -30.73
N LYS B 507 24.29 36.28 -31.96
CA LYS B 507 23.36 35.71 -32.93
C LYS B 507 23.86 35.89 -34.36
N ALA B 508 23.23 35.12 -35.25
CA ALA B 508 23.49 35.16 -36.69
C ALA B 508 22.79 36.38 -37.25
N THR B 509 23.34 36.96 -38.31
CA THR B 509 22.58 37.95 -39.06
C THR B 509 22.63 37.53 -40.52
N ASN B 510 21.59 37.89 -41.27
CA ASN B 510 21.56 37.68 -42.70
C ASN B 510 21.69 36.22 -43.07
N THR B 511 20.96 35.34 -42.36
CA THR B 511 21.02 33.93 -42.69
C THR B 511 20.16 33.67 -43.95
N THR B 512 20.76 33.07 -44.99
CA THR B 512 20.00 32.78 -46.20
C THR B 512 20.22 31.34 -46.64
N CYS B 513 19.21 30.82 -47.34
CA CYS B 513 19.35 29.54 -48.01
C CYS B 513 18.84 29.69 -49.43
N ASN B 514 19.69 29.39 -50.40
CA ASN B 514 19.29 29.18 -51.77
C ASN B 514 18.95 27.69 -51.94
N GLU B 515 17.65 27.35 -51.93
CA GLU B 515 17.17 25.97 -51.97
C GLU B 515 17.60 25.27 -53.27
N LYS B 516 17.61 25.97 -54.41
CA LYS B 516 17.96 25.36 -55.68
C LYS B 516 19.44 25.10 -55.80
N LYS B 517 20.28 26.01 -55.29
CA LYS B 517 21.71 25.83 -55.40
C LYS B 517 22.27 24.98 -54.25
N ARG B 518 21.47 24.74 -53.20
CA ARG B 518 21.97 24.12 -51.98
C ARG B 518 23.12 24.94 -51.39
N VAL B 519 22.83 26.22 -51.12
CA VAL B 519 23.76 27.14 -50.48
C VAL B 519 23.12 27.70 -49.21
N PHE B 520 23.80 27.50 -48.07
CA PHE B 520 23.44 28.15 -46.84
C PHE B 520 24.55 29.14 -46.51
N SER B 521 24.17 30.33 -46.05
CA SER B 521 25.12 31.37 -45.73
C SER B 521 24.62 32.15 -44.52
N THR B 522 25.54 32.53 -43.62
CA THR B 522 25.19 33.36 -42.49
C THR B 522 26.40 34.17 -42.04
N ASP B 523 26.15 35.37 -41.49
CA ASP B 523 27.17 36.18 -40.83
C ASP B 523 27.16 35.85 -39.35
N ILE B 524 28.26 35.25 -38.85
CA ILE B 524 28.33 34.81 -37.46
C ILE B 524 28.98 35.86 -36.55
N ALA B 525 29.34 37.03 -37.08
CA ALA B 525 30.21 37.95 -36.36
C ALA B 525 29.63 38.38 -35.00
N ALA B 526 28.29 38.48 -34.89
CA ALA B 526 27.66 39.06 -33.71
C ALA B 526 27.49 38.01 -32.61
N ALA B 527 27.87 36.78 -32.91
CA ALA B 527 27.84 35.73 -31.90
C ALA B 527 29.13 35.77 -31.08
N TYR B 528 30.07 36.64 -31.44
CA TYR B 528 31.35 36.74 -30.76
C TYR B 528 31.40 38.02 -29.90
N PRO B 529 32.21 38.05 -28.81
CA PRO B 529 32.32 39.25 -27.99
C PRO B 529 33.17 40.34 -28.61
N SER B 530 33.13 41.54 -28.00
CA SER B 530 33.74 42.74 -28.58
C SER B 530 35.23 42.50 -28.84
N GLU B 531 35.91 41.76 -27.97
CA GLU B 531 37.35 41.63 -28.09
C GLU B 531 37.67 40.75 -29.31
N ALA B 532 36.67 40.09 -29.92
CA ALA B 532 36.91 39.38 -31.17
C ALA B 532 37.17 40.36 -32.30
N LYS B 533 36.75 41.64 -32.13
CA LYS B 533 37.12 42.70 -33.04
C LYS B 533 36.85 42.27 -34.49
N VAL B 534 35.62 41.85 -34.74
CA VAL B 534 35.22 41.35 -36.04
C VAL B 534 34.04 42.18 -36.58
N LYS B 535 34.17 42.72 -37.79
CA LYS B 535 33.10 43.46 -38.44
C LYS B 535 32.14 42.47 -39.07
N ASN B 536 32.67 41.59 -39.95
CA ASN B 536 31.84 40.59 -40.59
C ASN B 536 32.60 39.27 -40.65
N TRP B 537 31.85 38.19 -40.56
CA TRP B 537 32.37 36.84 -40.77
C TRP B 537 31.27 35.96 -41.35
N ILE B 538 31.37 35.73 -42.67
CA ILE B 538 30.41 34.90 -43.37
C ILE B 538 30.91 33.47 -43.47
N ARG B 539 30.11 32.58 -42.89
CA ARG B 539 30.28 31.15 -43.00
C ARG B 539 29.22 30.62 -43.96
N SER B 540 29.64 29.93 -45.02
N SER B 540 29.67 29.93 -45.02
N SER B 540 29.68 29.91 -45.00
CA SER B 540 28.72 29.41 -46.01
CA SER B 540 28.79 29.40 -46.04
CA SER B 540 28.82 29.40 -46.06
C SER B 540 29.05 27.96 -46.34
C SER B 540 29.08 27.94 -46.32
C SER B 540 29.09 27.91 -46.30
N TYR B 541 28.01 27.21 -46.68
CA TYR B 541 28.06 25.79 -47.06
C TYR B 541 27.38 25.64 -48.42
N THR B 542 28.09 25.08 -49.40
CA THR B 542 27.56 24.74 -50.72
C THR B 542 27.71 23.24 -50.92
N LEU B 543 26.59 22.55 -51.11
CA LEU B 543 26.63 21.13 -51.40
C LEU B 543 26.30 20.93 -52.89
N ASP B 544 27.25 20.38 -53.62
CA ASP B 544 26.98 19.96 -54.99
C ASP B 544 26.87 18.43 -55.00
N ASP B 545 26.85 17.81 -56.19
CA ASP B 545 26.62 16.36 -56.23
C ASP B 545 27.79 15.57 -55.65
N ARG B 546 28.97 16.18 -55.62
CA ARG B 546 30.25 15.55 -55.36
C ARG B 546 30.87 16.04 -54.05
N LYS B 547 30.70 17.31 -53.70
CA LYS B 547 31.43 17.86 -52.58
C LYS B 547 30.61 18.89 -51.79
N LEU B 548 31.02 19.03 -50.53
CA LEU B 548 30.63 20.14 -49.67
C LEU B 548 31.79 21.14 -49.67
N THR B 549 31.49 22.38 -50.06
CA THR B 549 32.45 23.45 -49.93
C THR B 549 32.02 24.32 -48.74
N ILE B 550 32.97 24.56 -47.84
CA ILE B 550 32.78 25.43 -46.69
C ILE B 550 33.66 26.65 -46.88
N THR B 551 33.08 27.86 -46.79
CA THR B 551 33.88 29.07 -46.85
C THR B 551 33.70 29.94 -45.61
N ASP B 552 34.82 30.57 -45.26
CA ASP B 552 34.87 31.68 -44.31
C ASP B 552 35.35 32.93 -45.04
N SER B 553 34.61 34.04 -44.92
CA SER B 553 35.02 35.33 -45.48
C SER B 553 34.86 36.38 -44.38
N TYR B 554 35.98 37.02 -44.01
CA TYR B 554 35.97 37.85 -42.81
C TYR B 554 36.63 39.22 -43.07
N THR B 555 36.12 40.19 -42.29
CA THR B 555 36.74 41.49 -42.08
C THR B 555 36.84 41.74 -40.57
N LEU B 556 38.06 42.01 -40.09
CA LEU B 556 38.28 42.29 -38.68
C LEU B 556 38.45 43.80 -38.51
N GLU B 557 38.09 44.31 -37.33
CA GLU B 557 38.43 45.68 -36.95
C GLU B 557 39.95 45.79 -36.78
N GLU B 558 40.55 44.73 -36.26
CA GLU B 558 41.96 44.68 -35.94
C GLU B 558 42.40 43.21 -35.86
N ALA B 559 43.54 42.87 -36.46
CA ALA B 559 44.11 41.54 -36.37
C ALA B 559 44.95 41.44 -35.09
N VAL B 560 44.41 40.80 -34.06
CA VAL B 560 45.03 40.75 -32.73
C VAL B 560 45.82 39.46 -32.58
N ALA B 561 45.17 38.33 -32.91
CA ALA B 561 45.67 36.99 -32.72
C ALA B 561 45.21 36.12 -33.90
N PRO B 562 45.95 35.04 -34.28
CA PRO B 562 45.58 34.26 -35.46
C PRO B 562 44.21 33.62 -35.26
N ASN B 563 43.44 33.51 -36.34
CA ASN B 563 42.20 32.77 -36.28
C ASN B 563 42.54 31.30 -36.08
N GLN B 564 41.61 30.58 -35.48
CA GLN B 564 41.67 29.13 -35.45
C GLN B 564 40.35 28.54 -35.94
N VAL B 565 40.42 27.47 -36.72
CA VAL B 565 39.24 26.78 -37.20
C VAL B 565 39.24 25.33 -36.72
N ASN B 566 38.10 24.87 -36.17
CA ASN B 566 37.99 23.54 -35.61
C ASN B 566 36.95 22.70 -36.38
N PHE B 567 37.22 21.40 -36.48
CA PHE B 567 36.27 20.40 -36.94
C PHE B 567 36.25 19.22 -35.95
N MET B 568 35.06 18.68 -35.69
CA MET B 568 34.86 17.52 -34.83
C MET B 568 34.61 16.28 -35.67
N THR B 569 35.28 15.16 -35.33
CA THR B 569 35.08 13.93 -36.06
C THR B 569 35.36 12.72 -35.17
N TRP B 570 35.37 11.55 -35.81
CA TRP B 570 35.64 10.29 -35.11
C TRP B 570 36.08 9.26 -36.14
N GLY B 571 36.36 8.03 -35.67
CA GLY B 571 36.90 6.96 -36.49
C GLY B 571 38.40 7.11 -36.67
N ASN B 572 38.87 6.82 -37.90
CA ASN B 572 40.27 6.76 -38.22
C ASN B 572 40.69 7.97 -39.06
N VAL B 573 41.38 8.91 -38.39
CA VAL B 573 41.72 10.19 -39.00
C VAL B 573 43.22 10.21 -39.30
N THR B 574 43.56 10.45 -40.56
CA THR B 574 44.94 10.57 -40.99
C THR B 574 45.20 11.89 -41.70
N PHE B 575 46.50 12.15 -41.90
CA PHE B 575 47.01 13.39 -42.49
C PHE B 575 48.00 13.00 -43.58
N PRO B 576 47.54 12.53 -44.76
CA PRO B 576 48.44 12.04 -45.79
C PRO B 576 49.41 13.07 -46.39
N SER B 577 49.06 14.37 -46.35
CA SER B 577 49.89 15.43 -46.90
C SER B 577 49.36 16.80 -46.48
N GLN B 578 50.16 17.85 -46.74
CA GLN B 578 49.81 19.20 -46.35
C GLN B 578 48.55 19.57 -47.11
N GLY B 579 47.59 20.10 -46.35
CA GLY B 579 46.31 20.53 -46.90
C GLY B 579 45.29 19.39 -46.97
N LYS B 580 45.64 18.18 -46.50
CA LYS B 580 44.74 17.03 -46.60
C LYS B 580 44.58 16.30 -45.29
N ILE B 581 43.31 15.99 -45.01
CA ILE B 581 42.90 15.13 -43.91
C ILE B 581 42.01 14.04 -44.49
N GLN B 582 42.21 12.79 -44.03
CA GLN B 582 41.37 11.68 -44.44
C GLN B 582 40.66 11.15 -43.21
N ILE B 583 39.36 10.83 -43.38
CA ILE B 583 38.53 10.31 -42.32
C ILE B 583 37.88 9.02 -42.81
N GLU B 584 38.09 7.94 -42.04
CA GLU B 584 37.56 6.63 -42.38
C GLU B 584 36.74 6.19 -41.20
N VAL B 585 35.42 6.05 -41.39
CA VAL B 585 34.59 5.75 -40.25
C VAL B 585 33.35 4.98 -40.73
N LYS B 586 33.08 3.86 -40.05
CA LYS B 586 31.99 2.94 -40.33
C LYS B 586 31.76 2.76 -41.83
N GLY B 587 32.83 2.46 -42.56
CA GLY B 587 32.73 2.07 -43.96
C GLY B 587 32.76 3.27 -44.91
N GLN B 588 32.79 4.49 -44.37
CA GLN B 588 32.79 5.69 -45.21
C GLN B 588 34.20 6.26 -45.26
N LYS B 589 34.50 6.95 -46.36
CA LYS B 589 35.81 7.56 -46.52
C LYS B 589 35.70 8.93 -47.20
N VAL B 590 36.19 9.97 -46.50
CA VAL B 590 36.20 11.32 -47.06
C VAL B 590 37.60 11.93 -46.93
N GLU B 591 37.81 12.97 -47.74
CA GLU B 591 38.95 13.84 -47.66
C GLU B 591 38.45 15.24 -47.32
N LEU B 592 39.15 15.91 -46.39
CA LEU B 592 38.92 17.31 -46.08
C LEU B 592 40.17 18.08 -46.55
N ASP B 593 39.99 18.92 -47.57
N ASP B 593 40.00 18.92 -47.55
CA ASP B 593 41.03 19.79 -48.09
CA ASP B 593 41.06 19.76 -48.07
C ASP B 593 40.97 21.12 -47.37
C ASP B 593 40.98 21.12 -47.39
N TYR B 594 42.09 21.57 -46.81
CA TYR B 594 42.15 22.82 -46.06
C TYR B 594 43.32 23.69 -46.55
N PRO B 595 43.27 25.03 -46.35
CA PRO B 595 44.35 25.94 -46.76
C PRO B 595 45.72 25.59 -46.15
N THR B 596 46.79 25.65 -46.96
CA THR B 596 48.11 25.20 -46.52
C THR B 596 48.76 26.16 -45.52
N LEU B 597 48.24 27.38 -45.36
CA LEU B 597 48.71 28.27 -44.29
C LEU B 597 48.42 27.68 -42.90
N PHE B 598 47.54 26.68 -42.79
CA PHE B 598 47.19 26.15 -41.49
C PHE B 598 48.05 24.92 -41.18
N LYS B 599 48.32 24.75 -39.89
CA LYS B 599 48.87 23.50 -39.36
C LYS B 599 47.74 22.74 -38.68
N ALA B 600 47.50 21.51 -39.15
CA ALA B 600 46.43 20.66 -38.67
C ALA B 600 46.93 19.72 -37.57
N GLU B 601 46.23 19.63 -36.45
CA GLU B 601 46.57 18.71 -35.38
C GLU B 601 45.29 17.99 -34.94
N LEU B 602 45.42 16.75 -34.45
CA LEU B 602 44.28 15.97 -33.97
C LEU B 602 44.30 15.87 -32.46
N GLU B 603 43.27 16.37 -31.79
CA GLU B 603 43.16 16.30 -30.35
C GLU B 603 42.20 15.20 -29.96
N THR B 604 42.65 14.27 -29.10
CA THR B 604 41.81 13.17 -28.66
C THR B 604 40.97 13.62 -27.48
N ILE B 605 39.68 13.30 -27.53
CA ILE B 605 38.75 13.57 -26.46
C ILE B 605 38.20 12.25 -25.93
N GLN B 606 38.79 11.76 -24.83
CA GLN B 606 38.29 10.56 -24.17
C GLN B 606 36.91 10.87 -23.59
N LEU B 607 35.96 9.96 -23.81
CA LEU B 607 34.60 10.18 -23.37
C LEU B 607 34.34 9.26 -22.17
N ASP B 608 34.47 9.80 -20.95
CA ASP B 608 34.18 9.02 -19.73
C ASP B 608 32.69 9.07 -19.42
N ASP B 609 31.97 10.08 -19.94
CA ASP B 609 30.53 10.16 -19.74
C ASP B 609 29.82 9.12 -20.62
N PRO B 610 29.12 8.14 -20.03
CA PRO B 610 28.47 7.09 -20.81
C PRO B 610 27.39 7.57 -21.78
N ARG B 611 26.77 8.71 -21.50
CA ARG B 611 25.75 9.20 -22.41
C ARG B 611 26.39 9.57 -23.75
N LEU B 612 27.68 9.93 -23.74
CA LEU B 612 28.42 10.24 -24.96
C LEU B 612 29.08 8.97 -25.49
N SER B 613 29.72 8.18 -24.61
CA SER B 613 30.43 7.01 -25.07
C SER B 613 29.48 5.94 -25.63
N ASN B 614 28.23 5.89 -25.16
CA ASN B 614 27.25 4.98 -25.74
C ASN B 614 26.86 5.37 -27.17
N VAL B 615 27.09 6.62 -27.58
CA VAL B 615 26.84 7.06 -28.95
C VAL B 615 28.09 6.89 -29.81
N TRP B 616 29.21 7.43 -29.32
CA TRP B 616 30.39 7.59 -30.14
C TRP B 616 31.47 6.55 -29.88
N GLY B 617 31.33 5.77 -28.79
CA GLY B 617 32.45 4.96 -28.30
C GLY B 617 33.37 5.77 -27.40
N LYS B 618 34.63 5.35 -27.31
CA LYS B 618 35.48 5.72 -26.19
C LYS B 618 36.09 7.11 -26.36
N GLU B 619 36.23 7.56 -27.62
CA GLU B 619 36.82 8.86 -27.86
C GLU B 619 36.32 9.44 -29.20
N ILE B 620 36.38 10.77 -29.29
CA ILE B 620 36.19 11.50 -30.54
C ILE B 620 37.35 12.47 -30.66
N TYR B 621 37.40 13.24 -31.76
CA TYR B 621 38.54 14.08 -32.05
C TYR B 621 38.09 15.50 -32.35
N ARG B 622 38.92 16.46 -31.98
CA ARG B 622 38.84 17.80 -32.54
C ARG B 622 40.08 17.97 -33.40
N ILE B 623 39.84 18.21 -34.69
CA ILE B 623 40.88 18.73 -35.57
C ILE B 623 40.98 20.23 -35.34
N THR B 624 42.20 20.68 -35.00
CA THR B 624 42.52 22.11 -34.90
C THR B 624 43.33 22.53 -36.13
N LEU B 625 42.95 23.68 -36.69
CA LEU B 625 43.70 24.33 -37.75
C LEU B 625 44.22 25.66 -37.22
N LYS B 626 45.54 25.80 -37.15
CA LYS B 626 46.19 26.94 -36.51
C LYS B 626 47.18 27.54 -37.50
N THR B 627 47.51 28.84 -37.34
CA THR B 627 48.39 29.56 -38.24
C THR B 627 49.13 30.63 -37.44
N ASN B 628 50.24 31.10 -38.02
CA ASN B 628 50.94 32.28 -37.49
C ASN B 628 50.44 33.56 -38.17
N GLU B 629 49.84 33.41 -39.35
CA GLU B 629 49.34 34.55 -40.10
C GLU B 629 48.26 35.29 -39.33
N LYS B 630 48.21 36.59 -39.56
CA LYS B 630 47.20 37.45 -38.98
C LYS B 630 46.97 38.60 -39.97
N LYS B 631 45.73 38.75 -40.44
CA LYS B 631 45.40 39.76 -41.44
C LYS B 631 43.99 40.27 -41.15
N GLU B 632 43.70 41.52 -41.54
CA GLU B 632 42.41 42.11 -41.17
C GLU B 632 41.31 41.56 -42.08
N THR B 633 41.68 41.17 -43.30
CA THR B 633 40.70 40.70 -44.28
C THR B 633 41.23 39.41 -44.90
N GLY B 634 40.39 38.37 -44.95
CA GLY B 634 40.81 37.15 -45.57
C GLY B 634 39.66 36.17 -45.72
N ASN B 635 39.98 35.00 -46.27
CA ASN B 635 38.99 33.96 -46.47
C ASN B 635 39.68 32.60 -46.50
N TYR B 636 38.89 31.58 -46.15
CA TYR B 636 39.32 30.19 -46.14
C TYR B 636 38.30 29.39 -46.94
N LYS B 637 38.79 28.42 -47.68
CA LYS B 637 37.93 27.47 -48.37
C LYS B 637 38.32 26.08 -47.88
N PHE B 638 37.30 25.26 -47.57
CA PHE B 638 37.52 23.88 -47.19
C PHE B 638 36.59 23.05 -48.06
N VAL B 639 37.08 21.88 -48.50
CA VAL B 639 36.31 21.05 -49.40
C VAL B 639 36.31 19.63 -48.81
N ILE B 640 35.10 19.05 -48.70
CA ILE B 640 34.95 17.68 -48.20
C ILE B 640 34.26 16.85 -49.27
N GLN B 641 34.90 15.76 -49.69
CA GLN B 641 34.29 14.82 -50.61
C GLN B 641 34.67 13.39 -50.28
N GLN B 642 33.86 12.44 -50.75
CA GLN B 642 34.16 11.03 -50.66
C GLN B 642 35.27 10.70 -51.66
N ILE B 643 36.16 9.75 -51.32
CA ILE B 643 37.24 9.32 -52.22
C ILE B 643 37.29 7.78 -52.27
C1 NAG C . -19.39 -13.08 15.59
C2 NAG C . -18.01 -12.39 15.53
C3 NAG C . -17.21 -12.70 16.81
C4 NAG C . -18.04 -12.25 18.03
C5 NAG C . -19.43 -12.91 18.06
C6 NAG C . -20.36 -12.27 19.11
C7 NAG C . -17.20 -11.96 13.28
C8 NAG C . -16.46 -12.43 12.05
N2 NAG C . -17.27 -12.83 14.30
O1 NAG C . -20.27 -12.74 14.49
O3 NAG C . -15.95 -11.99 16.84
O4 NAG C . -17.34 -12.67 19.19
O5 NAG C . -20.06 -12.68 16.80
O6 NAG C . -21.55 -13.09 19.24
O7 NAG C . -17.74 -10.84 13.33
H1 NAG C . -19.22 -14.17 15.61
H2 NAG C . -18.18 -11.30 15.52
H3 NAG C . -17.04 -13.79 16.87
H4 NAG C . -18.15 -11.16 18.01
H5 NAG C . -19.33 -13.97 18.27
H61 NAG C . -20.64 -11.25 18.80
H62 NAG C . -19.86 -12.20 20.08
H81 NAG C . -15.51 -12.81 12.33
H82 NAG C . -17.01 -13.20 11.57
H83 NAG C . -16.33 -11.62 11.39
HO4 NAG C . -17.81 -12.32 19.98
HO6 NAG C . -22.13 -12.54 19.91
C1 BDP C . -14.73 -12.74 16.76
C2 BDP C . -13.74 -12.00 15.80
C3 BDP C . -12.26 -12.38 15.97
C4 BDP C . -11.89 -12.65 17.44
C5 BDP C . -12.96 -13.44 18.24
C6 BDP C . -12.49 -13.48 19.69
O2 BDP C . -14.19 -12.10 14.42
O3 BDP C . -11.43 -11.32 15.40
O4 BDP C . -10.59 -13.32 17.57
O5 BDP C . -14.28 -12.84 18.12
O6A BDP C . -12.00 -14.58 20.06
O6B BDP C . -12.46 -12.44 20.43
H1 BDP C . -14.92 -13.74 16.36
H2 BDP C . -13.80 -10.94 16.09
H3 BDP C . -12.09 -13.31 15.41
H4 BDP C . -11.82 -11.67 17.92
H5 BDP C . -13.01 -14.47 17.85
HO2 BDP C . -15.12 -11.87 14.36
HO3 BDP C . -11.67 -11.14 14.47
C1 NAG C . -9.49 -12.41 17.89
C2 NAG C . -8.17 -13.19 18.09
C3 NAG C . -7.02 -12.28 18.56
C4 NAG C . -6.85 -11.08 17.58
C5 NAG C . -8.19 -10.41 17.17
C6 NAG C . -8.00 -9.40 15.99
C7 NAG C . -8.73 -15.54 18.68
C8 NAG C . -8.86 -15.97 17.42
N2 NAG C . -8.40 -14.29 19.05
O3 NAG C . -5.83 -13.11 18.71
O4 NAG C . -5.98 -10.08 18.19
O5 NAG C . -9.23 -11.41 16.86
O6 NAG C . -7.52 -10.01 14.77
O7 NAG C . -8.95 -16.37 19.68
H1 NAG C . -9.72 -11.90 18.84
H2 NAG C . -7.85 -13.59 17.12
H3 NAG C . -7.29 -11.87 19.55
H4 NAG C . -6.36 -11.46 16.68
H5 NAG C . -8.54 -9.82 18.03
H61 NAG C . -7.30 -8.62 16.29
H62 NAG C . -8.96 -8.92 15.78
H81 NAG C . -8.72 -15.31 16.58
H82 NAG C . -9.13 -17.00 17.25
HO4 NAG C . -5.91 -9.33 17.62
HO6 NAG C . -7.43 -9.36 14.08
C1 NAG D . 12.21 22.28 -15.06
C2 NAG D . 11.32 21.03 -15.04
C3 NAG D . 11.29 20.40 -16.44
C4 NAG D . 10.78 21.55 -17.34
C5 NAG D . 11.76 22.72 -17.30
C6 NAG D . 11.41 23.79 -18.33
C7 NAG D . 11.24 19.99 -12.82
C8 NAG D . 11.87 19.04 -11.88
N2 NAG D . 11.84 20.09 -14.03
O1 NAG D . 12.23 22.87 -13.78
O3 NAG D . 10.42 19.25 -16.49
O4 NAG D . 10.66 21.14 -18.68
O5 NAG D . 11.72 23.26 -15.99
O6 NAG D . 12.15 24.98 -18.11
O7 NAG D . 10.22 20.63 -12.48
H1 NAG D . 13.24 21.98 -15.33
H2 NAG D . 10.30 21.33 -14.80
H3 NAG D . 12.31 20.14 -16.75
H4 NAG D . 9.80 21.89 -16.96
H5 NAG D . 12.77 22.34 -17.53
H61 NAG D . 10.34 24.00 -18.28
H62 NAG D . 11.63 23.41 -19.33
H81 NAG D . 11.91 18.08 -12.31
H82 NAG D . 11.32 19.01 -10.98
H83 NAG D . 12.86 19.37 -11.67
HO4 NAG D . 10.27 21.85 -19.21
HO6 NAG D . 11.83 25.64 -18.81
C1 BDP D . 10.98 17.98 -16.82
C2 BDP D . 10.32 16.91 -15.91
C3 BDP D . 10.58 15.47 -16.39
C4 BDP D . 10.46 15.38 -17.94
C5 BDP D . 11.13 16.55 -18.69
C6 BDP D . 10.83 16.45 -20.16
O2 BDP D . 10.77 17.11 -14.55
O3 BDP D . 9.60 14.58 -15.77
O4 BDP D . 10.96 14.14 -18.48
O5 BDP D . 10.72 17.82 -18.23
O6A BDP D . 11.71 15.88 -20.83
O6B BDP D . 9.76 16.87 -20.64
H1 BDP D . 12.07 17.98 -16.65
H2 BDP D . 9.24 17.06 -15.95
H3 BDP D . 11.59 15.18 -16.10
H4 BDP D . 9.38 15.46 -18.17
H5 BDP D . 12.23 16.45 -18.55
HO2 BDP D . 10.62 18.02 -14.28
HO3 BDP D . 9.66 14.63 -14.80
C1 NAG D . 9.94 13.22 -18.93
C2 NAG D . 10.57 11.93 -19.48
C3 NAG D . 9.45 11.01 -20.02
C4 NAG D . 8.54 10.65 -18.84
C5 NAG D . 8.02 11.96 -18.19
C6 NAG D . 7.01 11.80 -17.02
C7 NAG D . 12.89 12.03 -20.46
C8 NAG D . 13.45 11.34 -19.48
N2 NAG D . 11.56 12.31 -20.49
O3 NAG D . 9.93 9.82 -20.68
O4 NAG D . 7.43 9.83 -19.28
O5 NAG D . 9.12 12.82 -17.81
O6 NAG D . 7.58 11.12 -15.91
O7 NAG D . 13.64 12.46 -21.46
H1 NAG D . 9.33 13.68 -19.71
H2 NAG D . 11.03 11.40 -18.63
H3 NAG D . 8.85 11.60 -20.74
H4 NAG D . 9.13 10.11 -18.09
H5 NAG D . 7.47 12.50 -18.97
H61 NAG D . 6.14 11.26 -17.38
H62 NAG D . 6.68 12.78 -16.70
H81 NAG D . 14.52 11.15 -19.53
H82 NAG D . 12.90 10.97 -18.64
HO4 NAG D . 6.92 9.64 -18.50
HO6 NAG D . 6.81 11.09 -15.31
C12 P4K E . -11.28 -14.52 43.87
O7 P4K E . -11.53 -15.24 45.06
C13 P4K E . -12.41 -16.35 44.88
C14 P4K E . -13.81 -15.91 45.02
O8 P4K E . -14.71 -16.91 44.55
C15 P4K E . -16.04 -16.42 44.33
C16 P4K E . -16.46 -15.66 45.51
C17 P4K E . -18.38 -14.79 46.58
C18 P4K E . -17.73 -13.57 47.16
O10 P4K E . -17.22 -13.89 48.45
O9 P4K E . -17.77 -15.11 45.33
H24 P4K E . -10.72 -13.73 44.02
H25 P4K E . -12.11 -14.42 43.36
H26 P4K E . -12.22 -17.04 45.55
H27 P4K E . -12.28 -16.75 43.99
H28 P4K E . -13.95 -15.08 44.50
H29 P4K E . -13.99 -15.71 45.96
H30 P4K E . -16.65 -17.18 44.18
H31 P4K E . -16.05 -15.85 43.54
H32 P4K E . -15.84 -14.93 45.66
H33 P4K E . -16.46 -16.24 46.29
H34 P4K E . -19.33 -14.61 46.45
H35 P4K E . -18.29 -15.54 47.20
H36 P4K E . -18.38 -12.85 47.23
H37 P4K E . -17.01 -13.27 46.58
ZN ZN F . -17.22 -30.48 27.98
O8 P4K G . 6.87 27.00 -45.53
C15 P4K G . 8.06 27.63 -45.05
C16 P4K G . 8.63 26.82 -43.94
C17 P4K G . 9.57 24.71 -43.45
C18 P4K G . 9.94 23.40 -44.09
C19 P4K G . 9.00 21.37 -44.93
C20 P4K G . 7.73 20.57 -45.01
O10 P4K G . 8.76 22.67 -44.41
O11 P4K G . 7.36 20.16 -43.68
O9 P4K G . 8.81 25.47 -44.38
H30 P4K G . 7.86 28.53 -44.73
H31 P4K G . 8.71 27.70 -45.79
H32 P4K G . 8.03 26.83 -43.17
H33 P4K G . 9.50 27.19 -43.66
H34 P4K G . 10.39 25.19 -43.20
H35 P4K G . 9.05 24.55 -42.63
H36 P4K G . 10.49 22.87 -43.46
H37 P4K G . 10.47 23.55 -44.90
H38 P4K G . 9.39 21.46 -45.84
H39 P4K G . 9.66 20.91 -44.37
H40 P4K G . 7.86 19.78 -45.57
H41 P4K G . 7.01 21.11 -45.40
ZN ZN H . 26.44 20.89 -30.11
#